data_7YVB
#
_entry.id   7YVB
#
_cell.length_a   1.00
_cell.length_b   1.00
_cell.length_c   1.00
_cell.angle_alpha   90.00
_cell.angle_beta   90.00
_cell.angle_gamma   90.00
#
_symmetry.space_group_name_H-M   'P 1'
#
loop_
_entity.id
_entity.type
_entity.pdbx_description
1 polymer 'FMRFamide-gated Na+ channel'
2 polymer 'Phe-Met-Arg-Phe-amide, PHENYLALANINE AMIDE'
3 branched 2-acetamido-2-deoxy-beta-D-glucopyranose-(1-4)-2-acetamido-2-deoxy-beta-D-glucopyranose
4 non-polymer 2-acetamido-2-deoxy-beta-D-glucopyranose
#
loop_
_entity_poly.entity_id
_entity_poly.type
_entity_poly.pdbx_seq_one_letter_code
_entity_poly.pdbx_strand_id
1 'polypeptide(L)'
;MLGRGERIKPYHFRDSSADHMKYTSVSAKSGMVPEHRYTMVRSRHHGRHHHHHSYQEYNTQRSAISLIAELGSESNAHGL
AKIVTSRDTKRKVIWALMVIIGFTAATLQLSLLVRKYLQFQVVELSEIKDSMPVEYPSVTICNIEPISLRKIRKAYNKNE
SQNLKDWLNFTQTFHFKDMSFMNSIRAFYENLGSDAKKISHDLRDLLIHCRFNREECTTENFTSSFDGNYFNCFTFNGGQ
LRDQLQMHATGPENGLSLIISIEKDEPLPGTYGVYNFENNILHSAGVRVVVHAPGSMPSPVDHGFDIPPGYSSSVGLKAL
LHTRLSEPYGNCTEDSLEGIQTYRNTFFACLQLCKQRRLIRECKCKSSALPDLSVENITFCGVIPDWKDIRRNVTGEYKM
NQTIPTISLACEARVQKQLNNDRSYETECGCYQPCSETSYLKSVSLSYWPLEFYQLSALERFFSQKNPTDQQHFMKIAQD
FLSRLAHPQQQALARNNSHDKDILTTSYSLSEKEMAKEASDLIRQNLLRLNIYLEDLSVVEYRQLPAYGLADLFADIGGT
LGLWMGISVLTIMELMELIIRLFALIFNAEREVPKAPVHSSNNGGGGGGDGQHNFANGDVEHERDTHFPDLGSSDFDFRR
GGGIGAESPVNVEGGSSGGLVPRGSGGSSGGHHHHHHHH
;
A,B,C
2 'polypeptide(L)' FMRF(NH2) P,Q,R
#
# COMPACT_ATOMS: atom_id res chain seq x y z
N ARG A 91 -76.36 6.07 10.33
CA ARG A 91 -75.24 6.14 9.39
C ARG A 91 -73.95 6.53 10.10
N LYS A 92 -74.09 7.17 11.27
CA LYS A 92 -72.94 7.64 12.02
C LYS A 92 -72.12 6.49 12.61
N VAL A 93 -72.67 5.28 12.66
CA VAL A 93 -71.91 4.14 13.16
C VAL A 93 -70.74 3.83 12.23
N ILE A 94 -70.98 3.83 10.93
CA ILE A 94 -69.91 3.62 9.96
C ILE A 94 -68.88 4.75 10.08
N TRP A 95 -69.36 5.97 10.26
CA TRP A 95 -68.46 7.11 10.44
C TRP A 95 -67.55 6.89 11.64
N ALA A 96 -68.12 6.52 12.78
CA ALA A 96 -67.32 6.31 13.98
C ALA A 96 -66.33 5.17 13.80
N LEU A 97 -66.76 4.07 13.19
CA LEU A 97 -65.87 2.92 13.03
C LEU A 97 -64.70 3.26 12.11
N MET A 98 -64.97 3.91 10.98
CA MET A 98 -63.88 4.23 10.06
C MET A 98 -62.96 5.29 10.66
N VAL A 99 -63.51 6.24 11.41
CA VAL A 99 -62.68 7.24 12.06
C VAL A 99 -61.78 6.58 13.11
N ILE A 100 -62.33 5.63 13.87
CA ILE A 100 -61.54 4.92 14.88
C ILE A 100 -60.42 4.13 14.21
N ILE A 101 -60.73 3.44 13.12
CA ILE A 101 -59.71 2.65 12.43
C ILE A 101 -58.61 3.56 11.89
N GLY A 102 -59.01 4.67 11.26
CA GLY A 102 -58.02 5.61 10.75
C GLY A 102 -57.17 6.22 11.85
N PHE A 103 -57.80 6.55 12.99
CA PHE A 103 -57.06 7.10 14.11
C PHE A 103 -56.05 6.11 14.65
N THR A 104 -56.46 4.84 14.81
CA THR A 104 -55.53 3.82 15.29
C THR A 104 -54.39 3.64 14.32
N ALA A 105 -54.68 3.61 13.01
CA ALA A 105 -53.61 3.46 12.03
C ALA A 105 -52.64 4.63 12.09
N ALA A 106 -53.18 5.86 12.12
CA ALA A 106 -52.32 7.04 12.12
C ALA A 106 -51.48 7.13 13.39
N THR A 107 -52.07 6.83 14.55
CA THR A 107 -51.31 6.93 15.78
C THR A 107 -50.31 5.79 15.93
N LEU A 108 -50.61 4.61 15.37
CA LEU A 108 -49.60 3.55 15.36
C LEU A 108 -48.45 3.92 14.43
N GLN A 109 -48.75 4.57 13.31
CA GLN A 109 -47.70 5.06 12.43
C GLN A 109 -46.84 6.11 13.12
N LEU A 110 -47.48 7.05 13.83
CA LEU A 110 -46.73 8.07 14.56
C LEU A 110 -45.90 7.46 15.67
N SER A 111 -46.43 6.45 16.36
CA SER A 111 -45.67 5.76 17.39
C SER A 111 -44.48 5.03 16.79
N LEU A 112 -44.66 4.43 15.61
CA LEU A 112 -43.55 3.78 14.94
C LEU A 112 -42.46 4.78 14.59
N LEU A 113 -42.86 5.97 14.11
CA LEU A 113 -41.87 6.99 13.78
C LEU A 113 -41.12 7.47 15.02
N VAL A 114 -41.86 7.77 16.10
CA VAL A 114 -41.19 8.28 17.29
C VAL A 114 -40.34 7.19 17.93
N ARG A 115 -40.71 5.91 17.73
CA ARG A 115 -39.85 4.82 18.18
C ARG A 115 -38.58 4.76 17.35
N LYS A 116 -38.71 4.90 16.03
CA LYS A 116 -37.53 4.94 15.17
C LYS A 116 -36.59 6.06 15.60
N TYR A 117 -37.14 7.20 15.99
CA TYR A 117 -36.31 8.27 16.52
C TYR A 117 -35.74 7.91 17.88
N LEU A 118 -36.47 7.14 18.67
CA LEU A 118 -36.03 6.82 20.04
C LEU A 118 -34.75 5.98 20.01
N GLN A 119 -34.65 5.05 19.08
CA GLN A 119 -33.39 4.36 18.83
C GLN A 119 -32.51 5.29 18.02
N PHE A 120 -31.59 5.96 18.70
CA PHE A 120 -30.78 7.01 18.07
C PHE A 120 -29.75 6.35 17.16
N GLN A 121 -30.23 5.93 15.99
CA GLN A 121 -29.35 5.35 14.99
C GLN A 121 -28.47 6.43 14.37
N VAL A 122 -27.32 6.00 13.85
CA VAL A 122 -26.41 6.88 13.13
C VAL A 122 -26.01 6.20 11.83
N VAL A 123 -25.60 7.02 10.87
CA VAL A 123 -25.12 6.54 9.58
C VAL A 123 -23.85 7.31 9.23
N GLU A 124 -22.85 6.60 8.71
CA GLU A 124 -21.61 7.23 8.31
C GLU A 124 -21.74 7.67 6.85
N LEU A 125 -21.57 8.96 6.60
CA LEU A 125 -21.60 9.53 5.26
C LEU A 125 -20.19 9.93 4.87
N SER A 126 -19.72 9.43 3.74
CA SER A 126 -18.38 9.73 3.26
C SER A 126 -18.46 10.75 2.15
N GLU A 127 -17.71 11.84 2.29
CA GLU A 127 -17.62 12.84 1.23
C GLU A 127 -16.19 13.33 1.12
N ILE A 128 -15.78 13.66 -0.10
CA ILE A 128 -14.44 14.14 -0.37
C ILE A 128 -14.47 15.66 -0.33
N LYS A 129 -13.89 16.24 0.73
CA LYS A 129 -13.79 17.69 0.87
C LYS A 129 -12.46 18.14 0.29
N ASP A 130 -12.51 18.90 -0.79
CA ASP A 130 -11.31 19.35 -1.48
C ASP A 130 -10.87 20.74 -1.08
N SER A 131 -11.57 21.39 -0.15
CA SER A 131 -11.24 22.75 0.25
C SER A 131 -10.82 22.89 1.71
N MET A 132 -11.10 21.91 2.55
CA MET A 132 -10.73 22.04 3.96
C MET A 132 -9.22 21.90 4.12
N PRO A 133 -8.61 22.65 5.03
CA PRO A 133 -7.15 22.57 5.20
C PRO A 133 -6.76 21.23 5.81
N VAL A 134 -5.71 20.64 5.26
CA VAL A 134 -5.24 19.34 5.69
C VAL A 134 -4.17 19.53 6.75
N GLU A 135 -4.33 18.82 7.87
CA GLU A 135 -3.38 18.90 8.97
C GLU A 135 -2.29 17.87 8.75
N TYR A 136 -1.05 18.34 8.61
CA TYR A 136 0.05 17.41 8.38
C TYR A 136 0.19 16.50 9.59
N PRO A 137 0.40 15.20 9.38
CA PRO A 137 0.43 14.26 10.50
C PRO A 137 1.62 14.46 11.43
N SER A 138 1.67 13.63 12.46
CA SER A 138 2.82 13.55 13.34
C SER A 138 3.62 12.33 12.95
N VAL A 139 4.91 12.51 12.74
CA VAL A 139 5.77 11.47 12.18
C VAL A 139 6.79 11.09 13.23
N THR A 140 6.71 9.86 13.73
CA THR A 140 7.64 9.35 14.72
C THR A 140 8.59 8.39 14.04
N ILE A 141 9.87 8.74 14.00
CA ILE A 141 10.90 7.88 13.44
C ILE A 141 11.65 7.23 14.58
N CYS A 142 11.86 5.92 14.47
CA CYS A 142 12.55 5.13 15.46
C CYS A 142 13.62 4.37 14.71
N ASN A 143 14.71 4.03 15.38
CA ASN A 143 15.69 3.17 14.75
C ASN A 143 15.34 1.72 15.11
N ILE A 144 15.19 0.88 14.08
CA ILE A 144 14.75 -0.50 14.32
C ILE A 144 15.74 -1.22 15.21
N GLU A 145 17.03 -0.90 15.08
CA GLU A 145 18.02 -1.39 16.03
C GLU A 145 18.10 -0.40 17.18
N PRO A 146 17.67 -0.77 18.37
CA PRO A 146 17.60 0.21 19.46
C PRO A 146 18.98 0.68 19.91
N ILE A 147 19.86 -0.27 20.17
CA ILE A 147 21.20 0.06 20.62
C ILE A 147 22.06 0.48 19.43
N SER A 148 23.15 1.16 19.73
CA SER A 148 24.13 1.55 18.72
C SER A 148 25.44 0.84 19.04
N LEU A 149 25.95 0.08 18.08
CA LEU A 149 27.18 -0.65 18.30
C LEU A 149 28.37 0.29 18.48
N ARG A 150 28.29 1.50 17.91
CA ARG A 150 29.38 2.46 18.05
C ARG A 150 29.54 2.89 19.51
N LYS A 151 28.43 3.27 20.15
CA LYS A 151 28.51 3.68 21.55
C LYS A 151 28.92 2.52 22.44
N ILE A 152 28.48 1.31 22.09
CA ILE A 152 28.87 0.12 22.83
C ILE A 152 30.37 -0.09 22.77
N ARG A 153 30.94 0.00 21.56
CA ARG A 153 32.38 -0.17 21.38
C ARG A 153 33.14 0.93 22.11
N LYS A 154 32.65 2.17 22.03
CA LYS A 154 33.27 3.26 22.76
C LYS A 154 33.29 2.98 24.26
N ALA A 155 32.17 2.45 24.77
CA ALA A 155 32.09 2.13 26.20
C ALA A 155 33.10 1.07 26.60
N TYR A 156 33.22 0.00 25.80
CA TYR A 156 34.25 -1.00 26.12
C TYR A 156 35.66 -0.43 26.05
N ASN A 157 35.94 0.44 25.07
CA ASN A 157 37.27 1.05 25.01
C ASN A 157 37.53 1.90 26.25
N LYS A 158 36.49 2.48 26.84
CA LYS A 158 36.58 3.15 28.12
C LYS A 158 36.24 2.15 29.23
N ASN A 159 36.02 2.66 30.45
CA ASN A 159 35.71 1.80 31.59
C ASN A 159 34.40 2.19 32.26
N GLU A 160 33.42 2.64 31.49
CA GLU A 160 32.09 2.93 32.01
C GLU A 160 31.06 1.92 31.55
N SER A 161 31.48 0.85 30.87
CA SER A 161 30.59 -0.20 30.42
C SER A 161 30.45 -1.32 31.44
N GLN A 162 31.05 -1.16 32.63
CA GLN A 162 31.10 -2.24 33.61
C GLN A 162 29.72 -2.80 33.89
N ASN A 163 28.74 -1.92 34.11
CA ASN A 163 27.38 -2.38 34.35
C ASN A 163 26.92 -3.31 33.24
N LEU A 164 27.06 -2.87 31.99
CA LEU A 164 26.74 -3.73 30.86
C LEU A 164 27.57 -5.02 30.93
N LYS A 165 28.88 -4.88 31.14
CA LYS A 165 29.72 -6.06 31.24
C LYS A 165 29.27 -6.95 32.39
N ASP A 166 28.76 -6.34 33.46
CA ASP A 166 28.16 -7.14 34.54
C ASP A 166 26.86 -7.75 34.08
N TRP A 167 25.99 -6.94 33.46
CA TRP A 167 24.65 -7.38 33.12
C TRP A 167 24.69 -8.60 32.21
N LEU A 168 25.44 -8.52 31.12
CA LEU A 168 25.64 -9.68 30.27
C LEU A 168 26.14 -10.85 31.10
N ASN A 169 27.20 -10.62 31.88
CA ASN A 169 27.77 -11.68 32.69
C ASN A 169 26.75 -12.27 33.64
N PHE A 170 25.72 -11.50 33.96
CA PHE A 170 24.66 -12.00 34.85
C PHE A 170 23.60 -12.74 34.07
N THR A 171 23.09 -12.13 33.02
CA THR A 171 22.01 -12.75 32.25
C THR A 171 22.44 -14.03 31.54
N GLN A 172 23.74 -14.24 31.39
CA GLN A 172 24.21 -15.41 30.68
C GLN A 172 24.85 -16.44 31.61
N THR A 173 24.75 -16.23 32.91
CA THR A 173 25.30 -17.19 33.87
C THR A 173 24.20 -17.89 34.66
N PHE A 174 23.14 -17.16 34.98
CA PHE A 174 22.04 -17.73 35.74
C PHE A 174 20.91 -18.13 34.81
N HIS A 175 20.15 -19.15 35.19
CA HIS A 175 19.02 -19.56 34.38
C HIS A 175 17.81 -18.72 34.72
N PHE A 176 17.09 -18.26 33.70
CA PHE A 176 15.89 -17.47 33.93
C PHE A 176 14.75 -17.99 33.08
N LYS A 177 13.53 -17.91 33.61
CA LYS A 177 12.38 -18.30 32.81
C LYS A 177 12.25 -17.26 31.72
N ASP A 178 11.62 -17.62 30.60
CA ASP A 178 11.53 -16.68 29.49
C ASP A 178 12.93 -16.21 29.20
N MET A 179 13.81 -17.11 29.07
CA MET A 179 15.21 -16.82 28.82
C MET A 179 15.37 -15.90 27.61
N SER A 180 14.45 -16.00 26.65
CA SER A 180 14.51 -15.14 25.47
C SER A 180 14.25 -13.68 25.82
N PHE A 181 13.45 -13.43 26.86
CA PHE A 181 13.17 -12.04 27.23
C PHE A 181 14.41 -11.36 27.79
N MET A 182 15.10 -11.99 28.73
CA MET A 182 16.26 -11.36 29.33
C MET A 182 17.56 -11.71 28.64
N ASN A 183 17.51 -12.42 27.52
CA ASN A 183 18.58 -12.37 26.55
C ASN A 183 18.34 -11.29 25.50
N SER A 184 17.34 -10.44 25.70
CA SER A 184 17.00 -9.40 24.76
C SER A 184 17.47 -8.04 25.27
N ILE A 185 17.15 -7.00 24.51
CA ILE A 185 17.58 -5.65 24.86
C ILE A 185 16.55 -4.94 25.74
N ARG A 186 15.28 -5.34 25.67
CA ARG A 186 14.26 -4.74 26.53
C ARG A 186 14.56 -4.99 28.00
N ALA A 187 15.00 -6.20 28.33
CA ALA A 187 15.38 -6.49 29.72
C ALA A 187 16.59 -5.67 30.12
N PHE A 188 17.53 -5.47 29.21
CA PHE A 188 18.67 -4.61 29.48
C PHE A 188 18.21 -3.20 29.81
N TYR A 189 17.22 -2.70 29.07
CA TYR A 189 16.65 -1.38 29.38
C TYR A 189 15.99 -1.39 30.75
N GLU A 190 15.19 -2.40 31.03
CA GLU A 190 14.38 -2.39 32.25
C GLU A 190 15.26 -2.50 33.49
N ASN A 191 16.25 -3.38 33.48
CA ASN A 191 17.00 -3.63 34.70
C ASN A 191 18.11 -2.61 34.93
N LEU A 192 18.48 -1.87 33.90
CA LEU A 192 19.39 -0.73 34.07
C LEU A 192 19.09 0.27 32.96
N GLY A 193 18.26 1.26 33.29
CA GLY A 193 17.77 2.21 32.31
C GLY A 193 18.77 3.24 31.83
N SER A 194 19.58 3.77 32.75
CA SER A 194 20.51 4.83 32.39
C SER A 194 21.52 4.36 31.35
N ASP A 195 22.04 3.15 31.52
CA ASP A 195 22.99 2.62 30.55
C ASP A 195 22.30 2.38 29.21
N ALA A 196 21.04 1.95 29.23
CA ALA A 196 20.30 1.78 27.99
C ALA A 196 20.14 3.11 27.26
N LYS A 197 19.85 4.18 28.00
CA LYS A 197 19.80 5.51 27.38
C LYS A 197 21.15 5.88 26.81
N LYS A 198 22.23 5.62 27.55
CA LYS A 198 23.57 5.96 27.09
C LYS A 198 23.97 5.15 25.88
N ILE A 199 23.31 4.03 25.61
CA ILE A 199 23.67 3.17 24.48
C ILE A 199 22.77 3.47 23.29
N SER A 200 21.56 3.96 23.55
CA SER A 200 20.59 4.16 22.49
C SER A 200 21.05 5.23 21.51
N HIS A 201 20.33 5.34 20.40
CA HIS A 201 20.68 6.26 19.32
C HIS A 201 20.27 7.69 19.64
N ASP A 202 21.04 8.65 19.13
CA ASP A 202 20.75 10.07 19.24
C ASP A 202 20.35 10.63 17.88
N LEU A 203 19.41 11.59 17.89
CA LEU A 203 18.82 12.08 16.64
C LEU A 203 19.84 12.80 15.78
N ARG A 204 20.70 13.62 16.40
CA ARG A 204 21.91 14.10 15.74
C ARG A 204 22.54 13.00 14.89
N ASP A 205 22.91 11.88 15.51
CA ASP A 205 23.62 10.87 14.74
C ASP A 205 22.70 10.17 13.76
N LEU A 206 21.42 10.15 14.08
CA LEU A 206 20.42 9.43 13.31
C LEU A 206 19.93 10.26 12.12
N LEU A 207 19.40 11.43 12.39
CA LEU A 207 18.87 12.30 11.35
C LEU A 207 20.01 13.14 10.79
N ILE A 208 20.29 12.95 9.50
CA ILE A 208 21.44 13.63 8.93
C ILE A 208 21.02 14.86 8.14
N HIS A 209 19.81 14.87 7.59
CA HIS A 209 19.30 16.04 6.87
C HIS A 209 17.78 16.03 6.92
N CYS A 210 17.18 17.17 7.26
CA CYS A 210 15.73 17.26 7.33
C CYS A 210 15.25 18.48 6.56
N ARG A 211 14.11 18.34 5.90
CA ARG A 211 13.60 19.42 5.06
C ARG A 211 12.08 19.30 4.98
N PHE A 212 11.37 20.27 5.52
CA PHE A 212 9.92 20.24 5.58
C PHE A 212 9.37 21.46 4.87
N ASN A 213 8.42 21.24 3.96
CA ASN A 213 7.76 22.33 3.23
C ASN A 213 8.78 23.25 2.57
N ARG A 214 9.79 22.66 1.95
CA ARG A 214 10.84 23.38 1.24
C ARG A 214 11.67 24.28 2.14
N GLU A 215 11.55 24.11 3.45
CA GLU A 215 12.35 24.85 4.42
C GLU A 215 13.15 23.88 5.26
N GLU A 216 14.40 24.24 5.52
CA GLU A 216 15.28 23.37 6.30
C GLU A 216 14.76 23.23 7.73
N CYS A 217 14.82 22.01 8.24
CA CYS A 217 14.47 21.71 9.62
C CYS A 217 15.62 20.94 10.25
N THR A 218 15.77 21.11 11.56
CA THR A 218 16.86 20.51 12.29
C THR A 218 16.31 19.54 13.33
N THR A 219 17.20 19.04 14.19
CA THR A 219 16.78 18.18 15.27
C THR A 219 15.90 18.89 16.29
N GLU A 220 15.83 20.22 16.24
CA GLU A 220 15.01 20.98 17.17
C GLU A 220 13.52 20.86 16.87
N ASN A 221 13.15 20.26 15.74
CA ASN A 221 11.75 20.06 15.39
C ASN A 221 11.23 18.69 15.79
N PHE A 222 12.07 17.86 16.42
CA PHE A 222 11.71 16.51 16.82
C PHE A 222 11.75 16.42 18.34
N THR A 223 10.66 15.97 18.93
CA THR A 223 10.62 15.71 20.36
C THR A 223 11.02 14.27 20.61
N SER A 224 12.00 14.08 21.49
CA SER A 224 12.43 12.73 21.83
C SER A 224 11.42 12.06 22.75
N SER A 225 11.39 10.73 22.69
CA SER A 225 10.59 9.92 23.58
C SER A 225 11.21 8.55 23.62
N PHE A 226 10.76 7.73 24.57
CA PHE A 226 11.35 6.42 24.75
C PHE A 226 10.31 5.32 24.57
N ASP A 227 10.77 4.21 24.00
CA ASP A 227 9.95 3.04 23.76
C ASP A 227 10.86 1.83 23.86
N GLY A 228 10.51 0.91 24.77
CA GLY A 228 11.26 -0.33 24.86
C GLY A 228 11.21 -1.09 23.55
N ASN A 229 12.35 -1.63 23.14
CA ASN A 229 12.68 -2.37 21.91
C ASN A 229 12.76 -1.42 20.72
N TYR A 230 12.40 -0.16 20.93
CA TYR A 230 12.57 0.92 19.96
C TYR A 230 13.11 2.13 20.68
N PHE A 231 14.22 1.94 21.42
CA PHE A 231 14.59 2.78 22.54
C PHE A 231 14.27 4.27 22.36
N ASN A 232 14.90 4.90 21.37
CA ASN A 232 14.71 6.33 21.16
C ASN A 232 13.81 6.53 19.94
N CYS A 233 12.72 7.28 20.13
CA CYS A 233 11.77 7.56 19.07
C CYS A 233 11.53 9.06 19.02
N PHE A 234 11.73 9.66 17.86
CA PHE A 234 11.72 11.11 17.71
C PHE A 234 10.53 11.51 16.86
N THR A 235 9.74 12.45 17.35
CA THR A 235 8.47 12.82 16.75
C THR A 235 8.57 14.22 16.16
N PHE A 236 8.43 14.29 14.84
CA PHE A 236 8.23 15.55 14.14
C PHE A 236 6.75 15.89 14.14
N ASN A 237 6.45 17.18 14.30
CA ASN A 237 5.08 17.66 14.39
C ASN A 237 4.34 16.97 15.53
N GLY A 238 4.99 16.90 16.68
CA GLY A 238 4.45 16.22 17.83
C GLY A 238 3.40 16.98 18.59
N GLY A 239 3.11 18.22 18.20
CA GLY A 239 2.10 19.01 18.87
C GLY A 239 2.55 19.69 20.13
N GLN A 240 3.85 19.66 20.45
CA GLN A 240 4.37 20.28 21.66
C GLN A 240 5.21 21.51 21.38
N LEU A 241 6.19 21.40 20.48
CA LEU A 241 7.05 22.55 20.18
C LEU A 241 6.26 23.67 19.51
N ARG A 242 5.42 23.33 18.55
CA ARG A 242 4.56 24.29 17.87
C ARG A 242 3.12 23.78 17.97
N ASP A 243 2.17 24.66 17.65
CA ASP A 243 0.77 24.29 17.81
C ASP A 243 0.39 23.12 16.92
N GLN A 244 0.38 23.32 15.60
CA GLN A 244 0.13 22.27 14.62
C GLN A 244 0.72 22.70 13.29
N LEU A 245 0.89 21.74 12.40
CA LEU A 245 1.45 21.97 11.08
C LEU A 245 0.42 21.64 10.01
N GLN A 246 0.40 22.42 8.94
CA GLN A 246 -0.56 22.23 7.87
C GLN A 246 0.13 22.10 6.52
N MET A 247 -0.40 21.20 5.70
CA MET A 247 -0.07 21.09 4.29
C MET A 247 -1.08 21.86 3.46
N HIS A 248 -0.58 22.86 2.73
CA HIS A 248 -1.32 23.54 1.69
C HIS A 248 -0.86 23.13 0.31
N ALA A 249 0.01 22.13 0.21
CA ALA A 249 0.58 21.73 -1.06
C ALA A 249 0.90 20.24 -1.02
N THR A 250 0.70 19.57 -2.15
CA THR A 250 0.88 18.13 -2.25
C THR A 250 2.28 17.82 -2.78
N GLY A 251 2.53 16.53 -2.96
CA GLY A 251 3.75 16.08 -3.59
C GLY A 251 4.90 15.95 -2.61
N PRO A 252 5.91 15.17 -2.99
CA PRO A 252 7.07 14.98 -2.11
C PRO A 252 7.92 16.22 -1.95
N GLU A 253 7.78 17.21 -2.83
CA GLU A 253 8.54 18.43 -2.67
C GLU A 253 8.07 19.22 -1.47
N ASN A 254 6.76 19.31 -1.29
CA ASN A 254 6.16 20.04 -0.17
C ASN A 254 5.77 19.02 0.89
N GLY A 255 6.78 18.53 1.60
CA GLY A 255 6.56 17.50 2.59
C GLY A 255 7.84 17.22 3.32
N LEU A 256 7.75 16.33 4.30
CA LEU A 256 8.92 15.99 5.10
C LEU A 256 9.88 15.15 4.28
N SER A 257 11.17 15.50 4.32
CA SER A 257 12.21 14.71 3.69
C SER A 257 13.32 14.53 4.70
N LEU A 258 13.68 13.29 4.98
CA LEU A 258 14.64 12.95 6.01
C LEU A 258 15.69 12.05 5.40
N ILE A 259 16.92 12.54 5.29
CA ILE A 259 18.06 11.69 5.05
C ILE A 259 18.54 11.23 6.42
N ILE A 260 18.38 9.94 6.68
CA ILE A 260 18.63 9.34 7.99
C ILE A 260 19.72 8.29 7.82
N SER A 261 20.71 8.33 8.70
CA SER A 261 21.69 7.27 8.78
C SER A 261 21.31 6.35 9.93
N ILE A 262 21.01 5.10 9.61
CA ILE A 262 20.65 4.13 10.65
C ILE A 262 21.83 3.78 11.54
N GLU A 263 23.02 4.31 11.24
CA GLU A 263 24.20 4.13 12.07
C GLU A 263 24.49 2.66 12.30
N LYS A 264 24.25 1.85 11.28
CA LYS A 264 24.54 0.43 11.33
C LYS A 264 26.06 0.28 11.33
N ASP A 265 26.62 0.09 12.51
CA ASP A 265 28.07 0.01 12.68
C ASP A 265 28.46 -1.43 12.95
N GLU A 266 29.61 -1.82 12.42
CA GLU A 266 30.05 -3.19 12.59
C GLU A 266 30.34 -3.47 14.07
N PRO A 267 30.02 -4.67 14.55
CA PRO A 267 30.14 -4.94 15.99
C PRO A 267 31.58 -5.09 16.45
N LEU A 268 31.76 -5.45 17.71
CA LEU A 268 33.09 -5.71 18.24
C LEU A 268 33.69 -6.92 17.54
N PRO A 269 35.02 -7.02 17.50
CA PRO A 269 35.66 -8.09 16.71
C PRO A 269 35.18 -9.50 17.02
N GLY A 270 34.89 -9.81 18.28
CA GLY A 270 34.47 -11.15 18.62
C GLY A 270 33.11 -11.20 19.30
N THR A 271 32.19 -10.37 18.84
CA THR A 271 30.89 -10.21 19.48
C THR A 271 29.78 -10.40 18.47
N TYR A 272 28.73 -11.11 18.88
CA TYR A 272 27.54 -11.28 18.07
C TYR A 272 26.31 -11.12 18.96
N GLY A 273 25.28 -10.49 18.41
CA GLY A 273 24.05 -10.32 19.15
C GLY A 273 23.24 -11.60 19.21
N VAL A 274 22.31 -11.63 20.16
CA VAL A 274 21.45 -12.78 20.38
C VAL A 274 20.12 -12.51 19.70
N TYR A 275 19.73 -13.37 18.76
CA TYR A 275 18.47 -13.22 18.06
C TYR A 275 17.34 -13.64 18.98
N ASN A 276 16.52 -12.67 19.37
CA ASN A 276 15.34 -12.92 20.21
C ASN A 276 14.24 -13.42 19.28
N PHE A 277 14.02 -14.73 19.29
CA PHE A 277 13.06 -15.34 18.38
C PHE A 277 11.62 -15.15 18.81
N GLU A 278 11.38 -14.68 20.02
CA GLU A 278 10.04 -14.27 20.45
C GLU A 278 9.76 -12.81 20.12
N ASN A 279 10.45 -12.26 19.13
CA ASN A 279 10.35 -10.85 18.76
C ASN A 279 10.26 -10.80 17.24
N ASN A 280 9.11 -10.38 16.73
CA ASN A 280 8.85 -10.43 15.29
C ASN A 280 9.27 -9.18 14.55
N ILE A 281 9.80 -8.16 15.23
CA ILE A 281 10.07 -6.88 14.59
C ILE A 281 11.51 -6.43 14.68
N LEU A 282 12.31 -6.93 15.62
CA LEU A 282 13.64 -6.39 15.81
C LEU A 282 14.65 -7.15 14.96
N HIS A 283 15.94 -6.92 15.21
CA HIS A 283 17.03 -7.56 14.49
C HIS A 283 16.98 -7.24 13.00
N SER A 284 16.51 -6.05 12.67
CA SER A 284 16.38 -5.60 11.30
C SER A 284 17.01 -4.22 11.16
N ALA A 285 17.52 -3.93 9.97
CA ALA A 285 18.11 -2.63 9.68
C ALA A 285 17.07 -1.76 8.99
N GLY A 286 16.90 -0.55 9.49
CA GLY A 286 15.98 0.38 8.87
C GLY A 286 15.47 1.37 9.89
N VAL A 287 14.41 2.05 9.50
CA VAL A 287 13.77 3.06 10.34
C VAL A 287 12.30 2.68 10.46
N ARG A 288 11.79 2.66 11.68
CA ARG A 288 10.38 2.40 11.93
C ARG A 288 9.66 3.74 11.98
N VAL A 289 8.76 3.97 11.02
CA VAL A 289 8.07 5.25 10.87
C VAL A 289 6.62 5.06 11.27
N VAL A 290 6.13 5.95 12.12
CA VAL A 290 4.72 6.00 12.49
C VAL A 290 4.17 7.32 11.98
N VAL A 291 3.22 7.24 11.06
CA VAL A 291 2.52 8.41 10.56
C VAL A 291 1.16 8.38 11.25
N HIS A 292 1.02 9.16 12.31
CA HIS A 292 -0.17 9.10 13.15
C HIS A 292 -0.79 10.47 13.28
N ALA A 293 -2.00 10.50 13.83
CA ALA A 293 -2.73 11.75 13.94
C ALA A 293 -1.92 12.74 14.76
N PRO A 294 -1.94 14.01 14.40
CA PRO A 294 -1.15 14.99 15.15
C PRO A 294 -1.60 15.08 16.61
N GLY A 295 -0.65 15.11 17.53
CA GLY A 295 -0.96 15.19 18.94
C GLY A 295 -1.37 13.88 19.58
N SER A 296 -1.20 12.78 18.86
CA SER A 296 -1.56 11.46 19.38
C SER A 296 -0.32 10.64 19.61
N MET A 297 -0.29 9.89 20.71
CA MET A 297 0.89 9.09 21.03
C MET A 297 1.15 8.03 19.97
N PRO A 298 2.41 7.91 19.57
CA PRO A 298 2.83 6.94 18.57
C PRO A 298 2.87 5.52 19.11
N SER A 299 2.62 4.56 18.24
CA SER A 299 2.67 3.14 18.60
C SER A 299 3.65 2.50 17.64
N PRO A 300 4.95 2.67 17.86
CA PRO A 300 5.93 2.20 16.88
C PRO A 300 5.83 0.72 16.59
N VAL A 301 5.49 -0.09 17.59
CA VAL A 301 5.33 -1.52 17.37
C VAL A 301 4.06 -1.78 16.56
N ASP A 302 2.91 -1.39 17.10
CA ASP A 302 1.64 -1.79 16.50
C ASP A 302 1.35 -1.03 15.21
N HIS A 303 1.62 0.27 15.19
CA HIS A 303 1.19 1.11 14.09
C HIS A 303 2.30 1.56 13.16
N GLY A 304 3.55 1.27 13.47
CA GLY A 304 4.63 1.69 12.62
C GLY A 304 4.80 0.77 11.43
N PHE A 305 5.44 1.33 10.40
CA PHE A 305 5.87 0.59 9.23
C PHE A 305 7.35 0.81 9.04
N ASP A 306 8.08 -0.23 8.69
CA ASP A 306 9.52 -0.16 8.63
C ASP A 306 10.01 0.18 7.22
N ILE A 307 11.21 0.72 7.15
CA ILE A 307 11.76 1.30 5.92
C ILE A 307 13.23 0.93 5.82
N PRO A 308 13.69 0.46 4.66
CA PRO A 308 15.02 -0.13 4.58
C PRO A 308 16.08 0.91 4.26
N PRO A 309 17.32 0.68 4.67
CA PRO A 309 18.41 1.57 4.27
C PRO A 309 18.77 1.39 2.80
N GLY A 310 19.42 2.42 2.26
CA GLY A 310 19.82 2.38 0.87
C GLY A 310 18.72 2.60 -0.12
N TYR A 311 17.54 3.02 0.34
CA TYR A 311 16.42 3.28 -0.55
C TYR A 311 15.76 4.58 -0.13
N SER A 312 15.45 5.42 -1.11
CA SER A 312 14.57 6.55 -0.89
C SER A 312 13.15 6.03 -0.93
N SER A 313 12.47 6.04 0.21
CA SER A 313 11.12 5.56 0.32
C SER A 313 10.18 6.75 0.49
N SER A 314 9.20 6.83 -0.39
CA SER A 314 8.23 7.91 -0.40
C SER A 314 6.91 7.36 0.11
N VAL A 315 6.40 7.98 1.16
CA VAL A 315 5.15 7.63 1.80
C VAL A 315 4.16 8.73 1.44
N GLY A 316 3.30 8.46 0.46
CA GLY A 316 2.26 9.38 0.09
C GLY A 316 1.04 9.12 0.94
N LEU A 317 0.49 10.18 1.51
CA LEU A 317 -0.60 10.08 2.47
C LEU A 317 -1.89 10.64 1.88
N LYS A 318 -2.98 9.93 2.11
CA LYS A 318 -4.32 10.45 1.85
C LYS A 318 -5.03 10.60 3.18
N ALA A 319 -5.52 11.80 3.46
CA ALA A 319 -6.05 12.13 4.78
C ALA A 319 -7.52 11.72 4.90
N LEU A 320 -7.84 10.99 5.97
CA LEU A 320 -9.20 10.59 6.28
C LEU A 320 -9.59 11.22 7.60
N LEU A 321 -10.71 11.94 7.60
CA LEU A 321 -11.22 12.59 8.79
C LEU A 321 -12.52 11.91 9.19
N HIS A 322 -12.50 11.19 10.30
CA HIS A 322 -13.68 10.51 10.79
C HIS A 322 -14.23 11.32 11.97
N THR A 323 -15.38 11.95 11.77
CA THR A 323 -16.03 12.73 12.82
C THR A 323 -17.22 11.93 13.34
N ARG A 324 -17.28 11.79 14.65
CA ARG A 324 -18.32 11.01 15.30
C ARG A 324 -19.30 11.92 16.02
N LEU A 325 -20.37 11.32 16.51
CA LEU A 325 -21.43 12.04 17.22
C LEU A 325 -21.32 11.79 18.71
N SER A 326 -21.46 12.85 19.48
CA SER A 326 -21.45 12.75 20.94
C SER A 326 -22.83 12.29 21.41
N GLU A 327 -23.09 12.42 22.70
CA GLU A 327 -24.40 12.09 23.23
C GLU A 327 -25.47 12.96 22.56
N PRO A 328 -26.68 12.43 22.33
CA PRO A 328 -27.11 11.08 22.71
C PRO A 328 -26.88 10.03 21.62
N TYR A 329 -26.42 10.45 20.45
CA TYR A 329 -26.27 9.51 19.34
C TYR A 329 -25.11 8.56 19.59
N GLY A 330 -24.00 9.05 20.12
CA GLY A 330 -22.88 8.21 20.45
C GLY A 330 -22.33 8.53 21.82
N ASN A 331 -21.08 8.14 22.09
CA ASN A 331 -20.48 8.43 23.37
C ASN A 331 -19.03 8.92 23.25
N CYS A 332 -18.63 9.39 22.08
CA CYS A 332 -17.30 9.95 21.91
C CYS A 332 -17.14 11.22 22.74
N THR A 333 -15.89 11.51 23.12
CA THR A 333 -15.57 12.76 23.80
C THR A 333 -14.30 13.35 23.21
N GLU A 334 -14.21 14.67 23.29
CA GLU A 334 -13.02 15.40 22.87
C GLU A 334 -12.03 15.55 24.03
N ASP A 335 -11.70 14.43 24.66
CA ASP A 335 -10.81 14.42 25.81
C ASP A 335 -9.36 14.29 25.34
N SER A 336 -8.45 14.05 26.28
CA SER A 336 -7.05 13.89 25.96
C SER A 336 -6.46 12.82 26.88
N LEU A 337 -5.70 11.91 26.31
CA LEU A 337 -5.08 10.86 27.09
C LEU A 337 -3.96 11.45 27.96
N GLU A 338 -3.62 10.75 29.02
CA GLU A 338 -2.62 11.24 29.97
C GLU A 338 -1.24 10.63 29.73
N GLY A 339 -1.12 9.31 29.86
CA GLY A 339 0.16 8.66 29.67
C GLY A 339 1.28 9.37 30.42
N ILE A 340 2.43 9.51 29.76
CA ILE A 340 3.47 10.39 30.26
C ILE A 340 3.09 11.85 30.03
N GLN A 341 2.59 12.15 28.83
CA GLN A 341 2.29 13.51 28.43
C GLN A 341 0.94 13.53 27.73
N THR A 342 0.26 14.68 27.81
CA THR A 342 -1.07 14.82 27.25
C THR A 342 -1.09 14.51 25.75
N TYR A 343 -1.76 13.43 25.38
CA TYR A 343 -1.88 13.01 24.00
C TYR A 343 -3.30 13.25 23.51
N ARG A 344 -3.44 13.53 22.22
CA ARG A 344 -4.76 13.58 21.62
C ARG A 344 -5.37 12.19 21.64
N ASN A 345 -6.66 12.12 21.97
CA ASN A 345 -7.29 10.84 22.22
C ASN A 345 -7.42 10.03 20.95
N THR A 346 -6.94 8.79 21.00
CA THR A 346 -7.24 7.79 19.99
C THR A 346 -7.61 6.50 20.72
N PHE A 347 -8.53 5.74 20.13
CA PHE A 347 -9.08 4.58 20.82
C PHE A 347 -7.99 3.55 21.15
N PHE A 348 -7.12 3.26 20.18
CA PHE A 348 -6.09 2.26 20.40
C PHE A 348 -5.12 2.71 21.49
N ALA A 349 -4.71 3.98 21.46
CA ALA A 349 -3.78 4.47 22.47
C ALA A 349 -4.39 4.41 23.85
N CYS A 350 -5.67 4.73 23.96
CA CYS A 350 -6.34 4.65 25.25
C CYS A 350 -6.46 3.20 25.70
N LEU A 351 -6.70 2.27 24.77
CA LEU A 351 -6.72 0.86 25.13
C LEU A 351 -5.37 0.43 25.68
N GLN A 352 -4.28 0.88 25.04
CA GLN A 352 -2.96 0.55 25.54
C GLN A 352 -2.73 1.12 26.94
N LEU A 353 -3.16 2.37 27.16
CA LEU A 353 -2.98 2.96 28.48
C LEU A 353 -3.79 2.23 29.54
N CYS A 354 -5.02 1.84 29.23
CA CYS A 354 -5.81 1.13 30.23
C CYS A 354 -5.31 -0.28 30.42
N LYS A 355 -4.70 -0.88 29.40
CA LYS A 355 -3.99 -2.15 29.59
C LYS A 355 -2.83 -1.98 30.55
N GLN A 356 -2.07 -0.90 30.39
CA GLN A 356 -0.96 -0.64 31.30
C GLN A 356 -1.45 -0.43 32.72
N ARG A 357 -2.56 0.29 32.88
CA ARG A 357 -3.12 0.51 34.22
C ARG A 357 -3.62 -0.79 34.84
N ARG A 358 -4.29 -1.63 34.04
CA ARG A 358 -4.72 -2.93 34.53
C ARG A 358 -3.54 -3.79 34.94
N LEU A 359 -2.47 -3.72 34.17
CA LEU A 359 -1.26 -4.46 34.51
C LEU A 359 -0.64 -3.94 35.79
N ILE A 360 -0.66 -2.62 35.99
CA ILE A 360 -0.15 -2.02 37.21
C ILE A 360 -0.99 -2.44 38.41
N ARG A 361 -2.29 -2.61 38.22
CA ARG A 361 -3.15 -3.01 39.33
C ARG A 361 -3.01 -4.49 39.66
N GLU A 362 -3.10 -5.36 38.65
CA GLU A 362 -3.09 -6.79 38.90
C GLU A 362 -1.77 -7.25 39.49
N CYS A 363 -0.66 -6.89 38.84
CA CYS A 363 0.67 -7.09 39.39
C CYS A 363 1.29 -5.73 39.68
N LYS A 364 2.20 -5.69 40.65
CA LYS A 364 2.68 -4.40 41.13
C LYS A 364 3.82 -3.87 40.27
N CYS A 365 3.87 -4.30 39.00
CA CYS A 365 4.90 -3.82 38.10
C CYS A 365 4.30 -3.25 36.82
N LYS A 366 5.15 -2.91 35.87
CA LYS A 366 4.76 -2.18 34.67
C LYS A 366 5.51 -2.79 33.48
N SER A 367 4.90 -2.73 32.30
CA SER A 367 5.49 -3.32 31.11
C SER A 367 6.11 -2.25 30.23
N SER A 368 7.31 -2.52 29.74
CA SER A 368 7.96 -1.64 28.79
C SER A 368 7.41 -1.77 27.39
N ALA A 369 6.65 -2.84 27.11
CA ALA A 369 5.98 -2.95 25.82
C ALA A 369 4.85 -1.93 25.69
N LEU A 370 4.13 -1.70 26.77
CA LEU A 370 3.01 -0.77 26.80
C LEU A 370 3.49 0.64 27.05
N PRO A 371 2.65 1.65 26.80
CA PRO A 371 3.06 3.02 27.09
C PRO A 371 3.45 3.22 28.54
N ASP A 372 4.48 4.04 28.75
CA ASP A 372 4.96 4.31 30.10
C ASP A 372 3.96 5.16 30.86
N LEU A 373 3.98 5.04 32.19
CA LEU A 373 3.02 5.75 33.01
C LEU A 373 3.69 6.54 34.13
N SER A 374 4.86 6.07 34.58
CA SER A 374 5.63 6.75 35.63
C SER A 374 4.80 6.95 36.89
N VAL A 375 4.40 5.83 37.49
CA VAL A 375 3.63 5.82 38.72
C VAL A 375 4.52 5.30 39.83
N GLU A 376 4.73 6.10 40.86
CA GLU A 376 5.51 5.66 42.01
C GLU A 376 4.63 4.76 42.89
N ASN A 377 5.24 3.69 43.42
CA ASN A 377 6.63 3.37 43.20
C ASN A 377 6.77 2.19 42.23
N ILE A 378 5.87 2.16 41.25
CA ILE A 378 5.81 1.04 40.32
C ILE A 378 7.04 1.07 39.41
N THR A 379 7.68 -0.08 39.26
CA THR A 379 8.82 -0.24 38.36
C THR A 379 8.43 -1.17 37.21
N PHE A 380 9.40 -1.47 36.36
CA PHE A 380 9.15 -2.31 35.21
C PHE A 380 9.02 -3.77 35.61
N CYS A 381 8.10 -4.48 34.97
CA CYS A 381 8.07 -5.93 35.10
C CYS A 381 9.33 -6.51 34.49
N GLY A 382 9.80 -7.61 35.07
CA GLY A 382 11.07 -8.15 34.64
C GLY A 382 12.27 -7.39 35.17
N VAL A 383 12.09 -6.63 36.24
CA VAL A 383 13.22 -6.02 36.94
C VAL A 383 13.61 -6.94 38.07
N ILE A 384 14.84 -7.45 38.02
CA ILE A 384 15.41 -8.19 39.15
C ILE A 384 16.09 -7.15 40.04
N PRO A 385 15.47 -6.77 41.15
CA PRO A 385 15.99 -5.63 41.93
C PRO A 385 17.41 -5.81 42.41
N ASP A 386 17.81 -7.02 42.76
CA ASP A 386 19.13 -7.29 43.33
C ASP A 386 20.02 -8.04 42.35
N TRP A 387 19.82 -7.84 41.04
CA TRP A 387 20.60 -8.59 40.06
C TRP A 387 22.08 -8.29 40.18
N LYS A 388 22.45 -7.06 40.54
CA LYS A 388 23.85 -6.76 40.79
C LYS A 388 24.37 -7.57 41.97
N ASP A 389 23.56 -7.70 43.03
CA ASP A 389 23.96 -8.49 44.18
C ASP A 389 24.02 -9.97 43.85
N ILE A 390 23.09 -10.44 43.00
CA ILE A 390 23.11 -11.85 42.60
C ILE A 390 24.36 -12.15 41.78
N ARG A 391 24.68 -11.30 40.82
CA ARG A 391 25.88 -11.50 40.02
C ARG A 391 27.12 -11.43 40.89
N ARG A 392 27.19 -10.46 41.80
CA ARG A 392 28.30 -10.40 42.73
C ARG A 392 28.14 -11.52 43.75
N ASN A 393 28.78 -12.65 43.47
CA ASN A 393 28.60 -13.87 44.26
C ASN A 393 29.34 -13.75 45.59
N VAL A 394 28.90 -12.76 46.37
CA VAL A 394 29.57 -12.46 47.65
C VAL A 394 29.41 -13.63 48.61
N THR A 395 28.25 -14.28 48.60
CA THR A 395 28.02 -15.51 49.35
C THR A 395 27.51 -16.56 48.38
N GLY A 396 28.07 -17.76 48.47
CA GLY A 396 27.85 -18.77 47.45
C GLY A 396 26.55 -19.53 47.50
N GLU A 397 25.44 -18.85 47.76
CA GLU A 397 24.14 -19.50 47.67
C GLU A 397 23.57 -19.48 46.26
N TYR A 398 24.25 -18.82 45.33
CA TYR A 398 23.79 -18.70 43.95
C TYR A 398 24.65 -19.63 43.10
N LYS A 399 24.18 -20.86 42.93
CA LYS A 399 24.91 -21.84 42.14
C LYS A 399 24.92 -21.46 40.66
N MET A 400 25.93 -21.96 39.96
CA MET A 400 26.02 -21.73 38.52
C MET A 400 24.78 -22.29 37.82
N ASN A 401 24.27 -21.53 36.85
CA ASN A 401 23.11 -21.90 36.06
C ASN A 401 21.86 -22.09 36.90
N GLN A 402 21.81 -21.49 38.08
CA GLN A 402 20.64 -21.60 38.95
C GLN A 402 19.49 -20.76 38.42
N THR A 403 18.27 -21.27 38.61
CA THR A 403 17.09 -20.52 38.21
C THR A 403 16.90 -19.30 39.10
N ILE A 404 16.47 -18.20 38.50
CA ILE A 404 16.18 -16.95 39.20
C ILE A 404 14.67 -16.71 39.09
N PRO A 405 13.98 -16.41 40.19
CA PRO A 405 12.50 -16.45 40.18
C PRO A 405 11.83 -15.58 39.14
N THR A 406 12.06 -14.26 39.19
CA THR A 406 11.38 -13.30 38.31
C THR A 406 9.86 -13.49 38.35
N ILE A 407 9.29 -13.30 39.53
CA ILE A 407 7.86 -13.46 39.71
C ILE A 407 7.09 -12.40 38.94
N SER A 408 7.56 -11.15 38.99
CA SER A 408 6.83 -10.06 38.33
C SER A 408 6.79 -10.26 36.82
N LEU A 409 7.87 -10.76 36.24
CA LEU A 409 7.88 -11.01 34.80
C LEU A 409 6.85 -12.07 34.44
N ALA A 410 6.76 -13.14 35.23
CA ALA A 410 5.79 -14.18 34.95
C ALA A 410 4.36 -13.66 35.09
N CYS A 411 4.11 -12.84 36.12
CA CYS A 411 2.78 -12.28 36.29
C CYS A 411 2.41 -11.36 35.14
N GLU A 412 3.37 -10.55 34.69
CA GLU A 412 3.14 -9.68 33.54
C GLU A 412 2.85 -10.50 32.29
N ALA A 413 3.59 -11.60 32.10
CA ALA A 413 3.32 -12.46 30.95
C ALA A 413 1.93 -13.06 31.03
N ARG A 414 1.51 -13.49 32.21
CA ARG A 414 0.17 -14.06 32.39
C ARG A 414 -0.90 -13.02 32.05
N VAL A 415 -0.79 -11.82 32.61
CA VAL A 415 -1.81 -10.82 32.39
C VAL A 415 -1.81 -10.36 30.93
N GLN A 416 -0.63 -10.24 30.33
CA GLN A 416 -0.56 -9.85 28.92
C GLN A 416 -1.17 -10.91 28.03
N LYS A 417 -0.93 -12.19 28.33
CA LYS A 417 -1.56 -13.25 27.57
C LYS A 417 -3.07 -13.19 27.69
N GLN A 418 -3.57 -13.00 28.91
CA GLN A 418 -5.01 -12.93 29.12
C GLN A 418 -5.62 -11.74 28.39
N LEU A 419 -4.92 -10.62 28.36
CA LEU A 419 -5.43 -9.44 27.67
C LEU A 419 -5.36 -9.58 26.16
N ASN A 420 -4.30 -10.23 25.66
CA ASN A 420 -4.13 -10.39 24.22
C ASN A 420 -5.06 -11.44 23.63
N ASN A 421 -5.44 -12.44 24.43
CA ASN A 421 -6.31 -13.50 23.95
C ASN A 421 -7.77 -13.28 24.32
N ASP A 422 -8.12 -12.11 24.85
CA ASP A 422 -9.51 -11.84 25.24
C ASP A 422 -9.75 -10.35 25.20
N ARG A 423 -10.74 -9.92 24.44
CA ARG A 423 -11.05 -8.50 24.27
C ARG A 423 -12.10 -7.99 25.24
N SER A 424 -12.50 -8.81 26.22
CA SER A 424 -13.55 -8.38 27.14
C SER A 424 -13.10 -7.20 27.99
N TYR A 425 -11.79 -7.04 28.20
CA TYR A 425 -11.29 -5.91 28.96
C TYR A 425 -11.59 -4.59 28.28
N GLU A 426 -11.83 -4.60 26.96
CA GLU A 426 -12.00 -3.35 26.22
C GLU A 426 -13.20 -2.56 26.72
N THR A 427 -14.20 -3.24 27.29
CA THR A 427 -15.37 -2.55 27.80
C THR A 427 -15.27 -2.23 29.29
N GLU A 428 -14.23 -2.70 29.97
CA GLU A 428 -14.06 -2.38 31.39
C GLU A 428 -13.43 -1.01 31.56
N CYS A 429 -12.23 -0.85 31.02
CA CYS A 429 -11.56 0.44 31.08
C CYS A 429 -12.33 1.40 30.18
N GLY A 430 -13.35 0.89 29.51
CA GLY A 430 -14.18 1.72 28.66
C GLY A 430 -13.43 2.62 27.71
N CYS A 431 -13.38 3.92 28.01
CA CYS A 431 -12.75 4.89 27.12
C CYS A 431 -13.58 5.01 25.84
N TYR A 432 -13.36 6.06 25.06
CA TYR A 432 -14.20 6.27 23.89
C TYR A 432 -13.43 6.70 22.66
N GLN A 433 -14.00 6.46 21.49
CA GLN A 433 -13.37 6.91 20.27
C GLN A 433 -13.31 8.42 20.26
N PRO A 434 -12.23 8.98 19.70
CA PRO A 434 -12.20 10.44 19.60
C PRO A 434 -13.31 10.91 18.69
N CYS A 435 -14.11 12.05 19.21
CA CYS A 435 -15.18 12.56 18.37
C CYS A 435 -14.67 12.91 16.97
N SER A 436 -13.45 13.45 16.89
CA SER A 436 -12.82 13.74 15.61
C SER A 436 -11.48 13.04 15.56
N GLU A 437 -11.30 12.19 14.55
CA GLU A 437 -10.08 11.40 14.40
C GLU A 437 -9.53 11.62 13.00
N THR A 438 -8.20 11.59 12.88
CA THR A 438 -7.55 11.73 11.59
C THR A 438 -6.67 10.52 11.36
N SER A 439 -6.88 9.83 10.25
CA SER A 439 -6.09 8.69 9.84
C SER A 439 -5.53 8.97 8.44
N TYR A 440 -4.64 8.09 8.00
CA TYR A 440 -3.98 8.28 6.71
C TYR A 440 -3.85 6.96 6.00
N LEU A 441 -4.29 6.93 4.74
CA LEU A 441 -3.90 5.84 3.86
C LEU A 441 -2.52 6.15 3.30
N LYS A 442 -1.54 5.32 3.65
CA LYS A 442 -0.18 5.53 3.19
C LYS A 442 0.15 4.56 2.07
N SER A 443 0.76 5.09 1.02
CA SER A 443 1.31 4.29 -0.07
C SER A 443 2.81 4.50 -0.06
N VAL A 444 3.54 3.43 0.24
CA VAL A 444 4.99 3.49 0.36
C VAL A 444 5.60 2.91 -0.90
N SER A 445 6.46 3.68 -1.55
CA SER A 445 7.16 3.24 -2.73
C SER A 445 8.63 3.58 -2.59
N LEU A 446 9.49 2.61 -2.80
CA LEU A 446 10.92 2.80 -2.57
C LEU A 446 11.67 2.81 -3.90
N SER A 447 12.86 3.40 -3.85
CA SER A 447 13.71 3.46 -5.03
C SER A 447 15.16 3.44 -4.58
N TYR A 448 16.04 3.02 -5.49
CA TYR A 448 17.45 2.85 -5.14
C TYR A 448 18.10 4.22 -4.96
N TRP A 449 18.57 4.50 -3.74
CA TRP A 449 19.11 5.80 -3.40
C TRP A 449 20.32 5.66 -2.52
N PRO A 450 21.34 6.51 -2.68
CA PRO A 450 21.43 7.49 -3.76
C PRO A 450 22.20 6.94 -4.95
N LEU A 451 22.02 7.53 -6.12
CA LEU A 451 22.84 7.15 -7.26
C LEU A 451 24.32 7.32 -6.95
N GLU A 452 25.12 6.41 -7.50
CA GLU A 452 26.56 6.49 -7.34
C GLU A 452 27.13 7.79 -7.88
N PHE A 453 26.41 8.43 -8.81
CA PHE A 453 26.82 9.72 -9.34
C PHE A 453 26.82 10.79 -8.25
N TYR A 454 25.80 10.80 -7.40
CA TYR A 454 25.60 11.87 -6.44
C TYR A 454 26.07 11.52 -5.03
N GLN A 455 26.68 10.36 -4.84
CA GLN A 455 27.06 9.94 -3.50
C GLN A 455 28.16 10.82 -2.92
N LEU A 456 29.14 11.21 -3.75
CA LEU A 456 30.20 12.07 -3.25
C LEU A 456 29.68 13.44 -2.86
N SER A 457 28.84 14.05 -3.70
CA SER A 457 28.30 15.36 -3.39
C SER A 457 27.42 15.30 -2.16
N ALA A 458 26.73 14.18 -1.97
CA ALA A 458 26.01 13.98 -0.73
C ALA A 458 26.97 13.98 0.46
N LEU A 459 27.92 13.04 0.46
CA LEU A 459 28.78 12.84 1.62
C LEU A 459 29.51 14.13 1.99
N GLU A 460 29.89 14.93 1.00
CA GLU A 460 30.56 16.19 1.29
C GLU A 460 29.70 17.06 2.20
N ARG A 461 28.42 17.23 1.86
CA ARG A 461 27.59 18.09 2.68
C ARG A 461 27.28 17.44 4.03
N PHE A 462 27.08 16.12 4.05
CA PHE A 462 26.79 15.50 5.34
C PHE A 462 27.93 15.72 6.32
N PHE A 463 29.18 15.58 5.86
CA PHE A 463 30.31 15.97 6.70
C PHE A 463 30.29 17.46 7.02
N SER A 464 30.16 18.31 6.01
CA SER A 464 30.32 19.75 6.23
C SER A 464 29.29 20.26 7.24
N GLN A 465 28.21 19.52 7.45
CA GLN A 465 27.21 20.00 8.39
C GLN A 465 27.27 19.26 9.73
N LYS A 466 27.61 17.96 9.74
CA LYS A 466 27.34 17.17 10.93
C LYS A 466 28.52 16.46 11.58
N ASN A 467 29.61 16.17 10.87
CA ASN A 467 30.64 15.31 11.42
C ASN A 467 31.99 16.01 11.47
N PRO A 468 32.45 16.46 12.63
CA PRO A 468 33.82 16.99 12.74
C PRO A 468 34.82 15.97 13.24
N THR A 469 34.37 14.80 13.70
CA THR A 469 35.23 13.86 14.41
C THR A 469 34.99 12.45 13.87
N ASP A 470 35.52 11.46 14.60
CA ASP A 470 35.29 10.04 14.31
C ASP A 470 35.80 9.65 12.92
N GLN A 471 37.11 9.69 12.73
CA GLN A 471 37.72 9.22 11.50
C GLN A 471 37.36 7.77 11.21
N GLN A 472 37.19 6.98 12.26
CA GLN A 472 36.76 5.59 12.11
C GLN A 472 35.24 5.55 11.97
N HIS A 473 34.71 6.18 10.73
CA HIS A 473 33.29 6.20 10.44
C HIS A 473 33.03 5.79 9.00
N PHE A 474 31.85 5.23 8.74
CA PHE A 474 31.55 4.75 7.39
C PHE A 474 31.56 5.89 6.37
N MET A 475 30.95 7.01 6.71
CA MET A 475 30.90 8.14 5.80
C MET A 475 32.31 8.59 5.48
N LYS A 476 33.17 8.51 6.53
CA LYS A 476 34.52 8.95 6.18
C LYS A 476 35.25 7.99 5.26
N ILE A 477 35.17 6.68 5.53
CA ILE A 477 35.81 5.72 4.65
C ILE A 477 35.19 5.76 3.26
N ALA A 478 33.86 5.86 3.17
CA ALA A 478 33.21 6.02 1.87
C ALA A 478 33.61 7.30 1.17
N GLN A 479 33.70 8.42 1.88
CA GLN A 479 34.09 9.67 1.25
C GLN A 479 35.52 9.63 0.76
N ASP A 480 36.41 8.92 1.46
CA ASP A 480 37.78 8.78 0.97
C ASP A 480 37.80 8.11 -0.40
N PHE A 481 37.08 7.00 -0.55
CA PHE A 481 36.97 6.30 -1.82
C PHE A 481 36.41 7.19 -2.90
N LEU A 482 35.29 7.85 -2.63
CA LEU A 482 34.66 8.67 -3.64
C LEU A 482 35.52 9.87 -4.03
N SER A 483 36.21 10.47 -3.06
CA SER A 483 37.06 11.62 -3.36
C SER A 483 38.30 11.23 -4.14
N ARG A 484 38.85 10.03 -3.89
CA ARG A 484 39.95 9.60 -4.73
C ARG A 484 39.48 9.17 -6.11
N LEU A 485 38.21 8.76 -6.25
CA LEU A 485 37.67 8.55 -7.59
C LEU A 485 37.51 9.86 -8.35
N ALA A 486 36.96 10.88 -7.71
CA ALA A 486 36.66 12.14 -8.39
C ALA A 486 37.88 13.03 -8.55
N HIS A 487 38.98 12.74 -7.87
CA HIS A 487 40.21 13.53 -7.99
C HIS A 487 41.38 12.59 -8.19
N PRO A 488 41.46 11.94 -9.35
CA PRO A 488 42.60 11.04 -9.61
C PRO A 488 43.94 11.76 -9.64
N GLN A 489 43.95 13.01 -10.09
CA GLN A 489 45.17 13.80 -10.20
C GLN A 489 46.25 13.08 -11.02
N THR A 506 37.57 8.25 -20.34
CA THR A 506 38.01 6.86 -20.29
C THR A 506 36.98 5.98 -19.58
N SER A 507 37.45 5.00 -18.85
CA SER A 507 36.55 4.12 -18.12
C SER A 507 37.12 3.74 -16.76
N TYR A 508 36.24 3.46 -15.81
CA TYR A 508 36.70 3.10 -14.47
C TYR A 508 37.53 1.84 -14.50
N SER A 509 38.66 1.85 -13.80
CA SER A 509 39.49 0.67 -13.71
C SER A 509 38.82 -0.32 -12.78
N LEU A 510 39.29 -1.56 -12.78
CA LEU A 510 38.72 -2.55 -11.89
C LEU A 510 38.80 -2.05 -10.46
N SER A 511 39.96 -1.52 -10.07
CA SER A 511 40.11 -0.98 -8.73
C SER A 511 39.18 0.21 -8.55
N GLU A 512 39.19 1.13 -9.51
CA GLU A 512 38.28 2.26 -9.43
C GLU A 512 36.87 1.74 -9.26
N LYS A 513 36.53 0.70 -10.02
CA LYS A 513 35.21 0.11 -9.88
C LYS A 513 35.01 -0.50 -8.51
N GLU A 514 36.04 -1.17 -7.99
CA GLU A 514 35.94 -1.73 -6.64
C GLU A 514 35.74 -0.64 -5.59
N MET A 515 36.47 0.47 -5.72
CA MET A 515 36.30 1.57 -4.77
C MET A 515 34.90 2.15 -4.84
N ALA A 516 34.40 2.37 -6.06
CA ALA A 516 33.06 2.90 -6.22
C ALA A 516 32.02 1.96 -5.61
N LYS A 517 32.18 0.66 -5.84
CA LYS A 517 31.24 -0.30 -5.30
C LYS A 517 31.30 -0.35 -3.78
N GLU A 518 32.50 -0.32 -3.20
CA GLU A 518 32.59 -0.37 -1.74
C GLU A 518 32.00 0.87 -1.11
N ALA A 519 32.22 2.04 -1.71
CA ALA A 519 31.59 3.25 -1.22
C ALA A 519 30.07 3.15 -1.31
N SER A 520 29.55 2.64 -2.43
CA SER A 520 28.11 2.54 -2.58
C SER A 520 27.50 1.57 -1.57
N ASP A 521 28.15 0.42 -1.34
CA ASP A 521 27.66 -0.50 -0.33
C ASP A 521 27.67 0.11 1.07
N LEU A 522 28.74 0.82 1.44
CA LEU A 522 28.73 1.45 2.75
C LEU A 522 27.58 2.45 2.87
N ILE A 523 27.47 3.37 1.90
CA ILE A 523 26.46 4.41 1.98
C ILE A 523 25.06 3.81 2.01
N ARG A 524 24.82 2.79 1.18
CA ARG A 524 23.47 2.25 1.06
C ARG A 524 23.18 1.24 2.16
N GLN A 525 24.20 0.83 2.90
CA GLN A 525 23.94 0.06 4.11
C GLN A 525 23.58 0.97 5.27
N ASN A 526 24.07 2.21 5.24
CA ASN A 526 23.85 3.10 6.37
C ASN A 526 22.81 4.18 6.13
N LEU A 527 22.61 4.63 4.89
CA LEU A 527 21.84 5.83 4.64
C LEU A 527 20.51 5.48 3.98
N LEU A 528 19.50 6.30 4.25
CA LEU A 528 18.23 6.17 3.57
C LEU A 528 17.53 7.52 3.50
N ARG A 529 16.81 7.78 2.42
CA ARG A 529 15.97 8.95 2.34
C ARG A 529 14.53 8.52 2.56
N LEU A 530 13.78 9.35 3.28
CA LEU A 530 12.39 9.07 3.59
C LEU A 530 11.61 10.35 3.31
N ASN A 531 10.75 10.32 2.30
CA ASN A 531 9.82 11.42 2.05
C ASN A 531 8.46 11.02 2.58
N ILE A 532 7.81 11.92 3.27
CA ILE A 532 6.44 11.72 3.75
C ILE A 532 5.64 12.93 3.33
N TYR A 533 4.58 12.70 2.56
CA TYR A 533 3.88 13.81 1.94
C TYR A 533 2.43 13.45 1.73
N LEU A 534 1.64 14.46 1.45
CA LEU A 534 0.24 14.29 1.10
C LEU A 534 0.14 14.13 -0.41
N GLU A 535 -0.40 13.00 -0.88
CA GLU A 535 -0.64 12.84 -2.31
C GLU A 535 -1.66 13.85 -2.81
N ASP A 536 -2.73 14.06 -2.05
CA ASP A 536 -3.77 15.01 -2.42
C ASP A 536 -4.29 15.67 -1.16
N LEU A 537 -4.77 16.91 -1.32
CA LEU A 537 -5.32 17.68 -0.22
C LEU A 537 -6.81 17.48 -0.06
N SER A 538 -7.40 16.55 -0.82
CA SER A 538 -8.81 16.21 -0.67
C SER A 538 -8.96 15.25 0.50
N VAL A 539 -9.50 15.74 1.60
CA VAL A 539 -9.70 14.90 2.78
C VAL A 539 -10.98 14.11 2.62
N VAL A 540 -10.90 12.81 2.82
CA VAL A 540 -12.09 11.96 2.78
C VAL A 540 -12.69 11.95 4.18
N GLU A 541 -13.85 12.59 4.33
CA GLU A 541 -14.47 12.77 5.62
C GLU A 541 -15.63 11.81 5.78
N TYR A 542 -15.54 10.95 6.79
CA TYR A 542 -16.63 10.08 7.21
C TYR A 542 -17.29 10.75 8.41
N ARG A 543 -18.45 11.34 8.19
CA ARG A 543 -19.17 12.05 9.25
C ARG A 543 -20.35 11.20 9.71
N GLN A 544 -20.48 11.02 11.02
CA GLN A 544 -21.62 10.32 11.56
C GLN A 544 -22.80 11.27 11.67
N LEU A 545 -23.92 10.89 11.06
CA LEU A 545 -25.10 11.72 11.02
C LEU A 545 -26.28 10.98 11.61
N PRO A 546 -27.20 11.69 12.27
CA PRO A 546 -28.40 11.04 12.80
C PRO A 546 -29.21 10.42 11.67
N ALA A 547 -29.47 9.11 11.80
CA ALA A 547 -30.25 8.42 10.78
C ALA A 547 -31.65 9.00 10.68
N TYR A 548 -32.26 9.31 11.82
CA TYR A 548 -33.59 9.92 11.86
C TYR A 548 -33.45 11.18 12.70
N GLY A 549 -33.16 12.30 12.04
CA GLY A 549 -33.03 13.56 12.73
C GLY A 549 -34.35 14.04 13.30
N LEU A 550 -34.23 14.88 14.32
CA LEU A 550 -35.42 15.43 14.95
C LEU A 550 -36.22 16.28 13.97
N ALA A 551 -35.52 17.07 13.16
CA ALA A 551 -36.19 17.79 12.09
C ALA A 551 -36.92 16.84 11.14
N ASP A 552 -36.33 15.66 10.90
CA ASP A 552 -37.02 14.67 10.08
C ASP A 552 -38.27 14.15 10.78
N LEU A 553 -38.18 13.93 12.09
CA LEU A 553 -39.37 13.50 12.85
C LEU A 553 -40.48 14.52 12.72
N PHE A 554 -40.15 15.80 12.92
CA PHE A 554 -41.16 16.86 12.76
C PHE A 554 -41.71 16.89 11.34
N ALA A 555 -40.83 16.77 10.34
CA ALA A 555 -41.29 16.78 8.95
C ALA A 555 -42.19 15.59 8.64
N ASP A 556 -42.03 14.49 9.37
CA ASP A 556 -42.81 13.28 9.08
C ASP A 556 -44.03 13.12 9.97
N ILE A 557 -44.13 13.88 11.07
CA ILE A 557 -45.31 13.77 11.92
C ILE A 557 -46.23 14.98 11.82
N GLY A 558 -45.70 16.20 11.59
CA GLY A 558 -46.51 17.39 11.78
C GLY A 558 -47.76 17.42 10.92
N GLY A 559 -47.65 16.99 9.67
CA GLY A 559 -48.81 17.04 8.78
C GLY A 559 -49.97 16.22 9.30
N THR A 560 -49.69 15.01 9.78
CA THR A 560 -50.71 14.21 10.44
C THR A 560 -51.16 14.85 11.75
N LEU A 561 -50.19 15.22 12.58
CA LEU A 561 -50.47 15.58 13.97
C LEU A 561 -51.35 16.82 14.05
N GLY A 562 -51.13 17.79 13.17
CA GLY A 562 -51.90 19.02 13.22
C GLY A 562 -53.40 18.79 13.08
N LEU A 563 -53.79 17.93 12.14
CA LEU A 563 -55.21 17.58 11.98
C LEU A 563 -55.68 16.59 13.02
N TRP A 564 -54.82 15.65 13.42
CA TRP A 564 -55.32 14.54 14.23
C TRP A 564 -55.38 14.84 15.73
N MET A 565 -54.61 15.81 16.25
CA MET A 565 -54.94 16.30 17.58
C MET A 565 -56.29 16.99 17.60
N GLY A 566 -56.59 17.74 16.54
CA GLY A 566 -57.91 18.35 16.45
C GLY A 566 -59.03 17.33 16.38
N ILE A 567 -58.82 16.25 15.62
CA ILE A 567 -59.85 15.22 15.55
C ILE A 567 -59.94 14.47 16.88
N SER A 568 -58.82 14.37 17.63
CA SER A 568 -58.91 13.81 18.98
C SER A 568 -59.76 14.71 19.88
N VAL A 569 -59.62 16.02 19.75
CA VAL A 569 -60.47 16.94 20.50
C VAL A 569 -61.93 16.74 20.10
N LEU A 570 -62.18 16.53 18.80
CA LEU A 570 -63.53 16.22 18.34
C LEU A 570 -64.06 14.96 18.99
N THR A 571 -63.23 13.91 19.07
CA THR A 571 -63.66 12.68 19.72
C THR A 571 -63.99 12.91 21.18
N ILE A 572 -63.18 13.71 21.87
CA ILE A 572 -63.46 14.04 23.27
C ILE A 572 -64.84 14.69 23.40
N MET A 573 -65.07 15.74 22.62
CA MET A 573 -66.31 16.49 22.70
C MET A 573 -67.50 15.60 22.38
N GLU A 574 -67.37 14.75 21.37
CA GLU A 574 -68.46 13.84 21.01
C GLU A 574 -68.62 12.74 22.04
N LEU A 575 -67.57 12.42 22.79
CA LEU A 575 -67.63 11.28 23.71
C LEU A 575 -68.30 11.65 25.03
N MET A 576 -67.71 12.56 25.81
CA MET A 576 -68.30 12.79 27.13
C MET A 576 -69.14 14.06 27.20
N GLU A 577 -69.49 14.65 26.07
CA GLU A 577 -70.45 15.74 26.04
C GLU A 577 -71.37 15.62 24.83
N ARG B 91 -73.61 23.30 -3.53
CA ARG B 91 -72.29 23.52 -2.97
C ARG B 91 -71.50 22.22 -2.90
N LYS B 92 -72.22 21.09 -2.91
CA LYS B 92 -71.58 19.78 -2.81
C LYS B 92 -70.77 19.43 -4.05
N VAL B 93 -70.97 20.13 -5.16
CA VAL B 93 -70.19 19.87 -6.37
C VAL B 93 -68.72 20.20 -6.13
N ILE B 94 -68.45 21.35 -5.52
CA ILE B 94 -67.09 21.72 -5.17
C ILE B 94 -66.50 20.71 -4.20
N TRP B 95 -67.30 20.28 -3.22
CA TRP B 95 -66.86 19.26 -2.28
C TRP B 95 -66.43 17.99 -3.00
N ALA B 96 -67.27 17.50 -3.90
CA ALA B 96 -66.94 16.26 -4.63
C ALA B 96 -65.70 16.44 -5.49
N LEU B 97 -65.58 17.58 -6.18
CA LEU B 97 -64.43 17.78 -7.06
C LEU B 97 -63.13 17.85 -6.26
N MET B 98 -63.12 18.60 -5.16
CA MET B 98 -61.89 18.72 -4.38
C MET B 98 -61.55 17.39 -3.69
N VAL B 99 -62.57 16.65 -3.26
CA VAL B 99 -62.33 15.33 -2.66
C VAL B 99 -61.74 14.39 -3.69
N ILE B 100 -62.26 14.42 -4.92
CA ILE B 100 -61.75 13.55 -5.97
C ILE B 100 -60.31 13.91 -6.30
N ILE B 101 -60.00 15.21 -6.39
CA ILE B 101 -58.63 15.63 -6.70
C ILE B 101 -57.69 15.19 -5.58
N GLY B 102 -58.09 15.40 -4.33
CA GLY B 102 -57.26 14.99 -3.21
C GLY B 102 -57.06 13.48 -3.16
N PHE B 103 -58.12 12.73 -3.46
CA PHE B 103 -58.02 11.27 -3.47
C PHE B 103 -57.06 10.81 -4.56
N THR B 104 -57.17 11.38 -5.76
CA THR B 104 -56.25 11.01 -6.83
C THR B 104 -54.82 11.34 -6.47
N ALA B 105 -54.59 12.52 -5.88
CA ALA B 105 -53.24 12.89 -5.48
C ALA B 105 -52.69 11.93 -4.44
N ALA B 106 -53.50 11.64 -3.41
CA ALA B 106 -53.03 10.77 -2.33
C ALA B 106 -52.77 9.35 -2.82
N THR B 107 -53.65 8.82 -3.68
CA THR B 107 -53.45 7.45 -4.15
C THR B 107 -52.32 7.36 -5.17
N LEU B 108 -52.08 8.42 -5.94
CA LEU B 108 -50.90 8.42 -6.80
C LEU B 108 -49.63 8.48 -5.98
N GLN B 109 -49.65 9.25 -4.88
CA GLN B 109 -48.51 9.28 -3.98
C GLN B 109 -48.26 7.91 -3.35
N LEU B 110 -49.33 7.25 -2.90
CA LEU B 110 -49.20 5.92 -2.33
C LEU B 110 -48.70 4.92 -3.35
N SER B 111 -49.18 5.02 -4.59
CA SER B 111 -48.71 4.14 -5.66
C SER B 111 -47.23 4.39 -5.94
N LEU B 112 -46.81 5.66 -5.90
CA LEU B 112 -45.41 5.96 -6.11
C LEU B 112 -44.55 5.35 -5.00
N LEU B 113 -45.04 5.41 -3.76
CA LEU B 113 -44.29 4.82 -2.65
C LEU B 113 -44.20 3.30 -2.78
N VAL B 114 -45.33 2.65 -3.08
CA VAL B 114 -45.30 1.20 -3.18
C VAL B 114 -44.51 0.76 -4.40
N ARG B 115 -44.43 1.60 -5.43
CA ARG B 115 -43.56 1.31 -6.56
C ARG B 115 -42.10 1.44 -6.16
N LYS B 116 -41.76 2.47 -5.40
CA LYS B 116 -40.40 2.62 -4.89
C LYS B 116 -40.00 1.40 -4.07
N TYR B 117 -40.93 0.87 -3.29
CA TYR B 117 -40.66 -0.37 -2.56
C TYR B 117 -40.56 -1.56 -3.50
N LEU B 118 -41.31 -1.54 -4.61
CA LEU B 118 -41.33 -2.69 -5.51
C LEU B 118 -39.97 -2.89 -6.16
N GLN B 119 -39.29 -1.81 -6.53
CA GLN B 119 -37.90 -1.89 -6.96
C GLN B 119 -37.05 -2.02 -5.71
N PHE B 120 -36.65 -3.26 -5.39
CA PHE B 120 -35.96 -3.55 -4.14
C PHE B 120 -34.54 -3.01 -4.21
N GLN B 121 -34.43 -1.69 -4.05
CA GLN B 121 -33.12 -1.05 -4.03
C GLN B 121 -32.39 -1.39 -2.74
N VAL B 122 -31.06 -1.31 -2.81
CA VAL B 122 -30.21 -1.51 -1.64
C VAL B 122 -29.19 -0.38 -1.59
N VAL B 123 -28.68 -0.13 -0.40
CA VAL B 123 -27.65 0.88 -0.17
C VAL B 123 -26.58 0.28 0.73
N GLU B 124 -25.32 0.53 0.41
CA GLU B 124 -24.22 0.05 1.24
C GLU B 124 -23.91 1.08 2.30
N LEU B 125 -24.00 0.67 3.56
CA LEU B 125 -23.68 1.51 4.70
C LEU B 125 -22.37 1.03 5.32
N SER B 126 -21.41 1.92 5.44
CA SER B 126 -20.11 1.58 6.01
C SER B 126 -20.03 2.08 7.44
N GLU B 127 -19.69 1.20 8.36
CA GLU B 127 -19.48 1.58 9.75
C GLU B 127 -18.29 0.83 10.31
N ILE B 128 -17.55 1.49 11.20
CA ILE B 128 -16.38 0.90 11.82
C ILE B 128 -16.80 0.25 13.12
N LYS B 129 -16.82 -1.08 13.15
CA LYS B 129 -17.16 -1.84 14.36
C LYS B 129 -15.86 -2.15 15.10
N ASP B 130 -15.71 -1.59 16.29
CA ASP B 130 -14.49 -1.76 17.06
C ASP B 130 -14.61 -2.85 18.11
N SER B 131 -15.74 -3.55 18.19
CA SER B 131 -15.94 -4.56 19.21
C SER B 131 -16.14 -5.97 18.66
N MET B 132 -16.44 -6.11 17.37
CA MET B 132 -16.66 -7.45 16.84
C MET B 132 -15.34 -8.19 16.71
N PRO B 133 -15.33 -9.50 16.96
CA PRO B 133 -14.06 -10.25 16.87
C PRO B 133 -13.59 -10.36 15.43
N VAL B 134 -12.31 -10.15 15.23
CA VAL B 134 -11.71 -10.15 13.91
C VAL B 134 -11.20 -11.55 13.61
N GLU B 135 -11.56 -12.08 12.45
CA GLU B 135 -11.15 -13.41 12.04
C GLU B 135 -9.82 -13.29 11.31
N TYR B 136 -8.79 -13.92 11.84
CA TYR B 136 -7.49 -13.85 11.19
C TYR B 136 -7.57 -14.51 9.82
N PRO B 137 -6.97 -13.90 8.80
CA PRO B 137 -7.12 -14.43 7.44
C PRO B 137 -6.45 -15.77 7.22
N SER B 138 -6.58 -16.27 6.01
CA SER B 138 -5.85 -17.45 5.57
C SER B 138 -4.68 -16.98 4.73
N VAL B 139 -3.49 -17.47 5.06
CA VAL B 139 -2.25 -16.98 4.47
C VAL B 139 -1.63 -18.11 3.66
N THR B 140 -1.58 -17.96 2.35
CA THR B 140 -0.98 -18.95 1.48
C THR B 140 0.37 -18.44 1.01
N ILE B 141 1.43 -19.12 1.40
CA ILE B 141 2.78 -18.78 0.97
C ILE B 141 3.20 -19.76 -0.12
N CYS B 142 3.76 -19.22 -1.19
CA CYS B 142 4.21 -20.00 -2.33
C CYS B 142 5.64 -19.56 -2.58
N ASN B 143 6.46 -20.44 -3.14
CA ASN B 143 7.78 -20.02 -3.55
C ASN B 143 7.70 -19.55 -5.00
N ILE B 144 8.16 -18.32 -5.25
CA ILE B 144 8.04 -17.75 -6.58
C ILE B 144 8.78 -18.60 -7.59
N GLU B 145 9.89 -19.20 -7.19
CA GLU B 145 10.56 -20.19 -8.02
C GLU B 145 9.95 -21.55 -7.71
N PRO B 146 9.21 -22.17 -8.63
CA PRO B 146 8.50 -23.40 -8.31
C PRO B 146 9.45 -24.56 -8.04
N ILE B 147 10.38 -24.77 -8.94
CA ILE B 147 11.34 -25.85 -8.81
C ILE B 147 12.43 -25.47 -7.82
N SER B 148 13.13 -26.47 -7.32
CA SER B 148 14.27 -26.27 -6.44
C SER B 148 15.51 -26.81 -7.14
N LEU B 149 16.51 -25.96 -7.32
CA LEU B 149 17.71 -26.39 -8.01
C LEU B 149 18.47 -27.45 -7.21
N ARG B 150 18.30 -27.45 -5.89
CA ARG B 150 18.97 -28.45 -5.06
C ARG B 150 18.47 -29.85 -5.37
N LYS B 151 17.15 -30.03 -5.41
CA LYS B 151 16.60 -31.34 -5.72
C LYS B 151 16.93 -31.75 -7.14
N ILE B 152 16.98 -30.78 -8.05
CA ILE B 152 17.36 -31.05 -9.43
C ILE B 152 18.78 -31.58 -9.51
N ARG B 153 19.71 -30.91 -8.82
CA ARG B 153 21.10 -31.35 -8.81
C ARG B 153 21.23 -32.72 -8.16
N LYS B 154 20.51 -32.94 -7.07
CA LYS B 154 20.52 -34.25 -6.43
C LYS B 154 20.05 -35.34 -7.40
N ALA B 155 19.00 -35.04 -8.17
CA ALA B 155 18.48 -36.00 -9.13
C ALA B 155 19.51 -36.32 -10.21
N TYR B 156 20.18 -35.31 -10.75
CA TYR B 156 21.24 -35.60 -11.73
C TYR B 156 22.39 -36.41 -11.12
N ASN B 157 22.77 -36.11 -9.88
CA ASN B 157 23.82 -36.92 -9.24
C ASN B 157 23.38 -38.36 -9.09
N LYS B 158 22.10 -38.60 -8.92
CA LYS B 158 21.53 -39.94 -8.94
C LYS B 158 21.07 -40.27 -10.36
N ASN B 159 20.29 -41.34 -10.52
CA ASN B 159 19.82 -41.76 -11.83
C ASN B 159 18.30 -41.88 -11.89
N GLU B 160 17.59 -41.01 -11.17
CA GLU B 160 16.14 -40.95 -11.24
C GLU B 160 15.64 -39.70 -11.95
N SER B 161 16.54 -38.91 -12.53
CA SER B 161 16.17 -37.73 -13.28
C SER B 161 15.96 -38.01 -14.76
N GLN B 162 16.02 -39.29 -15.16
CA GLN B 162 15.98 -39.64 -16.57
C GLN B 162 14.78 -39.02 -17.28
N ASN B 163 13.60 -39.12 -16.66
CA ASN B 163 12.41 -38.52 -17.24
C ASN B 163 12.65 -37.05 -17.55
N LEU B 164 13.12 -36.30 -16.55
CA LEU B 164 13.47 -34.90 -16.78
C LEU B 164 14.52 -34.80 -17.89
N LYS B 165 15.58 -35.60 -17.81
CA LYS B 165 16.59 -35.57 -18.85
C LYS B 165 15.99 -35.93 -20.20
N ASP B 166 14.98 -36.80 -20.21
CA ASP B 166 14.26 -37.06 -21.45
C ASP B 166 13.42 -35.85 -21.84
N TRP B 167 12.67 -35.32 -20.87
CA TRP B 167 11.70 -34.27 -21.17
C TRP B 167 12.38 -33.05 -21.79
N LEU B 168 13.44 -32.56 -21.15
CA LEU B 168 14.22 -31.50 -21.76
C LEU B 168 14.67 -31.90 -23.15
N ASN B 169 15.27 -33.08 -23.28
CA ASN B 169 15.75 -33.54 -24.57
C ASN B 169 14.63 -33.60 -25.59
N PHE B 170 13.40 -33.72 -25.13
CA PHE B 170 12.26 -33.76 -26.03
C PHE B 170 11.74 -32.36 -26.34
N THR B 171 11.59 -31.54 -25.32
CA THR B 171 11.01 -30.21 -25.52
C THR B 171 11.90 -29.27 -26.32
N GLN B 172 13.16 -29.64 -26.53
CA GLN B 172 14.07 -28.80 -27.30
C GLN B 172 14.33 -29.35 -28.70
N THR B 173 14.30 -30.67 -28.83
CA THR B 173 14.55 -31.29 -30.14
C THR B 173 13.45 -31.01 -31.15
N PHE B 174 12.20 -31.09 -30.71
CA PHE B 174 11.08 -30.90 -31.63
C PHE B 174 10.52 -29.50 -31.59
N HIS B 175 9.91 -29.05 -32.68
CA HIS B 175 9.31 -27.74 -32.71
C HIS B 175 7.88 -27.82 -32.21
N PHE B 176 7.50 -26.87 -31.36
CA PHE B 176 6.15 -26.85 -30.82
C PHE B 176 5.57 -25.45 -30.93
N LYS B 177 4.27 -25.36 -31.18
CA LYS B 177 3.63 -24.05 -31.19
C LYS B 177 3.65 -23.56 -29.77
N ASP B 178 3.59 -22.24 -29.57
CA ASP B 178 3.68 -21.70 -28.22
C ASP B 178 4.92 -22.28 -27.59
N MET B 179 5.99 -22.21 -28.27
CA MET B 179 7.26 -22.75 -27.82
C MET B 179 7.61 -22.24 -26.43
N SER B 180 7.17 -21.03 -26.10
CA SER B 180 7.44 -20.47 -24.78
C SER B 180 6.70 -21.23 -23.69
N PHE B 181 5.55 -21.81 -24.00
CA PHE B 181 4.80 -22.55 -22.98
C PHE B 181 5.53 -23.83 -22.59
N MET B 182 5.96 -24.62 -23.57
CA MET B 182 6.61 -25.88 -23.24
C MET B 182 8.12 -25.76 -23.16
N ASN B 183 8.67 -24.55 -23.24
CA ASN B 183 9.97 -24.29 -22.66
C ASN B 183 9.87 -23.79 -21.23
N SER B 184 8.68 -23.85 -20.64
CA SER B 184 8.46 -23.38 -19.29
C SER B 184 8.35 -24.56 -18.33
N ILE B 185 8.07 -24.24 -17.07
CA ILE B 185 7.98 -25.27 -16.03
C ILE B 185 6.56 -25.79 -15.89
N ARG B 186 5.55 -25.01 -16.27
CA ARG B 186 4.17 -25.48 -16.21
C ARG B 186 3.97 -26.68 -17.13
N ALA B 187 4.54 -26.64 -18.32
CA ALA B 187 4.44 -27.80 -19.21
C ALA B 187 5.16 -28.99 -18.63
N PHE B 188 6.29 -28.77 -17.97
CA PHE B 188 6.99 -29.85 -17.29
C PHE B 188 6.10 -30.49 -16.24
N TYR B 189 5.36 -29.67 -15.50
CA TYR B 189 4.40 -30.20 -14.52
C TYR B 189 3.31 -31.00 -15.22
N GLU B 190 2.75 -30.44 -16.28
CA GLU B 190 1.58 -31.05 -16.91
C GLU B 190 1.92 -32.39 -17.55
N ASN B 191 3.04 -32.46 -18.26
CA ASN B 191 3.32 -33.66 -19.04
C ASN B 191 3.97 -34.75 -18.21
N LEU B 192 4.49 -34.41 -17.03
CA LEU B 192 4.95 -35.41 -16.07
C LEU B 192 4.84 -34.81 -14.68
N GLY B 193 3.73 -35.12 -14.01
CA GLY B 193 3.40 -34.51 -12.73
C GLY B 193 4.21 -35.00 -11.56
N SER B 194 4.46 -36.31 -11.50
CA SER B 194 5.16 -36.88 -10.34
C SER B 194 6.56 -36.30 -10.20
N ASP B 195 7.28 -36.18 -11.31
CA ASP B 195 8.62 -35.60 -11.26
C ASP B 195 8.56 -34.13 -10.86
N ALA B 196 7.54 -33.41 -11.31
CA ALA B 196 7.37 -32.02 -10.89
C ALA B 196 7.16 -31.93 -9.39
N LYS B 197 6.35 -32.82 -8.83
CA LYS B 197 6.20 -32.85 -7.37
C LYS B 197 7.52 -33.16 -6.70
N LYS B 198 8.28 -34.12 -7.24
CA LYS B 198 9.56 -34.48 -6.66
C LYS B 198 10.58 -33.37 -6.75
N ILE B 199 10.37 -32.40 -7.64
CA ILE B 199 11.32 -31.31 -7.83
C ILE B 199 10.88 -30.07 -7.05
N SER B 200 9.58 -29.96 -6.79
CA SER B 200 9.05 -28.76 -6.16
C SER B 200 9.55 -28.63 -4.72
N HIS B 201 9.29 -27.46 -4.13
CA HIS B 201 9.77 -27.15 -2.79
C HIS B 201 8.92 -27.80 -1.71
N ASP B 202 9.55 -28.14 -0.59
CA ASP B 202 8.89 -28.69 0.59
C ASP B 202 8.89 -27.65 1.72
N LEU B 203 7.80 -27.64 2.50
CA LEU B 203 7.61 -26.59 3.51
C LEU B 203 8.65 -26.65 4.60
N ARG B 204 8.98 -27.87 5.07
CA ARG B 204 10.19 -28.08 5.85
C ARG B 204 11.35 -27.24 5.34
N ASP B 205 11.74 -27.43 4.08
CA ASP B 205 12.91 -26.71 3.61
C ASP B 205 12.63 -25.24 3.42
N LEU B 206 11.36 -24.91 3.18
CA LEU B 206 10.95 -23.55 2.88
C LEU B 206 10.73 -22.74 4.14
N LEU B 207 9.85 -23.21 5.01
CA LEU B 207 9.55 -22.50 6.25
C LEU B 207 10.56 -22.90 7.31
N ILE B 208 11.33 -21.93 7.78
CA ILE B 208 12.40 -22.27 8.70
C ILE B 208 12.00 -21.95 10.14
N HIS B 209 11.12 -20.99 10.36
CA HIS B 209 10.63 -20.68 11.70
C HIS B 209 9.26 -20.03 11.59
N CYS B 210 8.31 -20.50 12.39
CA CYS B 210 6.96 -19.95 12.36
C CYS B 210 6.51 -19.62 13.78
N ARG B 211 5.76 -18.53 13.92
CA ARG B 211 5.34 -18.08 15.24
C ARG B 211 4.05 -17.29 15.09
N PHE B 212 2.96 -17.80 15.64
CA PHE B 212 1.65 -17.19 15.51
C PHE B 212 1.11 -16.89 16.91
N ASN B 213 0.65 -15.65 17.11
CA ASN B 213 0.05 -15.23 18.37
C ASN B 213 0.97 -15.54 19.55
N ARG B 214 2.26 -15.25 19.37
CA ARG B 214 3.28 -15.45 20.41
C ARG B 214 3.46 -16.91 20.80
N GLU B 215 2.91 -17.83 20.01
CA GLU B 215 3.07 -19.25 20.23
C GLU B 215 3.73 -19.88 19.02
N GLU B 216 4.66 -20.79 19.28
CA GLU B 216 5.38 -21.45 18.18
C GLU B 216 4.43 -22.28 17.34
N CYS B 217 4.60 -22.21 16.04
CA CYS B 217 3.86 -23.04 15.09
C CYS B 217 4.84 -23.74 14.18
N THR B 218 4.45 -24.91 13.70
CA THR B 218 5.31 -25.73 12.88
C THR B 218 4.69 -25.91 11.50
N THR B 219 5.29 -26.78 10.70
CA THR B 219 4.74 -27.10 9.39
C THR B 219 3.39 -27.82 9.48
N GLU B 220 3.01 -28.29 10.67
CA GLU B 220 1.74 -28.97 10.84
C GLU B 220 0.55 -28.03 10.80
N ASN B 221 0.78 -26.72 10.80
CA ASN B 221 -0.29 -25.74 10.73
C ASN B 221 -0.54 -25.25 9.31
N PHE B 222 0.19 -25.78 8.33
CA PHE B 222 0.05 -25.39 6.93
C PHE B 222 -0.44 -26.57 6.13
N THR B 223 -1.52 -26.38 5.38
CA THR B 223 -2.01 -27.39 4.48
C THR B 223 -1.39 -27.18 3.11
N SER B 224 -0.78 -28.23 2.57
CA SER B 224 -0.18 -28.13 1.25
C SER B 224 -1.25 -28.14 0.17
N SER B 225 -0.92 -27.53 -0.96
CA SER B 225 -1.76 -27.55 -2.15
C SER B 225 -0.87 -27.29 -3.34
N PHE B 226 -1.41 -27.51 -4.53
CA PHE B 226 -0.61 -27.37 -5.74
C PHE B 226 -1.20 -26.31 -6.66
N ASP B 227 -0.29 -25.61 -7.33
CA ASP B 227 -0.64 -24.56 -8.28
C ASP B 227 0.44 -24.55 -9.35
N GLY B 228 0.03 -24.75 -10.61
CA GLY B 228 0.98 -24.64 -11.69
C GLY B 228 1.61 -23.26 -11.74
N ASN B 229 2.92 -23.23 -11.95
CA ASN B 229 3.86 -22.09 -11.99
C ASN B 229 4.13 -21.57 -10.57
N TYR B 230 3.41 -22.09 -9.59
CA TYR B 230 3.64 -21.84 -8.17
C TYR B 230 3.55 -23.15 -7.43
N PHE B 231 4.31 -24.16 -7.90
CA PHE B 231 4.02 -25.57 -7.69
C PHE B 231 3.43 -25.88 -6.32
N ASN B 232 4.19 -25.65 -5.26
CA ASN B 232 3.73 -25.96 -3.91
C ASN B 232 3.33 -24.69 -3.20
N CYS B 233 2.09 -24.67 -2.69
CA CYS B 233 1.56 -23.51 -1.98
C CYS B 233 0.98 -23.98 -0.66
N PHE B 234 1.44 -23.40 0.44
CA PHE B 234 1.11 -23.87 1.77
C PHE B 234 0.26 -22.83 2.48
N THR B 235 -0.86 -23.27 3.02
CA THR B 235 -1.88 -22.38 3.57
C THR B 235 -1.92 -22.52 5.09
N PHE B 236 -1.57 -21.44 5.78
CA PHE B 236 -1.82 -21.31 7.21
C PHE B 236 -3.22 -20.79 7.44
N ASN B 237 -3.88 -21.32 8.47
CA ASN B 237 -5.27 -20.98 8.78
C ASN B 237 -6.17 -21.27 7.59
N GLY B 238 -5.99 -22.45 7.00
CA GLY B 238 -6.73 -22.84 5.82
C GLY B 238 -8.15 -23.30 6.08
N GLY B 239 -8.57 -23.36 7.32
CA GLY B 239 -9.92 -23.76 7.65
C GLY B 239 -10.16 -25.25 7.66
N GLN B 240 -9.11 -26.06 7.54
CA GLN B 240 -9.25 -27.52 7.52
C GLN B 240 -8.70 -28.18 8.78
N LEU B 241 -7.47 -27.86 9.17
CA LEU B 241 -6.88 -28.47 10.35
C LEU B 241 -7.63 -28.05 11.62
N ARG B 242 -7.94 -26.77 11.75
CA ARG B 242 -8.70 -26.24 12.86
C ARG B 242 -9.89 -25.47 12.31
N ASP B 243 -10.85 -25.15 13.18
CA ASP B 243 -12.08 -24.51 12.71
C ASP B 243 -11.78 -23.14 12.09
N GLN B 244 -11.35 -22.18 12.90
CA GLN B 244 -10.95 -20.85 12.45
C GLN B 244 -10.04 -20.24 13.49
N LEU B 245 -9.32 -19.20 13.09
CA LEU B 245 -8.39 -18.51 13.97
C LEU B 245 -8.83 -17.06 14.12
N GLN B 246 -8.65 -16.52 15.32
CA GLN B 246 -9.07 -15.17 15.63
C GLN B 246 -7.92 -14.35 16.20
N MET B 247 -7.86 -13.09 15.77
CA MET B 247 -7.02 -12.07 16.38
C MET B 247 -7.81 -11.28 17.41
N HIS B 248 -7.35 -11.33 18.65
CA HIS B 248 -7.81 -10.45 19.71
C HIS B 248 -6.78 -9.40 20.05
N ALA B 249 -5.71 -9.29 19.25
CA ALA B 249 -4.63 -8.37 19.54
C ALA B 249 -3.98 -7.92 18.24
N THR B 250 -3.58 -6.67 18.18
CA THR B 250 -3.00 -6.08 17.00
C THR B 250 -1.48 -6.14 17.04
N GLY B 251 -0.85 -5.58 16.02
CA GLY B 251 0.58 -5.44 15.98
C GLY B 251 1.28 -6.67 15.45
N PRO B 252 2.52 -6.51 15.02
CA PRO B 252 3.27 -7.65 14.48
C PRO B 252 3.67 -8.66 15.52
N GLU B 253 3.62 -8.30 16.81
CA GLU B 253 3.93 -9.28 17.85
C GLU B 253 2.86 -10.35 17.93
N ASN B 254 1.59 -9.94 17.86
CA ASN B 254 0.46 -10.87 17.93
C ASN B 254 -0.02 -11.11 16.50
N GLY B 255 0.74 -11.92 15.78
CA GLY B 255 0.44 -12.20 14.39
C GLY B 255 1.40 -13.23 13.86
N LEU B 256 1.18 -13.60 12.60
CA LEU B 256 2.02 -14.61 11.99
C LEU B 256 3.40 -14.04 11.69
N SER B 257 4.44 -14.79 12.04
CA SER B 257 5.81 -14.44 11.71
C SER B 257 6.47 -15.66 11.13
N LEU B 258 7.00 -15.52 9.91
CA LEU B 258 7.57 -16.64 9.17
C LEU B 258 8.97 -16.25 8.74
N ILE B 259 9.97 -16.91 9.28
CA ILE B 259 11.30 -16.88 8.70
C ILE B 259 11.34 -17.99 7.67
N ILE B 260 11.43 -17.60 6.40
CA ILE B 260 11.33 -18.49 5.25
C ILE B 260 12.62 -18.42 4.48
N SER B 261 13.18 -19.57 4.14
CA SER B 261 14.30 -19.64 3.23
C SER B 261 13.77 -20.01 1.85
N ILE B 262 13.93 -19.10 0.89
CA ILE B 262 13.48 -19.37 -0.47
C ILE B 262 14.29 -20.45 -1.15
N GLU B 263 15.33 -20.97 -0.48
CA GLU B 263 16.13 -22.08 -0.97
C GLU B 263 16.67 -21.78 -2.36
N LYS B 264 17.05 -20.53 -2.58
CA LYS B 264 17.65 -20.12 -3.85
C LYS B 264 19.05 -20.72 -3.90
N ASP B 265 19.16 -21.84 -4.60
CA ASP B 265 20.41 -22.58 -4.68
C ASP B 265 21.03 -22.37 -6.04
N GLU B 266 22.35 -22.31 -6.08
CA GLU B 266 23.03 -22.08 -7.34
C GLU B 266 22.82 -23.26 -8.28
N PRO B 267 22.66 -23.01 -9.57
CA PRO B 267 22.31 -24.10 -10.49
C PRO B 267 23.46 -25.05 -10.77
N LEU B 268 23.25 -25.97 -11.69
CA LEU B 268 24.31 -26.88 -12.11
C LEU B 268 25.42 -26.09 -12.80
N PRO B 269 26.64 -26.62 -12.81
CA PRO B 269 27.78 -25.83 -13.32
C PRO B 269 27.59 -25.28 -14.72
N GLY B 270 26.95 -26.03 -15.62
CA GLY B 270 26.79 -25.55 -16.98
C GLY B 270 25.34 -25.48 -17.42
N THR B 271 24.47 -25.04 -16.52
CA THR B 271 23.03 -25.04 -16.76
C THR B 271 22.46 -23.66 -16.49
N TYR B 272 21.55 -23.23 -17.36
CA TYR B 272 20.83 -21.97 -17.18
C TYR B 272 19.36 -22.20 -17.53
N GLY B 273 18.49 -21.57 -16.76
CA GLY B 273 17.07 -21.68 -17.04
C GLY B 273 16.65 -20.84 -18.22
N VAL B 274 15.48 -21.17 -18.75
CA VAL B 274 14.92 -20.48 -19.91
C VAL B 274 13.91 -19.46 -19.42
N TYR B 275 14.13 -18.19 -19.74
CA TYR B 275 13.22 -17.14 -19.33
C TYR B 275 11.98 -17.19 -20.19
N ASN B 276 10.85 -17.55 -19.58
CA ASN B 276 9.56 -17.57 -20.27
C ASN B 276 9.04 -16.15 -20.32
N PHE B 277 9.17 -15.51 -21.47
CA PHE B 277 8.80 -14.10 -21.60
C PHE B 277 7.31 -13.88 -21.73
N GLU B 278 6.53 -14.94 -21.90
CA GLU B 278 5.08 -14.84 -21.82
C GLU B 278 4.57 -15.06 -20.40
N ASN B 279 5.41 -14.81 -19.41
CA ASN B 279 5.10 -15.05 -18.01
C ASN B 279 5.57 -13.82 -17.23
N ASN B 280 4.63 -13.07 -16.68
CA ASN B 280 4.93 -11.80 -16.05
C ASN B 280 5.26 -11.91 -14.56
N ILE B 281 5.22 -13.11 -13.98
CA ILE B 281 5.37 -13.24 -12.54
C ILE B 281 6.52 -14.14 -12.12
N LEU B 282 7.01 -15.04 -12.96
CA LEU B 282 7.99 -16.01 -12.52
C LEU B 282 9.40 -15.47 -12.72
N HIS B 283 10.40 -16.34 -12.56
CA HIS B 283 11.81 -15.99 -12.73
C HIS B 283 12.23 -14.91 -11.74
N SER B 284 11.63 -14.93 -10.56
CA SER B 284 11.91 -13.96 -9.51
C SER B 284 12.17 -14.70 -8.22
N ALA B 285 12.99 -14.11 -7.36
CA ALA B 285 13.29 -14.67 -6.05
C ALA B 285 12.40 -14.02 -5.01
N GLY B 286 11.75 -14.84 -4.20
CA GLY B 286 10.92 -14.33 -3.14
C GLY B 286 9.83 -15.32 -2.79
N VAL B 287 8.85 -14.82 -2.04
CA VAL B 287 7.72 -15.61 -1.61
C VAL B 287 6.46 -14.89 -2.07
N ARG B 288 5.56 -15.63 -2.70
CA ARG B 288 4.27 -15.09 -3.13
C ARG B 288 3.26 -15.36 -2.01
N VAL B 289 2.75 -14.30 -1.40
CA VAL B 289 1.87 -14.40 -0.24
C VAL B 289 0.47 -14.00 -0.66
N VAL B 290 -0.50 -14.82 -0.31
CA VAL B 290 -1.91 -14.50 -0.53
C VAL B 290 -2.56 -14.39 0.83
N VAL B 291 -3.04 -13.20 1.17
CA VAL B 291 -3.79 -12.98 2.39
C VAL B 291 -5.25 -12.91 1.97
N HIS B 292 -5.97 -14.02 2.13
CA HIS B 292 -7.32 -14.13 1.61
C HIS B 292 -8.28 -14.52 2.73
N ALA B 293 -9.56 -14.43 2.42
CA ALA B 293 -10.58 -14.71 3.41
C ALA B 293 -10.41 -16.14 3.93
N PRO B 294 -10.61 -16.35 5.22
CA PRO B 294 -10.43 -17.71 5.75
C PRO B 294 -11.40 -18.69 5.11
N GLY B 295 -10.89 -19.86 4.75
CA GLY B 295 -11.71 -20.88 4.11
C GLY B 295 -11.98 -20.67 2.64
N SER B 296 -11.28 -19.73 2.03
CA SER B 296 -11.46 -19.42 0.61
C SER B 296 -10.23 -19.83 -0.16
N MET B 297 -10.42 -20.42 -1.34
CA MET B 297 -9.27 -20.85 -2.14
C MET B 297 -8.38 -19.70 -2.54
N PRO B 298 -7.08 -19.90 -2.38
CA PRO B 298 -6.08 -18.89 -2.73
C PRO B 298 -5.89 -18.75 -4.23
N SER B 299 -5.54 -17.54 -4.68
CA SER B 299 -5.27 -17.27 -6.08
C SER B 299 -3.87 -16.68 -6.13
N PRO B 300 -2.85 -17.51 -6.02
CA PRO B 300 -1.48 -16.96 -5.91
C PRO B 300 -1.09 -16.07 -7.07
N VAL B 301 -1.56 -16.40 -8.27
CA VAL B 301 -1.25 -15.55 -9.42
C VAL B 301 -2.02 -14.24 -9.34
N ASP B 302 -3.35 -14.32 -9.30
CA ASP B 302 -4.17 -13.11 -9.43
C ASP B 302 -4.14 -12.27 -8.16
N HIS B 303 -4.22 -12.91 -6.99
CA HIS B 303 -4.41 -12.18 -5.75
C HIS B 303 -3.19 -12.12 -4.87
N GLY B 304 -2.13 -12.82 -5.20
CA GLY B 304 -0.94 -12.79 -4.37
C GLY B 304 -0.11 -11.54 -4.58
N PHE B 305 0.69 -11.23 -3.57
CA PHE B 305 1.69 -10.19 -3.64
C PHE B 305 3.03 -10.80 -3.27
N ASP B 306 4.08 -10.40 -3.97
CA ASP B 306 5.37 -11.03 -3.82
C ASP B 306 6.24 -10.26 -2.82
N ILE B 307 7.20 -10.98 -2.25
CA ILE B 307 7.99 -10.48 -1.12
C ILE B 307 9.44 -10.90 -1.32
N PRO B 308 10.41 -9.99 -1.15
CA PRO B 308 11.77 -10.28 -1.56
C PRO B 308 12.57 -10.92 -0.45
N PRO B 309 13.59 -11.69 -0.78
CA PRO B 309 14.48 -12.24 0.25
C PRO B 309 15.39 -11.16 0.82
N GLY B 310 15.91 -11.45 2.00
CA GLY B 310 16.79 -10.51 2.67
C GLY B 310 16.11 -9.32 3.28
N TYR B 311 14.78 -9.32 3.37
CA TYR B 311 14.05 -8.23 3.97
C TYR B 311 12.97 -8.81 4.87
N SER B 312 12.84 -8.23 6.05
CA SER B 312 11.68 -8.48 6.91
C SER B 312 10.56 -7.60 6.39
N SER B 313 9.53 -8.21 5.82
CA SER B 313 8.40 -7.50 5.27
C SER B 313 7.20 -7.71 6.18
N SER B 314 6.63 -6.60 6.63
CA SER B 314 5.48 -6.61 7.53
C SER B 314 4.26 -6.21 6.73
N VAL B 315 3.26 -7.06 6.75
CA VAL B 315 1.99 -6.87 6.07
C VAL B 315 0.96 -6.59 7.15
N GLY B 316 0.63 -5.32 7.34
CA GLY B 316 -0.40 -4.94 8.28
C GLY B 316 -1.75 -4.97 7.57
N LEU B 317 -2.72 -5.61 8.20
CA LEU B 317 -4.02 -5.84 7.60
C LEU B 317 -5.09 -5.04 8.30
N LYS B 318 -5.98 -4.45 7.52
CA LYS B 318 -7.20 -3.85 8.02
C LYS B 318 -8.37 -4.65 7.48
N ALA B 319 -9.22 -5.16 8.37
CA ALA B 319 -10.26 -6.10 8.00
C ALA B 319 -11.51 -5.37 7.51
N LEU B 320 -12.01 -5.78 6.34
CA LEU B 320 -13.24 -5.26 5.76
C LEU B 320 -14.24 -6.39 5.67
N LEU B 321 -15.42 -6.19 6.24
CA LEU B 321 -16.48 -7.17 6.22
C LEU B 321 -17.61 -6.64 5.36
N HIS B 322 -17.83 -7.24 4.20
CA HIS B 322 -18.89 -6.82 3.30
C HIS B 322 -20.02 -7.84 3.41
N THR B 323 -21.13 -7.43 4.00
CA THR B 323 -22.30 -8.29 4.14
C THR B 323 -23.35 -7.85 3.14
N ARG B 324 -23.85 -8.81 2.38
CA ARG B 324 -24.83 -8.54 1.33
C ARG B 324 -26.20 -9.05 1.73
N LEU B 325 -27.18 -8.73 0.91
CA LEU B 325 -28.57 -9.10 1.15
C LEU B 325 -28.96 -10.23 0.21
N SER B 326 -29.64 -11.23 0.76
CA SER B 326 -30.15 -12.35 -0.02
C SER B 326 -31.44 -11.91 -0.72
N GLU B 327 -32.18 -12.88 -1.24
CA GLU B 327 -33.46 -12.58 -1.85
C GLU B 327 -34.39 -11.94 -0.83
N PRO B 328 -35.25 -10.99 -1.24
CA PRO B 328 -35.43 -10.55 -2.62
C PRO B 328 -34.56 -9.35 -3.01
N TYR B 329 -33.82 -8.79 -2.05
CA TYR B 329 -33.04 -7.60 -2.32
C TYR B 329 -31.85 -7.91 -3.22
N GLY B 330 -31.18 -9.04 -2.99
CA GLY B 330 -30.09 -9.45 -3.83
C GLY B 330 -30.18 -10.92 -4.19
N ASN B 331 -29.06 -11.51 -4.59
CA ASN B 331 -29.07 -12.94 -4.93
C ASN B 331 -27.86 -13.67 -4.37
N CYS B 332 -27.19 -13.12 -3.36
CA CYS B 332 -26.08 -13.82 -2.73
C CYS B 332 -26.57 -15.07 -2.01
N THR B 333 -25.67 -16.05 -1.87
CA THR B 333 -25.95 -17.24 -1.09
C THR B 333 -24.75 -17.58 -0.23
N GLU B 334 -25.03 -18.23 0.89
CA GLU B 334 -24.00 -18.73 1.79
C GLU B 334 -23.57 -20.15 1.42
N ASP B 335 -23.23 -20.34 0.15
CA ASP B 335 -22.86 -21.64 -0.37
C ASP B 335 -21.35 -21.86 -0.18
N SER B 336 -20.83 -22.91 -0.80
CA SER B 336 -19.41 -23.22 -0.73
C SER B 336 -18.96 -23.77 -2.07
N LEU B 337 -17.83 -23.28 -2.55
CA LEU B 337 -17.30 -23.76 -3.81
C LEU B 337 -16.76 -25.17 -3.65
N GLU B 338 -16.68 -25.89 -4.77
CA GLU B 338 -16.26 -27.29 -4.74
C GLU B 338 -14.78 -27.46 -5.09
N GLY B 339 -14.39 -27.08 -6.30
CA GLY B 339 -13.00 -27.23 -6.71
C GLY B 339 -12.46 -28.61 -6.40
N ILE B 340 -11.22 -28.66 -5.90
CA ILE B 340 -10.71 -29.88 -5.32
C ILE B 340 -11.33 -30.12 -3.95
N GLN B 341 -11.41 -29.08 -3.13
CA GLN B 341 -11.88 -29.18 -1.76
C GLN B 341 -12.84 -28.04 -1.48
N THR B 342 -13.76 -28.27 -0.54
CA THR B 342 -14.79 -27.29 -0.22
C THR B 342 -14.17 -25.97 0.23
N TYR B 343 -14.36 -24.92 -0.57
CA TYR B 343 -13.85 -23.60 -0.28
C TYR B 343 -14.99 -22.67 0.09
N ARG B 344 -14.71 -21.71 0.96
CA ARG B 344 -15.69 -20.66 1.23
C ARG B 344 -15.89 -19.84 -0.03
N ASN B 345 -17.14 -19.49 -0.31
CA ASN B 345 -17.47 -18.89 -1.60
C ASN B 345 -16.91 -17.48 -1.69
N THR B 346 -16.19 -17.22 -2.78
CA THR B 346 -15.83 -15.87 -3.20
C THR B 346 -16.10 -15.76 -4.68
N PHE B 347 -16.51 -14.57 -5.11
CA PHE B 347 -16.96 -14.39 -6.48
C PHE B 347 -15.85 -14.71 -7.48
N PHE B 348 -14.64 -14.22 -7.23
CA PHE B 348 -13.55 -14.45 -8.16
C PHE B 348 -13.19 -15.92 -8.25
N ALA B 349 -13.14 -16.60 -7.10
CA ALA B 349 -12.80 -18.02 -7.11
C ALA B 349 -13.84 -18.82 -7.86
N CYS B 350 -15.11 -18.47 -7.69
CA CYS B 350 -16.16 -19.16 -8.43
C CYS B 350 -16.07 -18.87 -9.91
N LEU B 351 -15.70 -17.65 -10.29
CA LEU B 351 -15.50 -17.34 -11.69
C LEU B 351 -14.37 -18.19 -12.27
N GLN B 352 -13.28 -18.37 -11.52
CA GLN B 352 -12.20 -19.21 -11.98
C GLN B 352 -12.66 -20.67 -12.13
N LEU B 353 -13.44 -21.16 -11.18
CA LEU B 353 -13.92 -22.54 -11.27
C LEU B 353 -14.85 -22.72 -12.48
N CYS B 354 -15.74 -21.75 -12.73
CA CYS B 354 -16.63 -21.91 -13.87
C CYS B 354 -15.89 -21.71 -15.18
N LYS B 355 -14.82 -20.91 -15.18
CA LYS B 355 -13.93 -20.85 -16.35
C LYS B 355 -13.29 -22.21 -16.60
N GLN B 356 -12.83 -22.86 -15.54
CA GLN B 356 -12.23 -24.18 -15.70
C GLN B 356 -13.25 -25.19 -16.21
N ARG B 357 -14.49 -25.12 -15.72
CA ARG B 357 -15.53 -26.02 -16.20
C ARG B 357 -15.88 -25.75 -17.66
N ARG B 358 -15.97 -24.47 -18.05
CA ARG B 358 -16.21 -24.14 -19.45
C ARG B 358 -15.09 -24.64 -20.32
N LEU B 359 -13.85 -24.52 -19.84
CA LEU B 359 -12.72 -25.02 -20.59
C LEU B 359 -12.77 -26.54 -20.72
N ILE B 360 -13.19 -27.23 -19.67
CA ILE B 360 -13.34 -28.68 -19.70
C ILE B 360 -14.43 -29.09 -20.70
N ARG B 361 -15.48 -28.29 -20.81
CA ARG B 361 -16.55 -28.62 -21.74
C ARG B 361 -16.17 -28.34 -23.19
N GLU B 362 -15.66 -27.13 -23.46
CA GLU B 362 -15.37 -26.74 -24.84
C GLU B 362 -14.29 -27.62 -25.45
N CYS B 363 -13.16 -27.74 -24.78
CA CYS B 363 -12.12 -28.70 -25.15
C CYS B 363 -12.02 -29.75 -24.07
N LYS B 364 -11.57 -30.95 -24.44
CA LYS B 364 -11.65 -32.07 -23.53
C LYS B 364 -10.45 -32.11 -22.60
N CYS B 365 -9.83 -30.96 -22.36
CA CYS B 365 -8.69 -30.89 -21.45
C CYS B 365 -8.91 -29.85 -20.37
N LYS B 366 -7.88 -29.61 -19.56
CA LYS B 366 -7.97 -28.78 -18.38
C LYS B 366 -6.71 -27.93 -18.29
N SER B 367 -6.84 -26.74 -17.70
CA SER B 367 -5.72 -25.81 -17.62
C SER B 367 -5.12 -25.83 -16.23
N SER B 368 -3.79 -25.85 -16.17
CA SER B 368 -3.08 -25.76 -14.90
C SER B 368 -3.02 -24.34 -14.37
N ALA B 369 -3.33 -23.35 -15.21
CA ALA B 369 -3.42 -21.97 -14.72
C ALA B 369 -4.64 -21.78 -13.83
N LEU B 370 -5.75 -22.42 -14.18
CA LEU B 370 -7.00 -22.32 -13.44
C LEU B 370 -7.01 -23.32 -12.29
N PRO B 371 -7.94 -23.17 -11.34
CA PRO B 371 -8.03 -24.15 -10.25
C PRO B 371 -8.26 -25.56 -10.76
N ASP B 372 -7.63 -26.52 -10.10
CA ASP B 372 -7.76 -27.91 -10.48
C ASP B 372 -9.16 -28.42 -10.16
N LEU B 373 -9.60 -29.43 -10.91
CA LEU B 373 -10.94 -29.96 -10.73
C LEU B 373 -10.96 -31.47 -10.54
N SER B 374 -9.96 -32.15 -11.10
CA SER B 374 -9.82 -33.61 -10.97
C SER B 374 -11.08 -34.32 -11.46
N VAL B 375 -11.38 -34.16 -12.74
CA VAL B 375 -12.52 -34.79 -13.38
C VAL B 375 -11.99 -35.85 -14.33
N GLU B 376 -12.40 -37.10 -14.12
CA GLU B 376 -12.01 -38.18 -15.02
C GLU B 376 -12.89 -38.12 -16.27
N ASN B 377 -12.27 -38.37 -17.43
CA ASN B 377 -10.86 -38.68 -17.54
C ASN B 377 -10.08 -37.49 -18.09
N ILE B 378 -10.51 -36.29 -17.69
CA ILE B 378 -9.94 -35.07 -18.22
C ILE B 378 -8.52 -34.90 -17.69
N THR B 379 -7.59 -34.59 -18.59
CA THR B 379 -6.20 -34.32 -18.25
C THR B 379 -5.89 -32.86 -18.53
N PHE B 380 -4.63 -32.48 -18.33
CA PHE B 380 -4.21 -31.11 -18.52
C PHE B 380 -4.11 -30.77 -20.00
N CYS B 381 -4.51 -29.56 -20.36
CA CYS B 381 -4.21 -29.04 -21.69
C CYS B 381 -2.72 -28.89 -21.84
N GLY B 382 -2.23 -29.10 -23.05
CA GLY B 382 -0.80 -29.11 -23.26
C GLY B 382 -0.12 -30.37 -22.80
N VAL B 383 -0.86 -31.46 -22.65
CA VAL B 383 -0.27 -32.77 -22.40
C VAL B 383 -0.10 -33.47 -23.73
N ILE B 384 1.14 -33.76 -24.08
CA ILE B 384 1.42 -34.60 -25.25
C ILE B 384 1.44 -36.04 -24.74
N PRO B 385 0.38 -36.81 -24.98
CA PRO B 385 0.27 -38.12 -24.32
C PRO B 385 1.41 -39.07 -24.64
N ASP B 386 1.94 -39.03 -25.85
CA ASP B 386 2.98 -39.95 -26.28
C ASP B 386 4.33 -39.26 -26.42
N TRP B 387 4.58 -38.22 -25.62
CA TRP B 387 5.83 -37.48 -25.77
C TRP B 387 7.04 -38.37 -25.49
N LYS B 388 6.91 -39.31 -24.57
CA LYS B 388 8.00 -40.26 -24.36
C LYS B 388 8.24 -41.10 -25.61
N ASP B 389 7.15 -41.52 -26.27
CA ASP B 389 7.29 -42.30 -27.50
C ASP B 389 7.85 -41.44 -28.63
N ILE B 390 7.45 -40.16 -28.68
CA ILE B 390 7.96 -39.28 -29.72
C ILE B 390 9.46 -39.05 -29.54
N ARG B 391 9.89 -38.79 -28.30
CA ARG B 391 11.30 -38.60 -28.03
C ARG B 391 12.08 -39.87 -28.33
N ARG B 392 11.56 -41.02 -27.91
CA ARG B 392 12.19 -42.29 -28.25
C ARG B 392 11.96 -42.56 -29.73
N ASN B 393 12.92 -42.16 -30.56
CA ASN B 393 12.78 -42.20 -32.00
C ASN B 393 12.92 -43.65 -32.51
N VAL B 394 11.98 -44.48 -32.04
CA VAL B 394 12.03 -45.91 -32.36
C VAL B 394 11.84 -46.13 -33.86
N THR B 395 10.97 -45.33 -34.48
CA THR B 395 10.80 -45.32 -35.92
C THR B 395 10.97 -43.89 -36.41
N GLY B 396 11.74 -43.71 -37.47
CA GLY B 396 12.19 -42.39 -37.86
C GLY B 396 11.19 -41.54 -38.63
N GLU B 397 9.94 -41.53 -38.21
CA GLU B 397 8.97 -40.61 -38.80
C GLU B 397 8.97 -39.25 -38.13
N TYR B 398 9.76 -39.08 -37.07
CA TYR B 398 9.83 -37.82 -36.33
C TYR B 398 11.15 -37.15 -36.69
N LYS B 399 11.10 -36.29 -37.71
CA LYS B 399 12.30 -35.59 -38.15
C LYS B 399 12.75 -34.58 -37.11
N MET B 400 14.04 -34.25 -37.15
CA MET B 400 14.59 -33.25 -36.26
C MET B 400 13.89 -31.91 -36.47
N ASN B 401 13.59 -31.23 -35.36
CA ASN B 401 12.95 -29.93 -35.36
C ASN B 401 11.56 -29.96 -36.00
N GLN B 402 10.93 -31.14 -36.04
CA GLN B 402 9.60 -31.26 -36.63
C GLN B 402 8.54 -30.67 -35.69
N THR B 403 7.52 -30.06 -36.28
CA THR B 403 6.41 -29.53 -35.49
C THR B 403 5.61 -30.66 -34.87
N ILE B 404 5.16 -30.44 -33.63
CA ILE B 404 4.33 -31.38 -32.90
C ILE B 404 2.96 -30.72 -32.71
N PRO B 405 1.86 -31.41 -33.02
CA PRO B 405 0.55 -30.73 -33.12
C PRO B 405 0.11 -29.96 -31.89
N THR B 406 -0.04 -30.64 -30.75
CA THR B 406 -0.57 -30.05 -29.52
C THR B 406 -1.88 -29.31 -29.78
N ILE B 407 -2.88 -30.09 -30.21
CA ILE B 407 -4.19 -29.51 -30.51
C ILE B 407 -4.86 -29.00 -29.24
N SER B 408 -4.78 -29.76 -28.16
CA SER B 408 -5.46 -29.37 -26.93
C SER B 408 -4.90 -28.07 -26.38
N LEU B 409 -3.58 -27.88 -26.47
CA LEU B 409 -2.98 -26.63 -26.01
C LEU B 409 -3.50 -25.44 -26.81
N ALA B 410 -3.59 -25.60 -28.13
CA ALA B 410 -4.10 -24.51 -28.95
C ALA B 410 -5.56 -24.21 -28.64
N CYS B 411 -6.37 -25.25 -28.43
CA CYS B 411 -7.77 -25.03 -28.10
C CYS B 411 -7.91 -24.33 -26.74
N GLU B 412 -7.09 -24.73 -25.76
CA GLU B 412 -7.10 -24.07 -24.48
C GLU B 412 -6.68 -22.61 -24.60
N ALA B 413 -5.67 -22.33 -25.43
CA ALA B 413 -5.26 -20.95 -25.64
C ALA B 413 -6.39 -20.14 -26.27
N ARG B 414 -7.09 -20.72 -27.24
CA ARG B 414 -8.21 -20.03 -27.89
C ARG B 414 -9.31 -19.71 -26.89
N VAL B 415 -9.71 -20.69 -26.10
CA VAL B 415 -10.81 -20.48 -25.15
C VAL B 415 -10.39 -19.52 -24.06
N GLN B 416 -9.14 -19.61 -23.60
CA GLN B 416 -8.65 -18.69 -22.58
C GLN B 416 -8.60 -17.26 -23.11
N LYS B 417 -8.17 -17.08 -24.36
CA LYS B 417 -8.18 -15.75 -24.95
C LYS B 417 -9.59 -15.21 -25.04
N GLN B 418 -10.54 -16.04 -25.48
CA GLN B 418 -11.92 -15.58 -25.60
C GLN B 418 -12.51 -15.23 -24.24
N LEU B 419 -12.15 -15.98 -23.20
CA LEU B 419 -12.65 -15.69 -21.86
C LEU B 419 -12.00 -14.47 -21.26
N ASN B 420 -10.70 -14.26 -21.54
CA ASN B 420 -9.98 -13.13 -20.97
C ASN B 420 -10.32 -11.83 -21.66
N ASN B 421 -10.70 -11.87 -22.92
CA ASN B 421 -11.04 -10.66 -23.67
C ASN B 421 -12.53 -10.39 -23.73
N ASP B 422 -13.34 -11.14 -22.98
CA ASP B 422 -14.79 -10.95 -23.01
C ASP B 422 -15.37 -11.43 -21.68
N ARG B 423 -16.09 -10.56 -21.00
CA ARG B 423 -16.66 -10.87 -19.69
C ARG B 423 -18.09 -11.39 -19.77
N SER B 424 -18.60 -11.64 -20.98
CA SER B 424 -19.99 -12.09 -21.10
C SER B 424 -20.20 -13.46 -20.45
N TYR B 425 -19.14 -14.26 -20.35
CA TYR B 425 -19.27 -15.55 -19.69
C TYR B 425 -19.62 -15.43 -18.23
N GLU B 426 -19.34 -14.26 -17.61
CA GLU B 426 -19.54 -14.12 -16.17
C GLU B 426 -21.00 -14.31 -15.78
N THR B 427 -21.93 -14.04 -16.70
CA THR B 427 -23.34 -14.21 -16.41
C THR B 427 -23.88 -15.56 -16.83
N GLU B 428 -23.09 -16.37 -17.53
CA GLU B 428 -23.54 -17.70 -17.91
C GLU B 428 -23.39 -18.70 -16.77
N CYS B 429 -22.15 -18.87 -16.31
CA CYS B 429 -21.91 -19.74 -15.17
C CYS B 429 -22.52 -19.08 -13.95
N GLY B 430 -23.04 -17.87 -14.12
CA GLY B 430 -23.69 -17.18 -13.02
C GLY B 430 -22.89 -17.12 -11.74
N CYS B 431 -23.29 -17.92 -10.74
CA CYS B 431 -22.65 -17.89 -9.43
C CYS B 431 -22.94 -16.56 -8.76
N TYR B 432 -22.73 -16.46 -7.45
CA TYR B 432 -23.10 -15.24 -6.75
C TYR B 432 -22.07 -14.79 -5.73
N GLN B 433 -22.09 -13.51 -5.42
CA GLN B 433 -21.19 -13.00 -4.40
C GLN B 433 -21.51 -13.64 -3.08
N PRO B 434 -20.49 -13.91 -2.26
CA PRO B 434 -20.79 -14.45 -0.94
C PRO B 434 -21.57 -13.42 -0.13
N CYS B 435 -22.77 -13.95 0.57
CA CYS B 435 -23.54 -13.02 1.37
C CYS B 435 -22.66 -12.28 2.37
N SER B 436 -21.68 -12.97 2.94
CA SER B 436 -20.72 -12.36 3.85
C SER B 436 -19.32 -12.63 3.32
N GLU B 437 -18.57 -11.56 3.08
CA GLU B 437 -17.23 -11.65 2.53
C GLU B 437 -16.27 -10.87 3.41
N THR B 438 -15.04 -11.35 3.52
CA THR B 438 -14.01 -10.69 4.30
C THR B 438 -12.83 -10.39 3.39
N SER B 439 -12.44 -9.13 3.31
CA SER B 439 -11.28 -8.69 2.56
C SER B 439 -10.35 -7.95 3.49
N TYR B 440 -9.16 -7.61 2.99
CA TYR B 440 -8.15 -6.97 3.81
C TYR B 440 -7.42 -5.91 3.00
N LEU B 441 -7.35 -4.71 3.56
CA LEU B 441 -6.39 -3.73 3.06
C LEU B 441 -5.04 -4.04 3.66
N LYS B 442 -4.08 -4.40 2.82
CA LYS B 442 -2.75 -4.74 3.29
C LYS B 442 -1.79 -3.60 2.99
N SER B 443 -0.99 -3.24 4.00
CA SER B 443 0.10 -2.29 3.85
C SER B 443 1.39 -3.06 4.10
N VAL B 444 2.20 -3.18 3.07
CA VAL B 444 3.44 -3.96 3.13
C VAL B 444 4.59 -2.98 3.27
N SER B 445 5.41 -3.17 4.29
CA SER B 445 6.58 -2.35 4.51
C SER B 445 7.76 -3.26 4.82
N LEU B 446 8.85 -3.07 4.11
CA LEU B 446 9.99 -3.97 4.24
C LEU B 446 11.15 -3.26 4.93
N SER B 447 12.05 -4.06 5.49
CA SER B 447 13.22 -3.53 6.15
C SER B 447 14.37 -4.53 5.98
N TYR B 448 15.59 -4.03 6.10
CA TYR B 448 16.77 -4.86 5.86
C TYR B 448 16.93 -5.86 7.00
N TRP B 449 16.83 -7.14 6.68
CA TRP B 449 16.86 -8.19 7.69
C TRP B 449 17.65 -9.38 7.19
N PRO B 450 18.40 -10.06 8.07
CA PRO B 450 18.63 -9.64 9.45
C PRO B 450 19.90 -8.82 9.58
N LEU B 451 20.02 -8.05 10.65
CA LEU B 451 21.28 -7.34 10.92
C LEU B 451 22.44 -8.32 10.98
N GLU B 452 23.59 -7.87 10.50
CA GLU B 452 24.79 -8.68 10.56
C GLU B 452 25.17 -9.03 11.99
N PHE B 453 24.71 -8.24 12.95
CA PHE B 453 24.94 -8.54 14.37
C PHE B 453 24.27 -9.84 14.78
N TYR B 454 23.04 -10.05 14.31
CA TYR B 454 22.23 -11.17 14.78
C TYR B 454 22.23 -12.36 13.83
N GLN B 455 23.00 -12.30 12.74
CA GLN B 455 22.95 -13.37 11.75
C GLN B 455 23.49 -14.67 12.30
N LEU B 456 24.57 -14.61 13.09
CA LEU B 456 25.12 -15.84 13.66
C LEU B 456 24.16 -16.48 14.64
N SER B 457 23.57 -15.69 15.54
CA SER B 457 22.64 -16.24 16.51
C SER B 457 21.41 -16.79 15.81
N ALA B 458 21.00 -16.18 14.70
CA ALA B 458 19.95 -16.78 13.90
C ALA B 458 20.38 -18.14 13.37
N LEU B 459 21.47 -18.18 12.60
CA LEU B 459 21.86 -19.41 11.91
C LEU B 459 22.04 -20.55 12.90
N GLU B 460 22.54 -20.26 14.09
CA GLU B 460 22.72 -21.31 15.09
C GLU B 460 21.39 -22.00 15.37
N ARG B 461 20.32 -21.24 15.62
CA ARG B 461 19.06 -21.88 15.93
C ARG B 461 18.45 -22.54 14.70
N PHE B 462 18.61 -21.92 13.52
CA PHE B 462 18.03 -22.56 12.34
C PHE B 462 18.63 -23.94 12.12
N PHE B 463 19.95 -24.07 12.28
CA PHE B 463 20.56 -25.41 12.28
C PHE B 463 20.03 -26.27 13.42
N SER B 464 20.08 -25.75 14.65
CA SER B 464 19.77 -26.58 15.81
C SER B 464 18.35 -27.15 15.72
N GLN B 465 17.49 -26.53 14.92
CA GLN B 465 16.13 -27.03 14.83
C GLN B 465 15.88 -27.81 13.54
N LYS B 466 16.51 -27.44 12.42
CA LYS B 466 16.03 -27.94 11.14
C LYS B 466 17.03 -28.69 10.27
N ASN B 467 18.34 -28.49 10.41
CA ASN B 467 19.28 -29.04 9.44
C ASN B 467 20.29 -29.95 10.10
N PRO B 468 20.15 -31.28 9.96
CA PRO B 468 21.21 -32.19 10.44
C PRO B 468 22.18 -32.62 9.35
N THR B 469 21.90 -32.29 8.09
CA THR B 469 22.65 -32.85 6.97
C THR B 469 22.99 -31.74 5.98
N ASP B 470 23.44 -32.14 4.79
CA ASP B 470 23.71 -31.24 3.68
C ASP B 470 24.77 -30.19 4.03
N GLN B 471 26.01 -30.65 4.22
CA GLN B 471 27.13 -29.74 4.44
C GLN B 471 27.28 -28.76 3.29
N GLN B 472 26.95 -29.18 2.08
CA GLN B 472 26.97 -28.30 0.92
C GLN B 472 25.67 -27.49 0.87
N HIS B 473 25.50 -26.54 1.99
CA HIS B 473 24.32 -25.68 2.08
C HIS B 473 24.73 -24.25 2.40
N PHE B 474 23.92 -23.29 1.98
CA PHE B 474 24.27 -21.88 2.20
C PHE B 474 24.36 -21.55 3.68
N MET B 475 23.40 -22.01 4.47
CA MET B 475 23.41 -21.72 5.90
C MET B 475 24.68 -22.29 6.52
N LYS B 476 25.07 -23.47 5.98
CA LYS B 476 26.30 -23.97 6.60
C LYS B 476 27.54 -23.17 6.24
N ILE B 477 27.70 -22.81 4.96
CA ILE B 477 28.84 -22.00 4.58
C ILE B 477 28.79 -20.63 5.25
N ALA B 478 27.61 -20.02 5.32
CA ALA B 478 27.46 -18.76 6.05
C ALA B 478 27.76 -18.90 7.53
N GLN B 479 27.28 -19.98 8.16
CA GLN B 479 27.54 -20.16 9.59
C GLN B 479 29.02 -20.40 9.86
N ASP B 480 29.73 -21.06 8.95
CA ASP B 480 31.18 -21.21 9.13
C ASP B 480 31.87 -19.85 9.20
N PHE B 481 31.56 -18.96 8.27
CA PHE B 481 32.12 -17.61 8.26
C PHE B 481 31.79 -16.88 9.54
N LEU B 482 30.51 -16.87 9.92
CA LEU B 482 30.11 -16.12 11.10
C LEU B 482 30.73 -16.68 12.37
N SER B 483 30.83 -18.00 12.47
CA SER B 483 31.40 -18.61 13.66
C SER B 483 32.90 -18.39 13.75
N ARG B 484 33.60 -18.34 12.62
CA ARG B 484 35.01 -17.99 12.71
C ARG B 484 35.21 -16.50 12.97
N LEU B 485 34.22 -15.67 12.62
CA LEU B 485 34.29 -14.27 13.04
C LEU B 485 34.10 -14.12 14.55
N ALA B 486 33.11 -14.82 15.11
CA ALA B 486 32.78 -14.66 16.52
C ALA B 486 33.69 -15.44 17.44
N HIS B 487 34.50 -16.35 16.92
CA HIS B 487 35.44 -17.13 17.72
C HIS B 487 36.81 -17.11 17.05
N PRO B 488 37.47 -15.95 17.05
CA PRO B 488 38.81 -15.88 16.45
C PRO B 488 39.83 -16.75 17.16
N GLN B 489 39.69 -16.91 18.48
CA GLN B 489 40.63 -17.69 19.28
C GLN B 489 42.07 -17.24 19.10
N THR B 506 38.98 -3.97 18.92
CA THR B 506 39.71 -3.62 17.70
C THR B 506 38.76 -3.37 16.55
N SER B 507 39.16 -3.76 15.35
CA SER B 507 38.30 -3.57 14.18
C SER B 507 38.41 -4.75 13.23
N TYR B 508 37.34 -5.01 12.49
CA TYR B 508 37.35 -6.12 11.54
C TYR B 508 38.43 -5.95 10.50
N SER B 509 39.17 -7.02 10.23
CA SER B 509 40.19 -6.96 9.20
C SER B 509 39.50 -7.00 7.85
N LEU B 510 40.23 -6.70 6.79
CA LEU B 510 39.64 -6.75 5.45
C LEU B 510 39.06 -8.12 5.21
N SER B 511 39.82 -9.16 5.55
CA SER B 511 39.32 -10.52 5.38
C SER B 511 38.12 -10.73 6.28
N GLU B 512 38.25 -10.36 7.55
CA GLU B 512 37.12 -10.48 8.45
C GLU B 512 35.93 -9.77 7.85
N LYS B 513 36.17 -8.60 7.29
CA LYS B 513 35.09 -7.87 6.64
C LYS B 513 34.56 -8.63 5.43
N GLU B 514 35.46 -9.22 4.65
CA GLU B 514 35.02 -10.01 3.50
C GLU B 514 34.18 -11.20 3.94
N MET B 515 34.58 -11.90 5.01
CA MET B 515 33.81 -13.02 5.51
C MET B 515 32.44 -12.57 5.98
N ALA B 516 32.39 -11.47 6.73
CA ALA B 516 31.10 -10.97 7.21
C ALA B 516 30.19 -10.61 6.04
N LYS B 517 30.76 -9.96 5.03
CA LYS B 517 29.95 -9.57 3.87
C LYS B 517 29.47 -10.79 3.10
N GLU B 518 30.31 -11.80 2.91
CA GLU B 518 29.87 -12.97 2.16
C GLU B 518 28.79 -13.73 2.92
N ALA B 519 28.92 -13.83 4.25
CA ALA B 519 27.86 -14.45 5.04
C ALA B 519 26.56 -13.66 4.91
N SER B 520 26.64 -12.33 4.97
CA SER B 520 25.43 -11.51 4.89
C SER B 520 24.77 -11.65 3.53
N ASP B 521 25.55 -11.64 2.44
CA ASP B 521 24.97 -11.85 1.12
C ASP B 521 24.31 -13.22 0.99
N LEU B 522 24.95 -14.28 1.47
CA LEU B 522 24.29 -15.59 1.40
C LEU B 522 22.97 -15.57 2.16
N ILE B 523 23.00 -15.13 3.42
CA ILE B 523 21.80 -15.17 4.25
C ILE B 523 20.69 -14.33 3.63
N ARG B 524 21.04 -13.14 3.13
CA ARG B 524 20.01 -12.23 2.64
C ARG B 524 19.61 -12.55 1.22
N GLN B 525 20.35 -13.42 0.55
CA GLN B 525 19.87 -13.95 -0.72
C GLN B 525 18.89 -15.08 -0.49
N ASN B 526 19.02 -15.80 0.63
CA ASN B 526 18.18 -16.96 0.85
C ASN B 526 17.06 -16.76 1.85
N LEU B 527 17.23 -15.87 2.84
CA LEU B 527 16.32 -15.82 3.97
C LEU B 527 15.47 -14.56 3.92
N LEU B 528 14.26 -14.66 4.45
CA LEU B 528 13.41 -13.49 4.60
C LEU B 528 12.47 -13.69 5.78
N ARG B 529 12.15 -12.61 6.49
CA ARG B 529 11.13 -12.66 7.51
C ARG B 529 9.87 -12.02 6.96
N LEU B 530 8.72 -12.59 7.29
CA LEU B 530 7.44 -12.11 6.84
C LEU B 530 6.52 -12.07 8.05
N ASN B 531 6.13 -10.87 8.46
CA ASN B 531 5.11 -10.71 9.49
C ASN B 531 3.81 -10.35 8.82
N ILE B 532 2.73 -10.99 9.25
CA ILE B 532 1.39 -10.69 8.77
C ILE B 532 0.52 -10.49 9.99
N TYR B 533 -0.09 -9.31 10.11
CA TYR B 533 -0.76 -8.96 11.35
C TYR B 533 -1.89 -7.99 11.06
N LEU B 534 -2.76 -7.84 12.04
CA LEU B 534 -3.84 -6.87 11.98
C LEU B 534 -3.32 -5.56 12.58
N GLU B 535 -3.35 -4.49 11.78
CA GLU B 535 -3.00 -3.17 12.31
C GLU B 535 -3.98 -2.74 13.39
N ASP B 536 -5.27 -2.95 13.14
CA ASP B 536 -6.30 -2.57 14.10
C ASP B 536 -7.40 -3.62 14.05
N LEU B 537 -8.08 -3.79 15.18
CA LEU B 537 -9.18 -4.74 15.30
C LEU B 537 -10.52 -4.11 14.97
N SER B 538 -10.53 -2.88 14.50
CA SER B 538 -11.76 -2.22 14.06
C SER B 538 -12.08 -2.69 12.65
N VAL B 539 -13.09 -3.53 12.52
CA VAL B 539 -13.49 -4.04 11.21
C VAL B 539 -14.38 -3.01 10.53
N VAL B 540 -14.05 -2.66 9.29
CA VAL B 540 -14.88 -1.75 8.50
C VAL B 540 -15.93 -2.60 7.81
N GLU B 541 -17.18 -2.45 8.22
CA GLU B 541 -18.27 -3.30 7.73
C GLU B 541 -19.11 -2.50 6.75
N TYR B 542 -19.19 -2.99 5.52
CA TYR B 542 -20.09 -2.48 4.50
C TYR B 542 -21.29 -3.42 4.47
N ARG B 543 -22.40 -2.97 5.04
CA ARG B 543 -23.61 -3.77 5.11
C ARG B 543 -24.62 -3.27 4.08
N GLN B 544 -25.18 -4.18 3.30
CA GLN B 544 -26.22 -3.81 2.35
C GLN B 544 -27.56 -3.76 3.08
N LEU B 545 -28.24 -2.62 2.98
CA LEU B 545 -29.48 -2.40 3.67
C LEU B 545 -30.58 -2.05 2.67
N PRO B 546 -31.82 -2.45 2.94
CA PRO B 546 -32.92 -2.07 2.06
C PRO B 546 -33.07 -0.56 2.01
N ALA B 547 -33.02 -0.02 0.79
CA ALA B 547 -33.16 1.43 0.64
C ALA B 547 -34.52 1.90 1.11
N TYR B 548 -35.57 1.13 0.82
CA TYR B 548 -36.93 1.43 1.26
C TYR B 548 -37.44 0.19 1.96
N GLY B 549 -37.22 0.14 3.27
CA GLY B 549 -37.67 -0.99 4.05
C GLY B 549 -39.18 -1.06 4.14
N LEU B 550 -39.67 -2.27 4.39
CA LEU B 550 -41.11 -2.47 4.49
C LEU B 550 -41.68 -1.69 5.67
N ALA B 551 -40.95 -1.66 6.79
CA ALA B 551 -41.34 -0.82 7.91
C ALA B 551 -41.40 0.65 7.50
N ASP B 552 -40.48 1.07 6.61
CA ASP B 552 -40.54 2.43 6.10
C ASP B 552 -41.79 2.65 5.24
N LEU B 553 -42.14 1.65 4.42
CA LEU B 553 -43.37 1.76 3.63
C LEU B 553 -44.58 1.93 4.53
N PHE B 554 -44.68 1.10 5.57
CA PHE B 554 -45.80 1.24 6.51
C PHE B 554 -45.77 2.61 7.20
N ALA B 555 -44.59 3.06 7.63
CA ALA B 555 -44.49 4.37 8.28
C ALA B 555 -44.87 5.51 7.34
N ASP B 556 -44.71 5.31 6.03
CA ASP B 556 -45.00 6.37 5.08
C ASP B 556 -46.38 6.28 4.45
N ILE B 557 -47.07 5.14 4.57
CA ILE B 557 -48.41 5.02 4.01
C ILE B 557 -49.50 5.02 5.07
N GLY B 558 -49.26 4.47 6.26
CA GLY B 558 -50.35 4.19 7.18
C GLY B 558 -51.16 5.41 7.56
N GLY B 559 -50.49 6.54 7.79
CA GLY B 559 -51.21 7.74 8.20
C GLY B 559 -52.23 8.19 7.17
N THR B 560 -51.85 8.17 5.89
CA THR B 560 -52.80 8.43 4.82
C THR B 560 -53.85 7.33 4.74
N LEU B 561 -53.38 6.08 4.70
CA LEU B 561 -54.24 4.96 4.34
C LEU B 561 -55.37 4.77 5.34
N GLY B 562 -55.09 4.97 6.63
CA GLY B 562 -56.12 4.77 7.64
C GLY B 562 -57.34 5.64 7.43
N LEU B 563 -57.13 6.92 7.11
CA LEU B 563 -58.25 7.82 6.82
C LEU B 563 -58.80 7.61 5.41
N TRP B 564 -57.94 7.30 4.44
CA TRP B 564 -58.40 7.33 3.06
C TRP B 564 -59.09 6.04 2.60
N MET B 565 -58.84 4.90 3.23
CA MET B 565 -59.75 3.78 3.01
C MET B 565 -61.14 4.08 3.53
N GLY B 566 -61.21 4.74 4.68
CA GLY B 566 -62.51 5.16 5.20
C GLY B 566 -63.22 6.13 4.28
N ILE B 567 -62.48 7.09 3.71
CA ILE B 567 -63.12 8.02 2.79
C ILE B 567 -63.49 7.32 1.49
N SER B 568 -62.74 6.27 1.09
CA SER B 568 -63.18 5.46 -0.05
C SER B 568 -64.50 4.75 0.25
N VAL B 569 -64.66 4.25 1.48
CA VAL B 569 -65.93 3.66 1.88
C VAL B 569 -67.04 4.71 1.82
N LEU B 570 -66.73 5.94 2.26
CA LEU B 570 -67.68 7.04 2.13
C LEU B 570 -68.08 7.27 0.68
N THR B 571 -67.10 7.27 -0.22
CA THR B 571 -67.40 7.46 -1.64
C THR B 571 -68.30 6.34 -2.15
N ILE B 572 -68.04 5.10 -1.74
CA ILE B 572 -68.89 3.97 -2.14
C ILE B 572 -70.33 4.23 -1.71
N MET B 573 -70.51 4.52 -0.41
CA MET B 573 -71.85 4.69 0.13
C MET B 573 -72.57 5.84 -0.56
N GLU B 574 -71.86 6.95 -0.81
CA GLU B 574 -72.47 8.09 -1.48
C GLU B 574 -72.72 7.80 -2.95
N LEU B 575 -71.97 6.86 -3.54
CA LEU B 575 -72.07 6.62 -4.98
C LEU B 575 -73.25 5.72 -5.33
N MET B 576 -73.24 4.47 -4.87
CA MET B 576 -74.32 3.59 -5.34
C MET B 576 -75.41 3.38 -4.31
N GLU B 577 -75.46 4.20 -3.26
CA GLU B 577 -76.59 4.19 -2.34
C GLU B 577 -76.94 5.61 -1.92
N ARG C 91 -70.43 26.00 18.35
CA ARG C 91 -69.52 24.87 18.34
C ARG C 91 -68.50 24.99 17.21
N LYS C 92 -68.86 25.79 16.19
CA LYS C 92 -67.99 25.96 15.04
C LYS C 92 -66.72 26.74 15.36
N VAL C 93 -66.67 27.42 16.50
CA VAL C 93 -65.46 28.14 16.89
C VAL C 93 -64.32 27.16 17.14
N ILE C 94 -64.60 26.07 17.87
CA ILE C 94 -63.60 25.04 18.10
C ILE C 94 -63.18 24.43 16.77
N TRP C 95 -64.14 24.18 15.88
CA TRP C 95 -63.83 23.65 14.56
C TRP C 95 -62.86 24.56 13.82
N ALA C 96 -63.15 25.86 13.78
CA ALA C 96 -62.28 26.79 13.06
C ALA C 96 -60.90 26.85 13.70
N LEU C 97 -60.82 26.88 15.03
CA LEU C 97 -59.53 26.98 15.69
C LEU C 97 -58.68 25.74 15.44
N MET C 98 -59.26 24.54 15.56
CA MET C 98 -58.48 23.33 15.34
C MET C 98 -58.09 23.19 13.88
N VAL C 99 -58.98 23.59 12.96
CA VAL C 99 -58.64 23.55 11.54
C VAL C 99 -57.49 24.51 11.23
N ILE C 100 -57.52 25.70 11.83
CA ILE C 100 -56.45 26.66 11.61
C ILE C 100 -55.13 26.13 12.15
N ILE C 101 -55.16 25.54 13.35
CA ILE C 101 -53.93 25.00 13.93
C ILE C 101 -53.38 23.87 13.06
N GLY C 102 -54.26 22.97 12.62
CA GLY C 102 -53.82 21.88 11.76
C GLY C 102 -53.27 22.38 10.43
N PHE C 103 -53.93 23.39 9.85
CA PHE C 103 -53.45 23.96 8.60
C PHE C 103 -52.08 24.58 8.76
N THR C 104 -51.88 25.35 9.83
CA THR C 104 -50.57 25.96 10.07
C THR C 104 -49.51 24.89 10.26
N ALA C 105 -49.82 23.84 11.02
CA ALA C 105 -48.86 22.76 11.22
C ALA C 105 -48.50 22.08 9.90
N ALA C 106 -49.53 21.75 9.11
CA ALA C 106 -49.29 21.03 7.85
C ALA C 106 -48.51 21.90 6.86
N THR C 107 -48.85 23.18 6.77
CA THR C 107 -48.15 24.03 5.80
C THR C 107 -46.74 24.38 6.27
N LEU C 108 -46.51 24.45 7.59
CA LEU C 108 -45.14 24.61 8.07
C LEU C 108 -44.32 23.36 7.80
N GLN C 109 -44.94 22.19 7.93
CA GLN C 109 -44.26 20.94 7.58
C GLN C 109 -43.92 20.90 6.09
N LEU C 110 -44.88 21.30 5.24
CA LEU C 110 -44.63 21.32 3.80
C LEU C 110 -43.55 22.34 3.44
N SER C 111 -43.55 23.49 4.11
CA SER C 111 -42.51 24.48 3.88
C SER C 111 -41.15 23.95 4.31
N LEU C 112 -41.11 23.21 5.42
CA LEU C 112 -39.86 22.62 5.86
C LEU C 112 -39.35 21.61 4.82
N LEU C 113 -40.25 20.81 4.26
CA LEU C 113 -39.84 19.85 3.25
C LEU C 113 -39.33 20.54 1.99
N VAL C 114 -40.06 21.55 1.50
CA VAL C 114 -39.63 22.22 0.28
C VAL C 114 -38.36 23.01 0.53
N ARG C 115 -38.12 23.46 1.77
CA ARG C 115 -36.85 24.07 2.11
C ARG C 115 -35.73 23.05 2.09
N LYS C 116 -35.97 21.87 2.65
CA LYS C 116 -34.98 20.80 2.60
C LYS C 116 -34.61 20.47 1.16
N TYR C 117 -35.60 20.48 0.27
CA TYR C 117 -35.31 20.29 -1.14
C TYR C 117 -34.56 21.49 -1.73
N LEU C 118 -34.83 22.70 -1.23
CA LEU C 118 -34.23 23.89 -1.79
C LEU C 118 -32.72 23.90 -1.59
N GLN C 119 -32.26 23.44 -0.43
CA GLN C 119 -30.83 23.20 -0.22
C GLN C 119 -30.50 21.87 -0.90
N PHE C 120 -29.95 21.96 -2.11
CA PHE C 120 -29.72 20.77 -2.94
C PHE C 120 -28.55 19.97 -2.35
N GLN C 121 -28.85 19.25 -1.27
CA GLN C 121 -27.86 18.39 -0.65
C GLN C 121 -27.58 17.18 -1.53
N VAL C 122 -26.39 16.60 -1.36
CA VAL C 122 -26.01 15.39 -2.06
C VAL C 122 -25.41 14.43 -1.04
N VAL C 123 -25.46 13.14 -1.38
CA VAL C 123 -24.88 12.08 -0.55
C VAL C 123 -24.10 11.14 -1.46
N GLU C 124 -22.92 10.72 -1.02
CA GLU C 124 -22.11 9.79 -1.78
C GLU C 124 -22.50 8.37 -1.38
N LEU C 125 -22.94 7.58 -2.35
CA LEU C 125 -23.29 6.19 -2.14
C LEU C 125 -22.22 5.32 -2.80
N SER C 126 -21.63 4.42 -2.02
CA SER C 126 -20.60 3.53 -2.52
C SER C 126 -21.18 2.15 -2.78
N GLU C 127 -20.99 1.63 -3.98
CA GLU C 127 -21.41 0.28 -4.30
C GLU C 127 -20.36 -0.39 -5.17
N ILE C 128 -20.20 -1.69 -4.98
CA ILE C 128 -19.22 -2.47 -5.74
C ILE C 128 -19.92 -3.05 -6.95
N LYS C 129 -19.61 -2.52 -8.14
CA LYS C 129 -20.16 -3.00 -9.39
C LYS C 129 -19.20 -4.04 -9.96
N ASP C 130 -19.64 -5.29 -10.03
CA ASP C 130 -18.80 -6.39 -10.50
C ASP C 130 -19.01 -6.72 -11.96
N SER C 131 -19.87 -6.00 -12.67
CA SER C 131 -20.17 -6.29 -14.05
C SER C 131 -19.78 -5.19 -15.02
N MET C 132 -19.55 -3.97 -14.56
CA MET C 132 -19.20 -2.89 -15.47
C MET C 132 -17.79 -3.07 -16.00
N PRO C 133 -17.54 -2.74 -17.26
CA PRO C 133 -16.18 -2.92 -17.80
C PRO C 133 -15.20 -1.95 -17.18
N VAL C 134 -14.03 -2.45 -16.84
CA VAL C 134 -13.01 -1.65 -16.17
C VAL C 134 -12.08 -1.08 -17.23
N GLU C 135 -11.85 0.23 -17.16
CA GLU C 135 -10.99 0.92 -18.10
C GLU C 135 -9.56 0.87 -17.57
N TYR C 136 -8.67 0.23 -18.33
CA TYR C 136 -7.29 0.15 -17.89
C TYR C 136 -6.69 1.54 -17.80
N PRO C 137 -5.93 1.84 -16.76
CA PRO C 137 -5.43 3.21 -16.56
C PRO C 137 -4.41 3.62 -17.59
N SER C 138 -3.95 4.85 -17.46
CA SER C 138 -2.84 5.37 -18.24
C SER C 138 -1.60 5.32 -17.37
N VAL C 139 -0.54 4.73 -17.90
CA VAL C 139 0.67 4.45 -17.12
C VAL C 139 1.80 5.28 -17.69
N THR C 140 2.30 6.24 -16.93
CA THR C 140 3.41 7.08 -17.34
C THR C 140 4.66 6.63 -16.60
N ILE C 141 5.64 6.13 -17.34
CA ILE C 141 6.91 5.74 -16.75
C ILE C 141 7.94 6.81 -17.07
N CYS C 142 8.70 7.20 -16.05
CA CYS C 142 9.72 8.22 -16.16
C CYS C 142 10.98 7.60 -15.59
N ASN C 143 12.14 8.04 -16.04
CA ASN C 143 13.37 7.60 -15.41
C ASN C 143 13.71 8.60 -14.31
N ILE C 144 13.90 8.09 -13.08
CA ILE C 144 14.13 8.97 -11.94
C ILE C 144 15.39 9.80 -12.16
N GLU C 145 16.39 9.22 -12.82
CA GLU C 145 17.54 10.00 -13.27
C GLU C 145 17.23 10.58 -14.64
N PRO C 146 17.07 11.88 -14.77
CA PRO C 146 16.63 12.45 -16.04
C PRO C 146 17.67 12.30 -17.13
N ILE C 147 18.89 12.70 -16.83
CA ILE C 147 19.97 12.61 -17.81
C ILE C 147 20.49 11.18 -17.88
N SER C 148 21.18 10.88 -18.97
CA SER C 148 21.83 9.59 -19.15
C SER C 148 23.33 9.82 -19.23
N LEU C 149 24.08 9.16 -18.35
CA LEU C 149 25.52 9.36 -18.33
C LEU C 149 26.17 8.81 -19.59
N ARG C 150 25.53 7.84 -20.25
CA ARG C 150 26.08 7.30 -21.48
C ARG C 150 26.10 8.35 -22.59
N LYS C 151 24.98 9.04 -22.79
CA LYS C 151 24.93 10.07 -23.82
C LYS C 151 25.86 11.22 -23.48
N ILE C 152 25.99 11.52 -22.19
CA ILE C 152 26.91 12.56 -21.75
C ILE C 152 28.34 12.21 -22.10
N ARG C 153 28.75 10.97 -21.79
CA ARG C 153 30.10 10.53 -22.11
C ARG C 153 30.33 10.52 -23.61
N LYS C 154 29.34 10.06 -24.38
CA LYS C 154 29.44 10.09 -25.83
C LYS C 154 29.66 11.51 -26.33
N ALA C 155 28.93 12.46 -25.75
CA ALA C 155 29.06 13.85 -26.15
C ALA C 155 30.46 14.39 -25.87
N TYR C 156 31.00 14.10 -24.68
CA TYR C 156 32.39 14.53 -24.42
C TYR C 156 33.39 13.87 -25.36
N ASN C 157 33.20 12.59 -25.67
CA ASN C 157 34.11 11.95 -26.63
C ASN C 157 34.03 12.61 -28.00
N LYS C 158 32.88 13.16 -28.36
CA LYS C 158 32.72 13.98 -29.55
C LYS C 158 32.91 15.44 -29.17
N ASN C 159 32.55 16.36 -30.07
CA ASN C 159 32.72 17.78 -29.81
C ASN C 159 31.41 18.55 -29.97
N GLU C 160 30.30 17.94 -29.60
CA GLU C 160 29.01 18.62 -29.59
C GLU C 160 28.51 18.89 -28.18
N SER C 161 29.33 18.63 -27.17
CA SER C 161 28.97 18.91 -25.78
C SER C 161 29.40 20.29 -25.33
N GLN C 162 29.93 21.11 -26.25
CA GLN C 162 30.50 22.40 -25.88
C GLN C 162 29.53 23.23 -25.06
N ASN C 163 28.27 23.30 -25.51
CA ASN C 163 27.27 24.05 -24.76
C ASN C 163 27.22 23.58 -23.31
N LEU C 164 27.08 22.27 -23.11
CA LEU C 164 27.13 21.73 -21.76
C LEU C 164 28.44 22.09 -21.08
N LYS C 165 29.57 21.88 -21.77
CA LYS C 165 30.85 22.26 -21.20
C LYS C 165 30.90 23.74 -20.88
N ASP C 166 30.23 24.56 -21.70
CA ASP C 166 30.10 25.97 -21.36
C ASP C 166 29.18 26.16 -20.17
N TRP C 167 28.02 25.50 -20.19
CA TRP C 167 27.00 25.73 -19.18
C TRP C 167 27.53 25.43 -17.78
N LEU C 168 28.11 24.25 -17.61
CA LEU C 168 28.76 23.94 -16.34
C LEU C 168 29.78 25.02 -16.00
N ASN C 169 30.66 25.33 -16.95
CA ASN C 169 31.69 26.33 -16.70
C ASN C 169 31.08 27.67 -16.32
N PHE C 170 29.84 27.89 -16.71
CA PHE C 170 29.15 29.13 -16.34
C PHE C 170 28.52 29.04 -14.97
N THR C 171 27.75 27.99 -14.73
CA THR C 171 27.04 27.87 -13.46
C THR C 171 27.97 27.66 -12.27
N GLN C 172 29.23 27.32 -12.53
CA GLN C 172 30.16 27.07 -11.43
C GLN C 172 31.23 28.14 -11.32
N THR C 173 31.10 29.22 -12.07
CA THR C 173 32.05 30.32 -11.99
C THR C 173 31.41 31.59 -11.45
N PHE C 174 30.12 31.76 -11.73
CA PHE C 174 29.42 32.94 -11.24
C PHE C 174 28.53 32.59 -10.07
N HIS C 175 28.32 33.53 -9.17
CA HIS C 175 27.45 33.29 -8.03
C HIS C 175 26.01 33.55 -8.41
N PHE C 176 25.12 32.65 -8.03
CA PHE C 176 23.70 32.82 -8.32
C PHE C 176 22.87 32.59 -7.08
N LYS C 177 21.78 33.33 -6.94
CA LYS C 177 20.88 33.08 -5.83
C LYS C 177 20.24 31.73 -6.08
N ASP C 178 19.78 31.07 -5.03
CA ASP C 178 19.23 29.73 -5.20
C ASP C 178 20.26 28.93 -5.95
N MET C 179 21.43 28.95 -5.50
CA MET C 179 22.55 28.25 -6.13
C MET C 179 22.22 26.79 -6.33
N SER C 180 21.40 26.21 -5.46
CA SER C 180 21.01 24.82 -5.59
C SER C 180 20.14 24.59 -6.81
N PHE C 181 19.37 25.60 -7.24
CA PHE C 181 18.51 25.42 -8.41
C PHE C 181 19.35 25.31 -9.69
N MET C 182 20.29 26.23 -9.87
CA MET C 182 21.08 26.20 -11.10
C MET C 182 22.37 25.40 -10.97
N ASN C 183 22.58 24.73 -9.85
CA ASN C 183 23.46 23.58 -9.81
C ASN C 183 22.71 22.29 -10.08
N SER C 184 21.45 22.37 -10.48
CA SER C 184 20.63 21.20 -10.73
C SER C 184 20.48 20.97 -12.23
N ILE C 185 19.69 19.96 -12.58
CA ILE C 185 19.49 19.60 -13.97
C ILE C 185 18.30 20.34 -14.58
N ARG C 186 17.34 20.76 -13.76
CA ARG C 186 16.21 21.53 -14.27
C ARG C 186 16.66 22.83 -14.88
N ALA C 187 17.61 23.52 -14.25
CA ALA C 187 18.14 24.74 -14.83
C ALA C 187 18.88 24.46 -16.13
N PHE C 188 19.58 23.34 -16.19
CA PHE C 188 20.23 22.94 -17.43
C PHE C 188 19.21 22.76 -18.54
N TYR C 189 18.07 22.15 -18.22
CA TYR C 189 16.99 22.03 -19.20
C TYR C 189 16.47 23.39 -19.61
N GLU C 190 16.22 24.26 -18.64
CA GLU C 190 15.56 25.53 -18.94
C GLU C 190 16.45 26.44 -19.78
N ASN C 191 17.72 26.54 -19.44
CA ASN C 191 18.57 27.52 -20.10
C ASN C 191 19.12 27.02 -21.43
N LEU C 192 19.07 25.72 -21.67
CA LEU C 192 19.38 25.16 -22.98
C LEU C 192 18.61 23.86 -23.13
N GLY C 193 17.45 23.94 -23.78
CA GLY C 193 16.53 22.82 -23.88
C GLY C 193 16.95 21.73 -24.83
N SER C 194 17.48 22.10 -26.00
CA SER C 194 17.82 21.12 -27.01
C SER C 194 18.88 20.15 -26.51
N ASP C 195 19.90 20.66 -25.83
CA ASP C 195 20.93 19.77 -25.28
C ASP C 195 20.35 18.88 -24.20
N ALA C 196 19.42 19.40 -23.39
CA ALA C 196 18.77 18.57 -22.38
C ALA C 196 18.00 17.43 -23.04
N LYS C 197 17.29 17.71 -24.14
CA LYS C 197 16.63 16.64 -24.87
C LYS C 197 17.65 15.63 -25.40
N LYS C 198 18.77 16.13 -25.94
CA LYS C 198 19.79 15.24 -26.48
C LYS C 198 20.45 14.40 -25.40
N ILE C 199 20.34 14.80 -24.13
CA ILE C 199 20.99 14.07 -23.04
C ILE C 199 19.99 13.14 -22.37
N SER C 200 18.70 13.47 -22.45
CA SER C 200 17.69 12.71 -21.73
C SER C 200 17.57 11.29 -22.28
N HIS C 201 16.82 10.46 -21.56
CA HIS C 201 16.68 9.06 -21.91
C HIS C 201 15.69 8.84 -23.05
N ASP C 202 15.93 7.80 -23.85
CA ASP C 202 15.04 7.40 -24.93
C ASP C 202 14.36 6.08 -24.57
N LEU C 203 13.09 5.92 -25.00
CA LEU C 203 12.29 4.78 -24.57
C LEU C 203 12.83 3.46 -25.10
N ARG C 204 13.26 3.45 -26.36
CA ARG C 204 14.11 2.38 -26.87
C ARG C 204 15.12 1.92 -25.82
N ASP C 205 15.98 2.83 -25.37
CA ASP C 205 17.02 2.40 -24.45
C ASP C 205 16.46 2.06 -23.09
N LEU C 206 15.34 2.67 -22.74
CA LEU C 206 14.73 2.55 -21.44
C LEU C 206 13.86 1.30 -21.34
N LEU C 207 12.88 1.19 -22.21
CA LEU C 207 11.97 0.05 -22.20
C LEU C 207 12.58 -1.08 -23.02
N ILE C 208 12.85 -2.19 -22.36
CA ILE C 208 13.55 -3.27 -23.04
C ILE C 208 12.58 -4.36 -23.49
N HIS C 209 11.47 -4.53 -22.78
CA HIS C 209 10.46 -5.52 -23.18
C HIS C 209 9.10 -5.09 -22.64
N CYS C 210 8.08 -5.10 -23.48
CA CYS C 210 6.74 -4.71 -23.06
C CYS C 210 5.74 -5.76 -23.48
N ARG C 211 4.74 -5.99 -22.63
CA ARG C 211 3.76 -7.05 -22.89
C ARG C 211 2.46 -6.68 -22.19
N PHE C 212 1.42 -6.41 -22.97
CA PHE C 212 0.14 -5.99 -22.43
C PHE C 212 -0.94 -6.97 -22.86
N ASN C 213 -1.73 -7.44 -21.90
CA ASN C 213 -2.85 -8.35 -22.17
C ASN C 213 -2.38 -9.57 -22.96
N ARG C 214 -1.24 -10.13 -22.57
CA ARG C 214 -0.65 -11.32 -23.17
C ARG C 214 -0.27 -11.10 -24.63
N GLU C 215 -0.24 -9.85 -25.08
CA GLU C 215 0.19 -9.53 -26.44
C GLU C 215 1.39 -8.59 -26.36
N GLU C 216 2.36 -8.83 -27.24
CA GLU C 216 3.57 -8.01 -27.25
C GLU C 216 3.24 -6.58 -27.63
N CYS C 217 3.86 -5.64 -26.93
CA CYS C 217 3.76 -4.22 -27.23
C CYS C 217 5.15 -3.64 -27.36
N THR C 218 5.28 -2.61 -28.17
CA THR C 218 6.56 -2.00 -28.45
C THR C 218 6.55 -0.56 -27.97
N THR C 219 7.61 0.18 -28.31
CA THR C 219 7.68 1.59 -28.00
C THR C 219 6.62 2.41 -28.73
N GLU C 220 5.97 1.84 -29.74
CA GLU C 220 4.94 2.54 -30.48
C GLU C 220 3.65 2.72 -29.69
N ASN C 221 3.53 2.07 -28.54
CA ASN C 221 2.35 2.21 -27.70
C ASN C 221 2.52 3.25 -26.60
N PHE C 222 3.67 3.92 -26.55
CA PHE C 222 3.96 4.93 -25.55
C PHE C 222 4.12 6.27 -26.23
N THR C 223 3.38 7.26 -25.75
CA THR C 223 3.53 8.63 -26.22
C THR C 223 4.54 9.35 -25.34
N SER C 224 5.55 9.94 -25.97
CA SER C 224 6.54 10.67 -25.22
C SER C 224 5.99 12.02 -24.76
N SER C 225 6.55 12.52 -23.67
CA SER C 225 6.24 13.84 -23.16
C SER C 225 7.41 14.29 -22.30
N PHE C 226 7.42 15.56 -21.95
CA PHE C 226 8.54 16.11 -21.21
C PHE C 226 8.09 16.67 -19.87
N ASP C 227 8.97 16.52 -18.89
CA ASP C 227 8.74 16.99 -17.52
C ASP C 227 10.10 17.35 -16.95
N GLY C 228 10.25 18.61 -16.53
CA GLY C 228 11.47 19.01 -15.87
C GLY C 228 11.70 18.19 -14.61
N ASN C 229 12.94 17.77 -14.41
CA ASN C 229 13.50 16.91 -13.35
C ASN C 229 13.09 15.45 -13.57
N TYR C 230 12.21 15.21 -14.53
CA TYR C 230 11.84 13.88 -14.98
C TYR C 230 11.82 13.87 -16.50
N PHE C 231 12.93 14.31 -17.10
CA PHE C 231 12.94 14.86 -18.46
C PHE C 231 11.99 14.16 -19.42
N ASN C 232 12.22 12.88 -19.70
CA ASN C 232 11.40 12.15 -20.64
C ASN C 232 10.45 11.24 -19.90
N CYS C 233 9.15 11.37 -20.19
CA CYS C 233 8.12 10.56 -19.54
C CYS C 233 7.23 9.97 -20.61
N PHE C 234 7.09 8.65 -20.61
CA PHE C 234 6.42 7.93 -21.68
C PHE C 234 5.14 7.32 -21.16
N THR C 235 4.04 7.57 -21.85
CA THR C 235 2.71 7.21 -21.39
C THR C 235 2.14 6.09 -22.24
N PHE C 236 1.93 4.94 -21.62
CA PHE C 236 1.15 3.86 -22.21
C PHE C 236 -0.32 4.09 -21.93
N ASN C 237 -1.16 3.78 -22.92
CA ASN C 237 -2.60 4.01 -22.85
C ASN C 237 -2.89 5.49 -22.56
N GLY C 238 -2.22 6.36 -23.31
CA GLY C 238 -2.35 7.78 -23.13
C GLY C 238 -3.58 8.41 -23.71
N GLY C 239 -4.41 7.62 -24.40
CA GLY C 239 -5.63 8.14 -24.97
C GLY C 239 -5.47 8.85 -26.30
N GLN C 240 -4.28 8.82 -26.89
CA GLN C 240 -4.03 9.48 -28.16
C GLN C 240 -3.84 8.50 -29.32
N LEU C 241 -2.96 7.51 -29.17
CA LEU C 241 -2.72 6.56 -30.25
C LEU C 241 -3.96 5.72 -30.53
N ARG C 242 -4.61 5.22 -29.48
CA ARG C 242 -5.84 4.47 -29.60
C ARG C 242 -6.89 5.12 -28.72
N ASP C 243 -8.15 4.72 -28.91
CA ASP C 243 -9.23 5.38 -28.18
C ASP C 243 -9.09 5.17 -26.67
N GLN C 244 -9.25 3.94 -26.19
CA GLN C 244 -9.06 3.58 -24.79
C GLN C 244 -8.79 2.09 -24.72
N LEU C 245 -8.26 1.66 -23.58
CA LEU C 245 -7.93 0.26 -23.34
C LEU C 245 -8.75 -0.26 -22.18
N GLN C 246 -9.17 -1.52 -22.27
CA GLN C 246 -10.01 -2.13 -21.26
C GLN C 246 -9.40 -3.44 -20.76
N MET C 247 -9.51 -3.65 -19.45
CA MET C 247 -9.23 -4.92 -18.81
C MET C 247 -10.53 -5.71 -18.65
N HIS C 248 -10.56 -6.88 -19.27
CA HIS C 248 -11.58 -7.88 -19.04
C HIS C 248 -11.05 -9.05 -18.22
N ALA C 249 -9.84 -8.94 -17.69
CA ALA C 249 -9.21 -10.03 -16.97
C ALA C 249 -8.26 -9.46 -15.92
N THR C 250 -8.20 -10.12 -14.77
CA THR C 250 -7.40 -9.67 -13.66
C THR C 250 -6.04 -10.36 -13.66
N GLY C 251 -5.24 -10.05 -12.65
CA GLY C 251 -3.99 -10.72 -12.43
C GLY C 251 -2.86 -10.10 -13.22
N PRO C 252 -1.62 -10.38 -12.80
CA PRO C 252 -0.46 -9.81 -13.50
C PRO C 252 -0.24 -10.41 -14.87
N GLU C 253 -0.85 -11.55 -15.18
CA GLU C 253 -0.71 -12.11 -16.51
C GLU C 253 -1.42 -11.27 -17.55
N ASN C 254 -2.63 -10.81 -17.22
CA ASN C 254 -3.43 -9.99 -18.12
C ASN C 254 -3.27 -8.53 -17.67
N GLY C 255 -2.12 -7.97 -18.00
CA GLY C 255 -1.80 -6.61 -17.58
C GLY C 255 -0.49 -6.19 -18.18
N LEU C 256 -0.12 -4.94 -17.90
CA LEU C 256 1.11 -4.41 -18.46
C LEU C 256 2.30 -5.02 -17.74
N SER C 257 3.30 -5.45 -18.52
CA SER C 257 4.55 -5.95 -17.97
C SER C 257 5.67 -5.27 -18.74
N LEU C 258 6.56 -4.60 -18.00
CA LEU C 258 7.62 -3.81 -18.59
C LEU C 258 8.94 -4.23 -17.97
N ILE C 259 9.80 -4.85 -18.76
CA ILE C 259 11.20 -5.00 -18.39
C ILE C 259 11.90 -3.73 -18.86
N ILE C 260 12.34 -2.93 -17.90
CA ILE C 260 12.90 -1.60 -18.14
C ILE C 260 14.33 -1.60 -17.63
N SER C 261 15.24 -1.09 -18.45
CA SER C 261 16.60 -0.84 -18.01
C SER C 261 16.73 0.64 -17.70
N ILE C 262 16.99 0.96 -16.43
CA ILE C 262 17.16 2.35 -16.04
C ILE C 262 18.41 2.97 -16.62
N GLU C 263 19.22 2.19 -17.33
CA GLU C 263 20.40 2.69 -18.02
C GLU C 263 21.33 3.42 -17.07
N LYS C 264 21.42 2.92 -15.85
CA LYS C 264 22.32 3.48 -14.85
C LYS C 264 23.75 3.16 -15.28
N ASP C 265 24.39 4.12 -15.91
CA ASP C 265 25.73 3.94 -16.47
C ASP C 265 26.73 4.66 -15.60
N GLU C 266 27.91 4.06 -15.45
CA GLU C 266 28.92 4.66 -14.61
C GLU C 266 29.38 6.00 -15.20
N PRO C 267 29.65 7.00 -14.37
CA PRO C 267 29.96 8.34 -14.89
C PRO C 267 31.33 8.42 -15.53
N LEU C 268 31.71 9.64 -15.92
CA LEU C 268 33.05 9.87 -16.45
C LEU C 268 34.09 9.60 -15.37
N PRO C 269 35.32 9.28 -15.76
CA PRO C 269 36.33 8.86 -14.77
C PRO C 269 36.54 9.84 -13.62
N GLY C 270 36.48 11.14 -13.88
CA GLY C 270 36.72 12.10 -12.81
C GLY C 270 35.56 13.06 -12.61
N THR C 271 34.35 12.55 -12.70
CA THR C 271 33.15 13.38 -12.66
C THR C 271 32.19 12.85 -11.61
N TYR C 272 31.59 13.77 -10.85
CA TYR C 272 30.55 13.43 -9.90
C TYR C 272 29.43 14.45 -10.00
N GLY C 273 28.20 13.98 -9.85
CA GLY C 273 27.06 14.87 -9.89
C GLY C 273 26.91 15.66 -8.61
N VAL C 274 26.15 16.74 -8.70
CA VAL C 274 25.89 17.62 -7.57
C VAL C 274 24.55 17.26 -6.96
N TYR C 275 24.55 16.89 -5.68
CA TYR C 275 23.31 16.53 -5.01
C TYR C 275 22.53 17.80 -4.70
N ASN C 276 21.39 17.96 -5.36
CA ASN C 276 20.49 19.09 -5.12
C ASN C 276 19.69 18.77 -3.88
N PHE C 277 20.07 19.38 -2.76
CA PHE C 277 19.43 19.06 -1.48
C PHE C 277 18.09 19.74 -1.30
N GLU C 278 17.72 20.66 -2.18
CA GLU C 278 16.37 21.21 -2.21
C GLU C 278 15.45 20.39 -3.11
N ASN C 279 15.77 19.13 -3.33
CA ASN C 279 15.03 18.24 -4.22
C ASN C 279 14.85 16.91 -3.51
N ASN C 280 13.62 16.58 -3.16
CA ASN C 280 13.33 15.42 -2.34
C ASN C 280 13.11 14.14 -3.14
N ILE C 281 13.17 14.19 -4.47
CA ILE C 281 12.81 13.04 -5.27
C ILE C 281 13.90 12.57 -6.21
N LEU C 282 14.88 13.38 -6.56
CA LEU C 282 15.84 12.99 -7.57
C LEU C 282 17.04 12.30 -6.92
N HIS C 283 18.10 12.09 -7.71
CA HIS C 283 19.33 11.44 -7.25
C HIS C 283 19.06 10.03 -6.77
N SER C 284 18.09 9.36 -7.38
CA SER C 284 17.71 8.01 -7.02
C SER C 284 17.66 7.17 -8.29
N ALA C 285 17.92 5.87 -8.14
CA ALA C 285 17.85 4.94 -9.25
C ALA C 285 16.50 4.24 -9.23
N GLY C 286 15.83 4.23 -10.36
CA GLY C 286 14.57 3.54 -10.47
C GLY C 286 13.73 4.15 -11.56
N VAL C 287 12.45 3.79 -11.53
CA VAL C 287 11.47 4.27 -12.49
C VAL C 287 10.33 4.90 -11.71
N ARG C 288 9.95 6.11 -12.09
CA ARG C 288 8.82 6.80 -11.49
C ARG C 288 7.57 6.47 -12.31
N VAL C 289 6.62 5.78 -11.70
CA VAL C 289 5.43 5.29 -12.39
C VAL C 289 4.23 6.08 -11.90
N VAL C 290 3.44 6.58 -12.83
CA VAL C 290 2.18 7.25 -12.53
C VAL C 290 1.07 6.40 -13.12
N VAL C 291 0.22 5.86 -12.27
CA VAL C 291 -0.96 5.13 -12.70
C VAL C 291 -2.13 6.09 -12.51
N HIS C 292 -2.55 6.74 -13.59
CA HIS C 292 -3.54 7.80 -13.50
C HIS C 292 -4.70 7.50 -14.44
N ALA C 293 -5.76 8.28 -14.27
CA ALA C 293 -6.97 8.06 -15.05
C ALA C 293 -6.65 8.15 -16.54
N PRO C 294 -7.24 7.31 -17.36
CA PRO C 294 -6.94 7.36 -18.79
C PRO C 294 -7.31 8.71 -19.39
N GLY C 295 -6.42 9.27 -20.21
CA GLY C 295 -6.66 10.55 -20.84
C GLY C 295 -6.41 11.76 -19.96
N SER C 296 -5.81 11.54 -18.81
CA SER C 296 -5.52 12.62 -17.87
C SER C 296 -4.03 12.86 -17.79
N MET C 297 -3.61 14.12 -17.73
CA MET C 297 -2.18 14.42 -17.68
C MET C 297 -1.54 13.86 -16.43
N PRO C 298 -0.38 13.25 -16.62
CA PRO C 298 0.38 12.66 -15.51
C PRO C 298 1.07 13.71 -14.65
N SER C 299 1.24 13.41 -13.38
CA SER C 299 1.93 14.29 -12.44
C SER C 299 3.05 13.47 -11.83
N PRO C 300 4.14 13.26 -12.55
CA PRO C 300 5.18 12.35 -12.06
C PRO C 300 5.73 12.73 -10.71
N VAL C 301 5.83 14.02 -10.43
CA VAL C 301 6.32 14.45 -9.13
C VAL C 301 5.27 14.19 -8.06
N ASP C 302 4.08 14.79 -8.21
CA ASP C 302 3.10 14.76 -7.14
C ASP C 302 2.44 13.39 -7.01
N HIS C 303 2.10 12.76 -8.13
CA HIS C 303 1.28 11.55 -8.11
C HIS C 303 2.03 10.28 -8.42
N GLY C 304 3.28 10.36 -8.82
CA GLY C 304 4.03 9.17 -9.13
C GLY C 304 4.53 8.45 -7.90
N PHE C 305 4.80 7.16 -8.07
CA PHE C 305 5.45 6.34 -7.07
C PHE C 305 6.67 5.70 -7.71
N ASP C 306 7.76 5.63 -6.99
CA ASP C 306 9.02 5.18 -7.54
C ASP C 306 9.23 3.70 -7.31
N ILE C 307 10.06 3.10 -8.15
CA ILE C 307 10.23 1.65 -8.22
C ILE C 307 11.70 1.33 -8.42
N PRO C 308 12.27 0.40 -7.66
CA PRO C 308 13.72 0.23 -7.64
C PRO C 308 14.18 -0.74 -8.70
N PRO C 309 15.42 -0.61 -9.17
CA PRO C 309 15.97 -1.61 -10.09
C PRO C 309 16.30 -2.90 -9.38
N GLY C 310 16.40 -3.96 -10.16
CA GLY C 310 16.71 -5.27 -9.62
C GLY C 310 15.57 -5.94 -8.91
N TYR C 311 14.35 -5.42 -9.03
CA TYR C 311 13.19 -6.02 -8.41
C TYR C 311 12.04 -6.01 -9.40
N SER C 312 11.35 -7.14 -9.47
CA SER C 312 10.06 -7.20 -10.15
C SER C 312 9.02 -6.65 -9.20
N SER C 313 8.47 -5.48 -9.51
CA SER C 313 7.48 -4.84 -8.67
C SER C 313 6.12 -4.94 -9.35
N SER C 314 5.16 -5.50 -8.64
CA SER C 314 3.81 -5.71 -9.13
C SER C 314 2.90 -4.70 -8.46
N VAL C 315 2.22 -3.91 -9.27
CA VAL C 315 1.29 -2.89 -8.82
C VAL C 315 -0.10 -3.40 -9.17
N GLY C 316 -0.79 -3.93 -8.16
CA GLY C 316 -2.15 -4.36 -8.33
C GLY C 316 -3.09 -3.20 -8.09
N LEU C 317 -4.02 -3.00 -9.00
CA LEU C 317 -4.90 -1.84 -8.97
C LEU C 317 -6.33 -2.25 -8.67
N LYS C 318 -6.98 -1.49 -7.81
CA LYS C 318 -8.42 -1.58 -7.60
C LYS C 318 -9.05 -0.29 -8.10
N ALA C 319 -10.02 -0.42 -9.00
CA ALA C 319 -10.56 0.73 -9.71
C ALA C 319 -11.69 1.37 -8.90
N LEU C 320 -11.60 2.69 -8.72
CA LEU C 320 -12.62 3.48 -8.05
C LEU C 320 -13.19 4.46 -9.05
N LEU C 321 -14.51 4.45 -9.20
CA LEU C 321 -15.20 5.35 -10.11
C LEU C 321 -16.03 6.31 -9.28
N HIS C 322 -15.64 7.58 -9.25
CA HIS C 322 -16.37 8.60 -8.52
C HIS C 322 -17.15 9.44 -9.52
N THR C 323 -18.47 9.29 -9.50
CA THR C 323 -19.35 10.05 -10.38
C THR C 323 -20.03 11.14 -9.57
N ARG C 324 -19.95 12.37 -10.06
CA ARG C 324 -20.51 13.52 -9.36
C ARG C 324 -21.75 14.02 -10.08
N LEU C 325 -22.41 14.97 -9.45
CA LEU C 325 -23.64 15.56 -9.97
C LEU C 325 -23.36 16.95 -10.52
N SER C 326 -23.92 17.23 -11.69
CA SER C 326 -23.80 18.52 -12.32
C SER C 326 -24.80 19.49 -11.67
N GLU C 327 -25.02 20.62 -12.30
CA GLU C 327 -26.02 21.57 -11.81
C GLU C 327 -27.40 20.89 -11.79
N PRO C 328 -28.25 21.21 -10.80
CA PRO C 328 -28.02 22.21 -9.76
C PRO C 328 -27.40 21.64 -8.48
N TYR C 329 -27.24 20.32 -8.42
CA TYR C 329 -26.74 19.69 -7.19
C TYR C 329 -25.27 20.00 -6.98
N GLY C 330 -24.47 19.98 -8.04
CA GLY C 330 -23.07 20.34 -7.94
C GLY C 330 -22.66 21.27 -9.06
N ASN C 331 -21.35 21.34 -9.34
CA ASN C 331 -20.88 22.19 -10.42
C ASN C 331 -19.81 21.51 -11.27
N CYS C 332 -19.72 20.18 -11.23
CA CYS C 332 -18.78 19.48 -12.09
C CYS C 332 -19.17 19.64 -13.56
N THR C 333 -18.17 19.53 -14.43
CA THR C 333 -18.40 19.53 -15.87
C THR C 333 -17.55 18.45 -16.52
N GLU C 334 -18.06 17.95 -17.65
CA GLU C 334 -17.34 16.98 -18.46
C GLU C 334 -16.46 17.67 -19.50
N ASP C 335 -15.63 18.60 -19.03
CA ASP C 335 -14.78 19.39 -19.91
C ASP C 335 -13.45 18.66 -20.11
N SER C 336 -12.48 19.35 -20.71
CA SER C 336 -11.17 18.79 -20.94
C SER C 336 -10.13 19.87 -20.76
N LEU C 337 -9.07 19.56 -20.04
CA LEU C 337 -8.00 20.52 -19.82
C LEU C 337 -7.22 20.75 -21.11
N GLU C 338 -6.55 21.89 -21.20
CA GLU C 338 -5.83 22.25 -22.41
C GLU C 338 -4.34 21.94 -22.32
N GLY C 339 -3.64 22.57 -21.38
CA GLY C 339 -2.21 22.34 -21.25
C GLY C 339 -1.49 22.43 -22.58
N ILE C 340 -0.55 21.49 -22.79
CA ILE C 340 0.00 21.30 -24.12
C ILE C 340 -0.99 20.60 -25.02
N GLN C 341 -1.63 19.55 -24.51
CA GLN C 341 -2.53 18.72 -25.28
C GLN C 341 -3.78 18.44 -24.47
N THR C 342 -4.90 18.21 -25.17
CA THR C 342 -6.18 18.00 -24.51
C THR C 342 -6.13 16.82 -23.54
N TYR C 343 -6.27 17.12 -22.25
CA TYR C 343 -6.26 16.11 -21.21
C TYR C 343 -7.66 15.95 -20.64
N ARG C 344 -7.97 14.74 -20.20
CA ARG C 344 -9.21 14.52 -19.46
C ARG C 344 -9.14 15.28 -18.15
N ASN C 345 -10.24 15.91 -17.77
CA ASN C 345 -10.22 16.83 -16.64
C ASN C 345 -10.04 16.08 -15.33
N THR C 346 -9.06 16.52 -14.55
CA THR C 346 -8.92 16.13 -13.15
C THR C 346 -8.65 17.39 -12.35
N PHE C 347 -9.16 17.41 -11.11
CA PHE C 347 -9.10 18.64 -10.33
C PHE C 347 -7.66 19.07 -10.07
N PHE C 348 -6.79 18.12 -9.69
CA PHE C 348 -5.42 18.47 -9.40
C PHE C 348 -4.69 18.99 -10.63
N ALA C 349 -4.89 18.34 -11.77
CA ALA C 349 -4.23 18.78 -12.99
C ALA C 349 -4.68 20.17 -13.38
N CYS C 350 -5.96 20.46 -13.22
CA CYS C 350 -6.46 21.79 -13.52
C CYS C 350 -5.90 22.82 -12.54
N LEU C 351 -5.75 22.44 -11.28
CA LEU C 351 -5.12 23.34 -10.32
C LEU C 351 -3.69 23.65 -10.74
N GLN C 352 -2.95 22.63 -11.19
CA GLN C 352 -1.59 22.87 -11.66
C GLN C 352 -1.57 23.79 -12.87
N LEU C 353 -2.50 23.59 -13.80
CA LEU C 353 -2.54 24.45 -14.98
C LEU C 353 -2.88 25.89 -14.61
N CYS C 354 -3.83 26.09 -13.69
CA CYS C 354 -4.17 27.46 -13.32
C CYS C 354 -3.07 28.09 -12.48
N LYS C 355 -2.32 27.28 -11.73
CA LYS C 355 -1.11 27.78 -11.07
C LYS C 355 -0.10 28.27 -12.10
N GLN C 356 0.09 27.49 -13.17
CA GLN C 356 1.01 27.89 -14.22
C GLN C 356 0.55 29.17 -14.89
N ARG C 357 -0.75 29.29 -15.13
CA ARG C 357 -1.28 30.52 -15.74
C ARG C 357 -1.12 31.71 -14.82
N ARG C 358 -1.38 31.54 -13.52
CA ARG C 358 -1.17 32.62 -12.57
C ARG C 358 0.29 33.03 -12.52
N LEU C 359 1.19 32.05 -12.60
CA LEU C 359 2.61 32.35 -12.61
C LEU C 359 2.99 33.10 -13.88
N ILE C 360 2.40 32.73 -15.01
CA ILE C 360 2.65 33.43 -16.27
C ILE C 360 2.14 34.86 -16.21
N ARG C 361 1.05 35.09 -15.49
CA ARG C 361 0.52 36.45 -15.40
C ARG C 361 1.32 37.30 -14.43
N GLU C 362 1.57 36.80 -13.22
CA GLU C 362 2.23 37.61 -12.20
C GLU C 362 3.65 37.98 -12.61
N CYS C 363 4.44 36.99 -13.00
CA CYS C 363 5.75 37.22 -13.60
C CYS C 363 5.72 36.74 -15.04
N LYS C 364 6.56 37.34 -15.87
CA LYS C 364 6.44 37.11 -17.31
C LYS C 364 7.18 35.85 -17.73
N CYS C 365 7.35 34.90 -16.81
CA CYS C 365 8.01 33.65 -17.13
C CYS C 365 7.15 32.46 -16.75
N LYS C 366 7.72 31.26 -16.88
CA LYS C 366 6.99 30.01 -16.72
C LYS C 366 7.86 29.03 -15.96
N SER C 367 7.23 28.14 -15.20
CA SER C 367 7.97 27.18 -14.38
C SER C 367 7.99 25.82 -15.03
N SER C 368 9.17 25.19 -15.02
CA SER C 368 9.31 23.83 -15.51
C SER C 368 8.80 22.80 -14.52
N ALA C 369 8.58 23.19 -13.26
CA ALA C 369 7.97 22.28 -12.29
C ALA C 369 6.50 22.03 -12.62
N LEU C 370 5.80 23.07 -13.07
CA LEU C 370 4.39 22.99 -13.41
C LEU C 370 4.21 22.50 -14.84
N PRO C 371 2.99 22.10 -15.20
CA PRO C 371 2.76 21.66 -16.59
C PRO C 371 3.10 22.76 -17.58
N ASP C 372 3.66 22.35 -18.71
CA ASP C 372 4.04 23.29 -19.76
C ASP C 372 2.80 23.86 -20.43
N LEU C 373 2.95 25.07 -20.98
CA LEU C 373 1.81 25.74 -21.59
C LEU C 373 2.11 26.22 -23.00
N SER C 374 3.39 26.51 -23.28
CA SER C 374 3.83 26.95 -24.60
C SER C 374 3.06 28.18 -25.07
N VAL C 375 3.24 29.27 -24.32
CA VAL C 375 2.61 30.54 -24.62
C VAL C 375 3.70 31.51 -25.07
N GLU C 376 3.58 32.02 -26.28
CA GLU C 376 4.53 33.02 -26.76
C GLU C 376 4.20 34.38 -26.16
N ASN C 377 5.24 35.13 -25.79
CA ASN C 377 6.62 34.72 -25.94
C ASN C 377 7.21 34.32 -24.59
N ILE C 378 6.37 33.70 -23.75
CA ILE C 378 6.78 33.36 -22.39
C ILE C 378 7.81 32.24 -22.43
N THR C 379 8.89 32.41 -21.69
CA THR C 379 9.93 31.40 -21.55
C THR C 379 9.95 30.89 -20.11
N PHE C 380 10.90 30.02 -19.82
CA PHE C 380 10.99 29.41 -18.50
C PHE C 380 11.54 30.41 -17.49
N CYS C 381 11.01 30.37 -16.28
CA CYS C 381 11.63 31.08 -15.18
C CYS C 381 12.99 30.48 -14.88
N GLY C 382 13.92 31.32 -14.46
CA GLY C 382 15.28 30.84 -14.30
C GLY C 382 16.04 30.69 -15.59
N VAL C 383 15.60 31.35 -16.65
CA VAL C 383 16.37 31.43 -17.89
C VAL C 383 17.19 32.70 -17.86
N ILE C 384 18.51 32.55 -17.87
CA ILE C 384 19.40 33.69 -18.03
C ILE C 384 19.60 33.87 -19.54
N PRO C 385 18.93 34.85 -20.16
CA PRO C 385 18.93 34.91 -21.62
C PRO C 385 20.30 35.05 -22.24
N ASP C 386 21.22 35.77 -21.59
CA ASP C 386 22.54 36.02 -22.14
C ASP C 386 23.62 35.25 -21.39
N TRP C 387 23.28 34.08 -20.86
CA TRP C 387 24.27 33.33 -20.07
C TRP C 387 25.47 32.94 -20.92
N LYS C 388 25.26 32.65 -22.20
CA LYS C 388 26.40 32.40 -23.08
C LYS C 388 27.28 33.63 -23.20
N ASP C 389 26.66 34.80 -23.31
CA ASP C 389 27.44 36.04 -23.38
C ASP C 389 28.13 36.34 -22.06
N ILE C 390 27.47 36.03 -20.93
CA ILE C 390 28.09 36.25 -19.64
C ILE C 390 29.30 35.35 -19.46
N ARG C 391 29.16 34.07 -19.79
CA ARG C 391 30.28 33.16 -19.69
C ARG C 391 31.41 33.56 -20.62
N ARG C 392 31.08 33.94 -21.85
CA ARG C 392 32.09 34.45 -22.76
C ARG C 392 32.50 35.84 -22.30
N ASN C 393 33.56 35.90 -21.50
CA ASN C 393 33.98 37.14 -20.84
C ASN C 393 34.66 38.07 -21.86
N VAL C 394 33.87 38.46 -22.87
CA VAL C 394 34.39 39.28 -23.96
C VAL C 394 34.83 40.64 -23.43
N THR C 395 34.08 41.20 -22.48
CA THR C 395 34.45 42.42 -21.78
C THR C 395 34.42 42.13 -20.29
N GLY C 396 35.46 42.57 -19.59
CA GLY C 396 35.66 42.14 -18.22
C GLY C 396 34.84 42.83 -17.15
N GLU C 397 33.56 43.06 -17.41
CA GLU C 397 32.68 43.58 -16.37
C GLU C 397 32.09 42.48 -15.50
N TYR C 398 32.36 41.22 -15.82
CA TYR C 398 31.82 40.09 -15.08
C TYR C 398 32.96 39.51 -14.25
N LYS C 399 33.08 39.98 -13.02
CA LYS C 399 34.13 39.52 -12.12
C LYS C 399 33.90 38.06 -11.72
N MET C 400 34.98 37.40 -11.35
CA MET C 400 34.89 36.02 -10.87
C MET C 400 34.00 35.95 -9.64
N ASN C 401 33.15 34.92 -9.59
CA ASN C 401 32.24 34.67 -8.49
C ASN C 401 31.25 35.82 -8.28
N GLN C 402 30.99 36.61 -9.32
CA GLN C 402 30.05 37.72 -9.21
C GLN C 402 28.61 37.20 -9.20
N THR C 403 27.76 37.88 -8.44
CA THR C 403 26.35 37.52 -8.40
C THR C 403 25.69 37.85 -9.74
N ILE C 404 24.78 36.98 -10.15
CA ILE C 404 24.00 37.15 -11.37
C ILE C 404 22.54 37.34 -10.96
N PRO C 405 21.84 38.36 -11.48
CA PRO C 405 20.54 38.75 -10.90
C PRO C 405 19.49 37.64 -10.84
N THR C 406 19.12 37.09 -11.99
CA THR C 406 18.04 36.10 -12.08
C THR C 406 16.77 36.59 -11.39
N ILE C 407 16.23 37.69 -11.91
CA ILE C 407 15.03 38.28 -11.33
C ILE C 407 13.84 37.36 -11.52
N SER C 408 13.70 36.77 -12.71
CA SER C 408 12.53 35.93 -12.99
C SER C 408 12.50 34.71 -12.09
N LEU C 409 13.66 34.12 -11.82
CA LEU C 409 13.71 32.97 -10.92
C LEU C 409 13.24 33.35 -9.52
N ALA C 410 13.68 34.50 -9.02
CA ALA C 410 13.26 34.94 -7.70
C ALA C 410 11.76 35.22 -7.66
N CYS C 411 11.22 35.84 -8.71
CA CYS C 411 9.79 36.10 -8.76
C CYS C 411 8.99 34.81 -8.80
N GLU C 412 9.47 33.83 -9.58
CA GLU C 412 8.81 32.53 -9.62
C GLU C 412 8.86 31.85 -8.26
N ALA C 413 10.00 31.95 -7.57
CA ALA C 413 10.09 31.36 -6.24
C ALA C 413 9.11 32.03 -5.28
N ARG C 414 8.99 33.36 -5.36
CA ARG C 414 8.05 34.08 -4.50
C ARG C 414 6.62 33.64 -4.76
N VAL C 415 6.22 33.61 -6.02
CA VAL C 415 4.84 33.25 -6.34
C VAL C 415 4.56 31.79 -6.00
N GLN C 416 5.53 30.91 -6.25
CA GLN C 416 5.35 29.50 -5.91
C GLN C 416 5.23 29.31 -4.40
N LYS C 417 6.03 30.04 -3.62
CA LYS C 417 5.91 29.97 -2.16
C LYS C 417 4.53 30.44 -1.72
N GLN C 418 4.06 31.56 -2.28
CA GLN C 418 2.76 32.08 -1.90
C GLN C 418 1.64 31.11 -2.28
N LEU C 419 1.77 30.44 -3.41
CA LEU C 419 0.75 29.48 -3.84
C LEU C 419 0.80 28.19 -3.02
N ASN C 420 2.01 27.76 -2.64
CA ASN C 420 2.16 26.52 -1.89
C ASN C 420 1.77 26.68 -0.43
N ASN C 421 1.91 27.88 0.12
CA ASN C 421 1.58 28.12 1.52
C ASN C 421 0.20 28.73 1.70
N ASP C 422 -0.61 28.80 0.65
CA ASP C 422 -1.94 29.38 0.76
C ASP C 422 -2.83 28.79 -0.32
N ARG C 423 -3.95 28.20 0.06
CA ARG C 423 -4.86 27.55 -0.87
C ARG C 423 -5.98 28.46 -1.35
N SER C 424 -5.92 29.76 -1.02
CA SER C 424 -7.01 30.66 -1.42
C SER C 424 -7.08 30.80 -2.94
N TYR C 425 -5.97 30.58 -3.63
CA TYR C 425 -6.00 30.65 -5.10
C TYR C 425 -6.88 29.58 -5.70
N GLU C 426 -7.16 28.49 -4.98
CA GLU C 426 -7.91 27.38 -5.55
C GLU C 426 -9.30 27.79 -5.97
N THR C 427 -9.87 28.82 -5.35
CA THR C 427 -11.19 29.29 -5.70
C THR C 427 -11.17 30.43 -6.71
N GLU C 428 -10.00 30.96 -7.04
CA GLU C 428 -9.92 32.02 -8.05
C GLU C 428 -9.96 31.44 -9.46
N CYS C 429 -8.98 30.61 -9.77
CA CYS C 429 -8.96 29.95 -11.06
C CYS C 429 -10.11 28.97 -11.11
N GLY C 430 -10.84 28.85 -10.00
CA GLY C 430 -11.98 27.98 -9.95
C GLY C 430 -11.77 26.58 -10.48
N CYS C 431 -12.29 26.29 -11.67
CA CYS C 431 -12.21 24.95 -12.24
C CYS C 431 -13.06 24.00 -11.42
N TYR C 432 -13.37 22.83 -11.97
CA TYR C 432 -14.27 21.94 -11.25
C TYR C 432 -13.84 20.49 -11.29
N GLN C 433 -14.30 19.71 -10.33
CA GLN C 433 -14.00 18.30 -10.32
C GLN C 433 -14.62 17.64 -11.54
N PRO C 434 -13.93 16.66 -12.12
CA PRO C 434 -14.56 15.96 -13.24
C PRO C 434 -15.81 15.24 -12.76
N CYS C 435 -17.01 15.43 -13.63
CA CYS C 435 -18.23 14.76 -13.24
C CYS C 435 -18.00 13.26 -13.03
N SER C 436 -17.16 12.66 -13.86
CA SER C 436 -16.79 11.26 -13.71
C SER C 436 -15.28 11.17 -13.63
N GLU C 437 -14.79 10.59 -12.54
CA GLU C 437 -13.36 10.46 -12.28
C GLU C 437 -13.04 9.01 -11.98
N THR C 438 -11.85 8.57 -12.39
CA THR C 438 -11.39 7.23 -12.13
C THR C 438 -10.07 7.30 -11.38
N SER C 439 -10.01 6.67 -10.22
CA SER C 439 -8.81 6.57 -9.41
C SER C 439 -8.51 5.10 -9.16
N TYR C 440 -7.35 4.84 -8.57
CA TYR C 440 -6.91 3.48 -8.36
C TYR C 440 -6.23 3.35 -7.00
N LEU C 441 -6.68 2.39 -6.21
CA LEU C 441 -5.89 1.96 -5.06
C LEU C 441 -4.82 1.00 -5.55
N LYS C 442 -3.56 1.39 -5.42
CA LYS C 442 -2.46 0.57 -5.87
C LYS C 442 -1.79 -0.11 -4.67
N SER C 443 -1.54 -1.40 -4.81
CA SER C 443 -0.75 -2.16 -3.85
C SER C 443 0.51 -2.61 -4.59
N VAL C 444 1.65 -2.11 -4.15
CA VAL C 444 2.93 -2.39 -4.79
C VAL C 444 3.66 -3.42 -3.95
N SER C 445 4.06 -4.51 -4.57
CA SER C 445 4.82 -5.55 -3.90
C SER C 445 5.99 -5.95 -4.78
N LEU C 446 7.18 -5.95 -4.22
CA LEU C 446 8.38 -6.19 -5.01
C LEU C 446 8.98 -7.54 -4.67
N SER C 447 9.78 -8.06 -5.59
CA SER C 447 10.46 -9.32 -5.39
C SER C 447 11.79 -9.28 -6.12
N TYR C 448 12.72 -10.13 -5.68
CA TYR C 448 14.07 -10.13 -6.23
C TYR C 448 14.05 -10.69 -7.64
N TRP C 449 14.40 -9.86 -8.62
CA TRP C 449 14.32 -10.24 -10.01
C TRP C 449 15.52 -9.71 -10.77
N PRO C 450 16.04 -10.47 -11.75
CA PRO C 450 15.63 -11.84 -12.05
C PRO C 450 16.50 -12.86 -11.32
N LEU C 451 16.02 -14.08 -11.16
CA LEU C 451 16.87 -15.13 -10.60
C LEU C 451 18.13 -15.30 -11.44
N GLU C 452 19.22 -15.61 -10.75
CA GLU C 452 20.48 -15.86 -11.42
C GLU C 452 20.38 -17.02 -12.40
N PHE C 453 19.41 -17.91 -12.20
CA PHE C 453 19.17 -19.00 -13.13
C PHE C 453 18.75 -18.50 -14.49
N TYR C 454 17.88 -17.50 -14.53
CA TYR C 454 17.27 -17.05 -15.77
C TYR C 454 17.92 -15.80 -16.35
N GLN C 455 18.99 -15.31 -15.74
CA GLN C 455 19.59 -14.05 -16.20
C GLN C 455 20.20 -14.20 -17.58
N LEU C 456 20.86 -15.33 -17.85
CA LEU C 456 21.46 -15.51 -19.17
C LEU C 456 20.40 -15.60 -20.25
N SER C 457 19.34 -16.38 -20.02
CA SER C 457 18.29 -16.52 -21.01
C SER C 457 17.59 -15.19 -21.23
N ALA C 458 17.48 -14.38 -20.18
CA ALA C 458 16.99 -13.02 -20.37
C ALA C 458 17.91 -12.24 -21.28
N LEU C 459 19.18 -12.08 -20.89
CA LEU C 459 20.09 -11.21 -21.61
C LEU C 459 20.19 -11.60 -23.07
N GLU C 460 20.12 -12.90 -23.37
CA GLU C 460 20.17 -13.33 -24.76
C GLU C 460 19.06 -12.68 -25.57
N ARG C 461 17.82 -12.71 -25.07
CA ARG C 461 16.74 -12.13 -25.85
C ARG C 461 16.82 -10.61 -25.87
N PHE C 462 17.24 -10.00 -24.75
CA PHE C 462 17.32 -8.54 -24.77
C PHE C 462 18.29 -8.07 -25.85
N PHE C 463 19.44 -8.73 -25.97
CA PHE C 463 20.32 -8.45 -27.10
C PHE C 463 19.66 -8.77 -28.43
N SER C 464 19.11 -9.97 -28.57
CA SER C 464 18.62 -10.41 -29.87
C SER C 464 17.53 -9.48 -30.40
N GLN C 465 16.90 -8.71 -29.50
CA GLN C 465 15.84 -7.84 -29.97
C GLN C 465 16.29 -6.38 -30.06
N LYS C 466 17.18 -5.92 -29.15
CA LYS C 466 17.35 -4.48 -29.00
C LYS C 466 18.75 -3.92 -29.18
N ASN C 467 19.81 -4.71 -29.01
CA ASN C 467 21.15 -4.12 -28.97
C ASN C 467 22.05 -4.71 -30.04
N PRO C 468 22.32 -4.01 -31.15
CA PRO C 468 23.31 -4.49 -32.11
C PRO C 468 24.69 -3.86 -31.92
N THR C 469 24.82 -2.88 -31.04
CA THR C 469 26.05 -2.09 -30.95
C THR C 469 26.43 -1.92 -29.48
N ASP C 470 27.38 -1.01 -29.24
CA ASP C 470 27.80 -0.61 -27.90
C ASP C 470 28.35 -1.80 -27.10
N GLN C 471 29.50 -2.32 -27.53
CA GLN C 471 30.20 -3.36 -26.78
C GLN C 471 30.50 -2.92 -25.36
N GLN C 472 30.76 -1.63 -25.16
CA GLN C 472 30.98 -1.08 -23.83
C GLN C 472 29.63 -0.80 -23.17
N HIS C 473 28.82 -2.00 -22.88
CA HIS C 473 27.52 -1.91 -22.24
C HIS C 473 27.40 -2.94 -21.12
N PHE C 474 26.58 -2.64 -20.11
CA PHE C 474 26.46 -3.53 -18.97
C PHE C 474 25.91 -4.90 -19.39
N MET C 475 24.88 -4.90 -20.22
CA MET C 475 24.29 -6.17 -20.65
C MET C 475 25.34 -6.98 -21.39
N LYS C 476 26.19 -6.24 -22.15
CA LYS C 476 27.18 -7.08 -22.81
C LYS C 476 28.22 -7.68 -21.88
N ILE C 477 28.74 -6.88 -20.94
CA ILE C 477 29.70 -7.43 -20.00
C ILE C 477 29.05 -8.50 -19.12
N ALA C 478 27.82 -8.28 -18.68
CA ALA C 478 27.10 -9.30 -17.93
C ALA C 478 26.86 -10.56 -18.75
N GLN C 479 26.47 -10.40 -20.02
CA GLN C 479 26.23 -11.57 -20.86
C GLN C 479 27.50 -12.35 -21.13
N ASP C 480 28.65 -11.68 -21.23
CA ASP C 480 29.91 -12.41 -21.37
C ASP C 480 30.16 -13.33 -20.18
N PHE C 481 30.00 -12.81 -18.97
CA PHE C 481 30.15 -13.61 -17.76
C PHE C 481 29.20 -14.79 -17.74
N LEU C 482 27.92 -14.53 -17.99
CA LEU C 482 26.93 -15.60 -17.91
C LEU C 482 27.16 -16.64 -18.99
N SER C 483 27.55 -16.22 -20.20
CA SER C 483 27.78 -17.18 -21.28
C SER C 483 29.03 -18.00 -21.05
N ARG C 484 30.06 -17.44 -20.43
CA ARG C 484 31.20 -18.28 -20.08
C ARG C 484 30.90 -19.19 -18.90
N LEU C 485 29.93 -18.82 -18.05
CA LEU C 485 29.48 -19.76 -17.02
C LEU C 485 28.72 -20.93 -17.63
N ALA C 486 27.81 -20.65 -18.56
CA ALA C 486 26.94 -21.68 -19.12
C ALA C 486 27.62 -22.51 -20.20
N HIS C 487 28.77 -22.07 -20.71
CA HIS C 487 29.52 -22.81 -21.74
C HIS C 487 30.97 -22.90 -21.31
N PRO C 488 31.27 -23.67 -20.27
CA PRO C 488 32.67 -23.81 -19.86
C PRO C 488 33.55 -24.47 -20.91
N GLN C 489 32.98 -25.40 -21.69
CA GLN C 489 33.72 -26.13 -22.72
C GLN C 489 34.96 -26.82 -22.15
N THR C 506 28.88 -30.77 -10.60
CA THR C 506 29.89 -30.27 -9.69
C THR C 506 29.40 -29.03 -8.96
N SER C 507 30.30 -28.10 -8.69
CA SER C 507 29.92 -26.86 -8.02
C SER C 507 30.66 -25.66 -8.58
N TYR C 508 30.06 -24.49 -8.50
CA TYR C 508 30.69 -23.29 -9.02
C TYR C 508 31.99 -23.01 -8.31
N SER C 509 33.03 -22.69 -9.09
CA SER C 509 34.31 -22.34 -8.48
C SER C 509 34.20 -20.94 -7.90
N LEU C 510 35.17 -20.55 -7.09
CA LEU C 510 35.14 -19.21 -6.52
C LEU C 510 35.06 -18.19 -7.65
N SER C 511 35.89 -18.37 -8.67
CA SER C 511 35.84 -17.46 -9.81
C SER C 511 34.50 -17.55 -10.48
N GLU C 512 34.05 -18.76 -10.77
CA GLU C 512 32.73 -18.94 -11.37
C GLU C 512 31.71 -18.22 -10.52
N LYS C 513 31.84 -18.36 -9.21
CA LYS C 513 30.92 -17.67 -8.31
C LYS C 513 31.09 -16.16 -8.41
N GLU C 514 32.34 -15.69 -8.51
CA GLU C 514 32.57 -14.25 -8.67
C GLU C 514 31.96 -13.74 -9.97
N MET C 515 32.10 -14.49 -11.07
CA MET C 515 31.51 -14.07 -12.33
C MET C 515 30.00 -14.02 -12.25
N ALA C 516 29.39 -15.04 -11.64
CA ALA C 516 27.94 -15.06 -11.49
C ALA C 516 27.46 -13.87 -10.66
N LYS C 517 28.18 -13.59 -9.58
CA LYS C 517 27.79 -12.47 -8.72
C LYS C 517 27.95 -11.14 -9.43
N GLU C 518 29.03 -10.95 -10.19
CA GLU C 518 29.21 -9.67 -10.88
C GLU C 518 28.16 -9.49 -11.96
N ALA C 519 27.81 -10.56 -12.68
CA ALA C 519 26.73 -10.46 -13.65
C ALA C 519 25.41 -10.11 -12.96
N SER C 520 25.12 -10.74 -11.83
CA SER C 520 23.87 -10.47 -11.14
C SER C 520 23.81 -9.04 -10.63
N ASP C 521 24.90 -8.52 -10.07
CA ASP C 521 24.93 -7.12 -9.64
C ASP C 521 24.74 -6.17 -10.80
N LEU C 522 25.40 -6.40 -11.93
CA LEU C 522 25.17 -5.52 -13.08
C LEU C 522 23.71 -5.54 -13.49
N ILE C 523 23.15 -6.73 -13.72
CA ILE C 523 21.79 -6.83 -14.21
C ILE C 523 20.81 -6.20 -13.23
N ARG C 524 21.00 -6.45 -11.94
CA ARG C 524 20.03 -5.98 -10.96
C ARG C 524 20.28 -4.53 -10.58
N GLN C 525 21.41 -3.96 -10.99
CA GLN C 525 21.58 -2.53 -10.85
C GLN C 525 20.91 -1.80 -12.00
N ASN C 526 20.79 -2.46 -13.16
CA ASN C 526 20.26 -1.78 -14.33
C ASN C 526 18.84 -2.17 -14.68
N LEU C 527 18.40 -3.38 -14.38
CA LEU C 527 17.16 -3.91 -14.92
C LEU C 527 16.09 -4.01 -13.84
N LEU C 528 14.84 -3.86 -14.25
CA LEU C 528 13.73 -4.07 -13.34
C LEU C 528 12.50 -4.51 -14.12
N ARG C 529 11.69 -5.38 -13.55
CA ARG C 529 10.41 -5.71 -14.13
C ARG C 529 9.32 -4.98 -13.37
N LEU C 530 8.32 -4.50 -14.09
CA LEU C 530 7.21 -3.77 -13.51
C LEU C 530 5.93 -4.33 -14.11
N ASN C 531 5.13 -4.97 -13.28
CA ASN C 531 3.80 -5.41 -13.68
C ASN C 531 2.79 -4.44 -13.12
N ILE C 532 1.83 -4.04 -13.94
CA ILE C 532 0.73 -3.19 -13.50
C ILE C 532 -0.55 -3.85 -13.96
N TYR C 533 -1.43 -4.16 -13.02
CA TYR C 533 -2.58 -4.99 -13.35
C TYR C 533 -3.73 -4.65 -12.41
N LEU C 534 -4.91 -5.11 -12.80
CA LEU C 534 -6.09 -4.98 -11.97
C LEU C 534 -6.19 -6.22 -11.09
N GLU C 535 -6.20 -6.02 -9.77
CA GLU C 535 -6.41 -7.14 -8.86
C GLU C 535 -7.79 -7.74 -9.05
N ASP C 536 -8.81 -6.88 -9.17
CA ASP C 536 -10.18 -7.34 -9.36
C ASP C 536 -10.87 -6.38 -10.31
N LEU C 537 -11.86 -6.91 -11.04
CA LEU C 537 -12.64 -6.12 -11.98
C LEU C 537 -13.88 -5.52 -11.35
N SER C 538 -14.03 -5.64 -10.04
CA SER C 538 -15.13 -5.03 -9.31
C SER C 538 -14.78 -3.57 -9.06
N VAL C 539 -15.42 -2.67 -9.78
CA VAL C 539 -15.17 -1.24 -9.62
C VAL C 539 -15.97 -0.73 -8.43
N VAL C 540 -15.31 -0.03 -7.51
CA VAL C 540 -15.99 0.59 -6.38
C VAL C 540 -16.45 1.96 -6.84
N GLU C 541 -17.77 2.12 -6.98
CA GLU C 541 -18.34 3.35 -7.53
C GLU C 541 -18.94 4.18 -6.41
N TYR C 542 -18.43 5.39 -6.25
CA TYR C 542 -18.99 6.40 -5.35
C TYR C 542 -19.81 7.34 -6.22
N ARG C 543 -21.13 7.20 -6.16
CA ARG C 543 -22.03 8.01 -6.96
C ARG C 543 -22.68 9.07 -6.08
N GLN C 544 -22.66 10.31 -6.51
CA GLN C 544 -23.34 11.37 -5.79
C GLN C 544 -24.81 11.37 -6.16
N LEU C 545 -25.67 11.29 -5.16
CA LEU C 545 -27.09 11.21 -5.37
C LEU C 545 -27.79 12.34 -4.63
N PRO C 546 -28.90 12.84 -5.17
CA PRO C 546 -29.66 13.88 -4.47
C PRO C 546 -30.16 13.36 -3.14
N ALA C 547 -29.80 14.08 -2.06
CA ALA C 547 -30.24 13.67 -0.74
C ALA C 547 -31.75 13.71 -0.63
N TYR C 548 -32.38 14.73 -1.20
CA TYR C 548 -33.84 14.85 -1.22
C TYR C 548 -34.24 15.04 -2.68
N GLY C 549 -34.51 13.93 -3.34
CA GLY C 549 -34.92 13.97 -4.73
C GLY C 549 -36.28 14.61 -4.90
N LEU C 550 -36.50 15.12 -6.11
CA LEU C 550 -37.77 15.75 -6.40
C LEU C 550 -38.92 14.75 -6.32
N ALA C 551 -38.69 13.53 -6.80
CA ALA C 551 -39.66 12.46 -6.63
C ALA C 551 -39.94 12.22 -5.14
N ASP C 552 -38.90 12.33 -4.31
CA ASP C 552 -39.11 12.21 -2.87
C ASP C 552 -39.96 13.35 -2.33
N LEU C 553 -39.72 14.57 -2.82
CA LEU C 553 -40.55 15.71 -2.41
C LEU C 553 -42.01 15.47 -2.75
N PHE C 554 -42.28 15.02 -3.99
CA PHE C 554 -43.65 14.71 -4.37
C PHE C 554 -44.23 13.59 -3.51
N ALA C 555 -43.45 12.54 -3.26
CA ALA C 555 -43.93 11.44 -2.43
C ALA C 555 -44.22 11.88 -0.99
N ASP C 556 -43.55 12.93 -0.53
CA ASP C 556 -43.72 13.39 0.84
C ASP C 556 -44.70 14.54 1.00
N ILE C 557 -45.07 15.21 -0.09
CA ILE C 557 -46.03 16.30 0.01
C ILE C 557 -47.40 15.94 -0.55
N GLY C 558 -47.48 15.12 -1.60
CA GLY C 558 -48.72 14.99 -2.35
C GLY C 558 -49.90 14.54 -1.50
N GLY C 559 -49.68 13.59 -0.60
CA GLY C 559 -50.77 13.10 0.23
C GLY C 559 -51.42 14.19 1.05
N THR C 560 -50.61 15.04 1.68
CA THR C 560 -51.13 16.21 2.38
C THR C 560 -51.75 17.19 1.40
N LEU C 561 -51.01 17.53 0.35
CA LEU C 561 -51.35 18.66 -0.50
C LEU C 561 -52.69 18.45 -1.21
N GLY C 562 -52.96 17.22 -1.63
CA GLY C 562 -54.20 16.96 -2.35
C GLY C 562 -55.44 17.31 -1.54
N LEU C 563 -55.46 16.95 -0.27
CA LEU C 563 -56.57 17.30 0.61
C LEU C 563 -56.50 18.76 1.07
N TRP C 564 -55.29 19.27 1.30
CA TRP C 564 -55.20 20.56 1.98
C TRP C 564 -55.32 21.77 1.04
N MET C 565 -55.04 21.62 -0.26
CA MET C 565 -55.48 22.66 -1.17
C MET C 565 -56.99 22.74 -1.23
N GLY C 566 -57.65 21.59 -1.20
CA GLY C 566 -59.11 21.58 -1.16
C GLY C 566 -59.65 22.24 0.10
N ILE C 567 -59.03 21.95 1.24
CA ILE C 567 -59.49 22.59 2.47
C ILE C 567 -59.17 24.09 2.47
N SER C 568 -58.09 24.49 1.78
CA SER C 568 -57.85 25.93 1.59
C SER C 568 -58.96 26.56 0.77
N VAL C 569 -59.43 25.87 -0.27
CA VAL C 569 -60.56 26.37 -1.04
C VAL C 569 -61.80 26.47 -0.16
N LEU C 570 -61.99 25.49 0.72
CA LEU C 570 -63.08 25.55 1.70
C LEU C 570 -62.96 26.79 2.58
N THR C 571 -61.75 27.07 3.06
CA THR C 571 -61.55 28.25 3.89
C THR C 571 -61.88 29.52 3.12
N ILE C 572 -61.48 29.59 1.85
CA ILE C 572 -61.80 30.75 1.03
C ILE C 572 -63.31 30.95 0.95
N MET C 573 -64.03 29.87 0.58
CA MET C 573 -65.47 29.97 0.40
C MET C 573 -66.15 30.36 1.71
N GLU C 574 -65.71 29.78 2.83
CA GLU C 574 -66.29 30.12 4.11
C GLU C 574 -65.90 31.53 4.56
N LEU C 575 -64.78 32.05 4.06
CA LEU C 575 -64.28 33.33 4.54
C LEU C 575 -64.97 34.50 3.86
N MET C 576 -64.81 34.66 2.55
CA MET C 576 -65.38 35.87 1.95
C MET C 576 -66.69 35.62 1.21
N GLU C 577 -67.32 34.47 1.41
CA GLU C 577 -68.67 34.26 0.91
C GLU C 577 -69.50 33.48 1.93
N PHE D 1 22.19 -9.65 25.95
CA PHE D 1 21.64 -9.53 24.60
C PHE D 1 22.72 -9.68 23.53
N MET D 2 23.94 -10.01 23.94
CA MET D 2 25.05 -10.17 23.01
C MET D 2 26.15 -10.99 23.65
N ARG D 3 26.55 -12.07 22.99
CA ARG D 3 27.59 -12.94 23.50
C ARG D 3 28.94 -12.61 22.88
N PHE D 4 29.96 -13.38 23.26
CA PHE D 4 31.29 -13.19 22.74
C PHE D 4 31.73 -14.41 22.00
N PHE E 1 12.72 -26.54 -19.82
CA PHE E 1 12.71 -25.27 -19.10
C PHE E 1 14.10 -24.84 -18.65
N MET E 2 15.12 -25.57 -19.08
CA MET E 2 16.50 -25.25 -18.72
C MET E 2 17.46 -25.91 -19.69
N ARG E 3 18.33 -25.12 -20.29
CA ARG E 3 19.30 -25.64 -21.24
C ARG E 3 20.65 -25.88 -20.59
N PHE E 4 21.61 -26.33 -21.39
CA PHE E 4 22.95 -26.58 -20.91
C PHE E 4 23.93 -25.68 -21.60
N PHE F 1 25.44 21.03 -13.02
CA PHE F 1 24.84 19.93 -12.27
C PHE F 1 25.81 18.78 -12.03
N MET F 2 27.07 18.96 -12.41
CA MET F 2 28.09 17.94 -12.23
C MET F 2 29.47 18.55 -12.30
N ARG F 3 30.27 18.32 -11.27
CA ARG F 3 31.62 18.86 -11.21
C ARG F 3 32.65 17.84 -11.67
N PHE F 4 33.91 18.23 -11.63
CA PHE F 4 35.00 17.36 -12.02
C PHE F 4 35.90 17.09 -10.85
#